data_5AB0
#
_entry.id   5AB0
#
_cell.length_a   75.350
_cell.length_b   134.420
_cell.length_c   129.000
_cell.angle_alpha   90.00
_cell.angle_beta   90.49
_cell.angle_gamma   90.00
#
_symmetry.space_group_name_H-M   'P 1 21 1'
#
loop_
_entity.id
_entity.type
_entity.pdbx_description
1 polymer 'ENDOPLASMATIC RETICULUM AMINOPEPTIDASE 2'
2 polymer DG025
3 branched 2-acetamido-2-deoxy-beta-D-glucopyranose-(1-4)-2-acetamido-2-deoxy-beta-D-glucopyranose
4 branched beta-D-mannopyranose-(1-4)-2-acetamido-2-deoxy-beta-D-glucopyranose-(1-4)-2-acetamido-2-deoxy-beta-D-glucopyranose
5 branched beta-D-mannopyranose-(1-4)-[beta-D-mannopyranose-(1-6)]beta-D-mannopyranose-(1-4)-2-acetamido-2-deoxy-beta-D-glucopyranose-(1-4)-2-acetamido-2-deoxy-beta-D-glucopyranose
6 non-polymer 'ZINC ION'
7 non-polymer 2-acetamido-2-deoxy-beta-D-glucopyranose
8 non-polymer 1,2-ETHANEDIOL
9 non-polymer '2-(N-MORPHOLINO)-ETHANESULFONIC ACID'
10 water water
#
loop_
_entity_poly.entity_id
_entity_poly.type
_entity_poly.pdbx_seq_one_letter_code
_entity_poly.pdbx_strand_id
1 'polypeptide(L)'
;MFHSSAMVNSHRKPMFNIHRGFYCLTAILPQICICSQFSVPSSYHFTEDPGAFPVATNGERFPWQELRLPSVVIPLHYDL
FVHPNLTSLDFVASEKIEVLVSNATQFIILHSKDLEITNATLQSEEDSRYMKPGKELKVLSYPAHEQIALLVPEKLTPHL
KYYVAMDFQAKLGDGFEGFYKSTYRTLGGETRILAVTDFEPTQARMAFPCFDEPLFKANFSIKIRRESRHIALSNMPKVK
TIELEGGLLEDHFETTVKMSTYLVAYIVCDFHSLSGFTSSGVKVSIYASPDKRNQTHYALQASLKLLDFYEKYFDIYYPL
SKLDLIAIPDFAPGAMENWGLITYRETSLLFDPKTSSASDKLWVTRVIAHELAHQWFGNLVTMEWWNDIWLNEGFAKYME
LIAVNATYPELQFDDYFLNVCFEVITKDSLNSSRPISKPAETPTQIQEMFDEVSYNKGACILNMLKDFLGEEKFQKGIIQ
YLKKFSYRNAKNDDLWSSLSNSCLESDFTSGGVCHSDPKMTSNMLAFLGENAEVKEMMTTWTLQKGIPLLVVKQDGCSLR
LQQERFLQGVFQEDPEWRALQERYLWHIPLTYSTSSSNVIHRHILKSKTDTLDLPEKTSWVKFNVDSNGYYIVHYEGHGW
DQLITQLNQNHTLLRPKDRVGLIHDVFQLVGAGRLTLDKALDMTYYLQHETSSPALLEGLSYLESFYHMMDRRNISDISE
NLKRYLLQYFKPVIDRQSWSDKGSVWDRMLRSALLKLACDLNHAPCIQKAAELFSQWMESSGKLNIPTDVLKIVYSVGAQ
TTAGWNYLLEQYELSMSSAEQNKILYALSTSKHQEKLLKLIELGMEGKVIKTQNLAALLHAIARRPKGQQLAWDFVRENW
THLLKKFDLGSYDIRMIISGTTAHFSSKDKLQEVKLFFESLEAQGSHLDIFQTVLETITKNIKWLEKNLPTLRTWLMVNT
RHHHHHH
;
A,C
2 'polypeptide(L)' (2X0)(7GA)KHHAFSF(LYN) E,F
#
# COMPACT_ATOMS: atom_id res chain seq x y z
N PRO A 54 -43.33 -10.85 18.97
CA PRO A 54 -42.76 -9.77 18.14
C PRO A 54 -41.62 -9.08 18.89
N VAL A 55 -40.65 -9.87 19.38
CA VAL A 55 -39.89 -9.49 20.56
C VAL A 55 -38.44 -10.00 20.67
N ALA A 56 -37.53 -9.12 21.08
CA ALA A 56 -36.09 -9.41 21.26
C ALA A 56 -35.54 -8.35 22.24
N THR A 57 -34.27 -8.36 22.69
CA THR A 57 -33.30 -9.41 22.52
C THR A 57 -33.12 -10.27 23.73
N ASN A 58 -33.04 -9.64 24.90
CA ASN A 58 -32.90 -10.36 26.15
CA ASN A 58 -32.91 -10.46 26.09
C ASN A 58 -34.26 -10.78 26.70
N GLY A 59 -35.12 -11.34 25.87
CA GLY A 59 -36.47 -11.61 26.32
C GLY A 59 -37.11 -10.24 26.37
N GLU A 60 -38.17 -10.08 27.16
CA GLU A 60 -38.80 -8.79 27.39
C GLU A 60 -39.44 -8.29 26.09
N ARG A 61 -40.72 -7.96 26.16
CA ARG A 61 -41.46 -7.58 24.97
C ARG A 61 -41.01 -6.23 24.39
N PHE A 62 -40.81 -6.18 23.08
CA PHE A 62 -40.52 -4.92 22.42
C PHE A 62 -41.84 -4.20 22.14
N PRO A 63 -42.02 -3.03 22.77
CA PRO A 63 -43.29 -2.28 22.83
C PRO A 63 -43.89 -1.92 21.48
N TRP A 64 -43.22 -2.27 20.40
CA TRP A 64 -43.60 -1.75 19.09
C TRP A 64 -43.27 -2.72 17.96
N GLN A 65 -44.15 -2.82 16.98
CA GLN A 65 -44.03 -3.88 15.97
C GLN A 65 -43.65 -3.41 14.57
N GLU A 66 -44.00 -2.17 14.24
CA GLU A 66 -43.84 -1.67 12.87
C GLU A 66 -42.42 -1.19 12.54
N LEU A 67 -41.94 -1.48 11.32
CA LEU A 67 -40.61 -0.99 10.94
C LEU A 67 -40.67 0.54 10.79
N ARG A 68 -41.78 1.07 10.32
CA ARG A 68 -42.01 2.51 10.42
C ARG A 68 -42.12 2.92 11.90
N LEU A 69 -41.51 4.05 12.27
CA LEU A 69 -41.48 4.48 13.67
C LEU A 69 -42.83 5.02 14.10
N PRO A 70 -43.05 5.14 15.42
CA PRO A 70 -44.28 5.81 15.80
C PRO A 70 -44.21 7.27 15.43
N SER A 71 -45.34 7.96 15.47
CA SER A 71 -45.35 9.39 15.20
C SER A 71 -45.56 10.19 16.49
N VAL A 72 -45.51 9.48 17.61
CA VAL A 72 -45.92 10.03 18.89
C VAL A 72 -44.93 11.07 19.38
N VAL A 73 -43.65 10.71 19.30
CA VAL A 73 -42.58 11.60 19.68
C VAL A 73 -41.96 12.23 18.44
N ILE A 74 -41.86 13.55 18.46
CA ILE A 74 -41.37 14.32 17.33
C ILE A 74 -40.09 15.00 17.72
N PRO A 75 -38.98 14.67 17.03
CA PRO A 75 -37.67 15.29 17.25
C PRO A 75 -37.71 16.72 16.79
N LEU A 76 -36.93 17.57 17.43
CA LEU A 76 -36.93 18.97 17.03
C LEU A 76 -35.51 19.44 16.82
N HIS A 77 -34.63 18.85 17.59
CA HIS A 77 -33.29 19.37 17.69
C HIS A 77 -32.36 18.33 18.28
N TYR A 78 -31.21 18.15 17.66
CA TYR A 78 -30.20 17.24 18.19
C TYR A 78 -28.97 18.04 18.58
N ASP A 79 -28.48 17.85 19.80
CA ASP A 79 -27.10 18.24 20.08
C ASP A 79 -26.29 16.99 19.84
N LEU A 80 -25.33 17.06 18.94
CA LEU A 80 -24.57 15.89 18.58
C LEU A 80 -23.09 16.16 18.73
N PHE A 81 -22.45 15.39 19.60
CA PHE A 81 -21.02 15.49 19.80
C PHE A 81 -20.39 14.15 19.41
N VAL A 82 -19.30 14.23 18.63
CA VAL A 82 -18.62 13.05 18.11
C VAL A 82 -17.13 13.20 18.32
N HIS A 83 -16.50 12.15 18.85
CA HIS A 83 -15.07 12.17 19.18
C HIS A 83 -14.40 10.98 18.53
N PRO A 84 -14.00 11.12 17.26
CA PRO A 84 -13.36 9.97 16.62
C PRO A 84 -11.86 9.97 16.86
N ASN A 85 -11.28 8.77 16.95
CA ASN A 85 -9.84 8.65 16.97
C ASN A 85 -9.40 7.90 15.73
N LEU A 86 -8.53 8.52 14.95
CA LEU A 86 -8.14 7.95 13.67
C LEU A 86 -6.87 7.12 13.80
N THR A 87 -6.41 6.92 15.03
CA THR A 87 -5.33 5.96 15.29
C THR A 87 -5.90 4.62 15.72
N SER A 88 -6.87 4.66 16.63
CA SER A 88 -7.57 3.47 17.08
C SER A 88 -8.82 3.14 16.28
N LEU A 89 -9.09 3.93 15.24
CA LEU A 89 -10.18 3.68 14.29
C LEU A 89 -11.52 3.39 14.97
N ASP A 90 -11.82 4.18 15.99
CA ASP A 90 -13.07 4.06 16.71
C ASP A 90 -13.63 5.45 17.03
N PHE A 91 -14.81 5.50 17.64
CA PHE A 91 -15.32 6.76 18.13
C PHE A 91 -16.19 6.60 19.35
N VAL A 92 -16.18 7.65 20.15
CA VAL A 92 -17.04 7.87 21.30
C VAL A 92 -17.96 9.07 20.93
N ALA A 93 -19.22 9.03 21.35
CA ALA A 93 -20.14 10.12 21.03
C ALA A 93 -21.24 10.29 22.07
N SER A 94 -21.99 11.38 21.94
CA SER A 94 -23.14 11.60 22.80
C SER A 94 -24.12 12.52 22.12
N GLU A 95 -25.39 12.39 22.48
CA GLU A 95 -26.38 13.26 21.88
C GLU A 95 -27.44 13.67 22.88
N LYS A 96 -28.11 14.77 22.59
CA LYS A 96 -29.27 15.20 23.35
C LYS A 96 -30.34 15.53 22.32
N ILE A 97 -31.50 14.89 22.40
CA ILE A 97 -32.56 15.13 21.42
C ILE A 97 -33.77 15.82 22.02
N GLU A 98 -34.02 17.05 21.62
CA GLU A 98 -35.24 17.69 22.07
C GLU A 98 -36.42 17.11 21.29
N VAL A 99 -37.31 16.45 22.01
CA VAL A 99 -38.50 15.85 21.45
C VAL A 99 -39.77 16.53 21.99
N LEU A 100 -40.79 16.56 21.15
CA LEU A 100 -42.12 16.96 21.55
C LEU A 100 -42.97 15.70 21.63
N VAL A 101 -43.75 15.56 22.69
CA VAL A 101 -44.57 14.37 22.85
C VAL A 101 -46.02 14.70 22.57
N SER A 102 -46.58 14.06 21.53
CA SER A 102 -47.90 14.41 21.03
C SER A 102 -49.00 13.66 21.75
N ASN A 103 -48.74 12.40 22.04
CA ASN A 103 -49.69 11.56 22.75
C ASN A 103 -48.97 10.90 23.90
N ALA A 104 -49.67 10.61 24.98
CA ALA A 104 -49.04 10.01 26.14
C ALA A 104 -48.36 8.69 25.76
N THR A 105 -47.13 8.47 26.23
CA THR A 105 -46.46 7.20 25.97
C THR A 105 -45.62 6.74 27.13
N GLN A 106 -45.34 5.44 27.14
CA GLN A 106 -44.48 4.81 28.10
C GLN A 106 -43.11 4.57 27.50
N PHE A 107 -43.05 4.69 26.16
CA PHE A 107 -41.82 4.34 25.44
C PHE A 107 -41.50 5.29 24.31
N ILE A 108 -40.22 5.35 23.97
CA ILE A 108 -39.75 6.10 22.83
C ILE A 108 -39.11 5.10 21.89
N ILE A 109 -39.56 5.07 20.64
CA ILE A 109 -38.93 4.19 19.67
C ILE A 109 -38.08 5.02 18.70
N LEU A 110 -36.82 4.65 18.55
CA LEU A 110 -36.03 5.26 17.48
C LEU A 110 -35.02 4.25 16.86
N HIS A 111 -34.29 4.69 15.84
CA HIS A 111 -33.37 3.79 15.15
C HIS A 111 -31.99 3.78 15.76
N SER A 112 -31.34 2.63 15.70
CA SER A 112 -29.97 2.51 16.13
C SER A 112 -29.45 1.17 15.64
N LYS A 113 -28.29 1.16 15.00
CA LYS A 113 -27.75 -0.08 14.48
C LYS A 113 -26.24 -0.12 14.63
N ASP A 114 -25.74 -1.24 15.17
CA ASP A 114 -24.31 -1.45 15.38
C ASP A 114 -23.70 -0.44 16.34
N LEU A 115 -24.54 0.22 17.13
CA LEU A 115 -24.06 1.16 18.14
C LEU A 115 -24.24 0.61 19.54
N GLU A 116 -23.19 0.69 20.34
CA GLU A 116 -23.25 0.33 21.73
C GLU A 116 -23.66 1.54 22.56
N ILE A 117 -24.93 1.56 22.97
CA ILE A 117 -25.48 2.61 23.83
C ILE A 117 -25.18 2.31 25.28
N THR A 118 -24.58 3.27 25.97
CA THR A 118 -24.00 3.05 27.29
C THR A 118 -24.63 3.88 28.42
N ASN A 119 -25.38 4.91 28.04
CA ASN A 119 -25.94 5.85 28.99
C ASN A 119 -27.21 6.43 28.40
N ALA A 120 -28.31 6.47 29.14
CA ALA A 120 -29.52 7.05 28.57
C ALA A 120 -30.38 7.71 29.64
N THR A 121 -30.77 8.96 29.40
CA THR A 121 -31.50 9.75 30.41
C THR A 121 -32.56 10.62 29.77
N LEU A 122 -33.65 10.80 30.48
CA LEU A 122 -34.68 11.73 30.04
C LEU A 122 -34.67 12.94 30.96
N GLN A 123 -34.76 14.13 30.37
CA GLN A 123 -34.89 15.38 31.13
C GLN A 123 -36.02 16.23 30.57
N SER A 124 -36.48 17.20 31.37
CA SER A 124 -37.49 18.16 30.89
C SER A 124 -37.54 19.41 31.74
N GLU A 125 -37.81 20.53 31.07
CA GLU A 125 -37.97 21.81 31.73
C GLU A 125 -39.44 22.16 31.82
N GLU A 126 -40.29 21.33 31.21
CA GLU A 126 -41.73 21.55 31.23
C GLU A 126 -42.40 20.54 32.14
N ASP A 127 -41.74 19.41 32.32
CA ASP A 127 -42.25 18.30 33.12
C ASP A 127 -41.34 18.04 34.32
N SER A 128 -41.67 18.62 35.46
CA SER A 128 -40.79 18.63 36.62
C SER A 128 -40.40 17.24 37.12
N ARG A 129 -41.18 16.22 36.75
CA ARG A 129 -40.82 14.86 37.10
C ARG A 129 -39.47 14.50 36.49
N TYR A 130 -39.11 15.16 35.39
CA TYR A 130 -37.86 14.85 34.70
C TYR A 130 -36.89 16.02 34.81
N MET A 131 -37.08 16.86 35.82
CA MET A 131 -36.22 18.01 36.06
C MET A 131 -34.79 17.53 36.29
N LYS A 132 -33.84 18.26 35.73
CA LYS A 132 -32.42 17.95 35.82
C LYS A 132 -32.07 17.42 37.20
N PRO A 133 -31.31 16.30 37.26
CA PRO A 133 -30.73 15.61 36.09
C PRO A 133 -31.49 14.36 35.65
N GLY A 134 -32.23 13.71 36.53
CA GLY A 134 -32.80 12.38 36.27
C GLY A 134 -33.79 12.48 35.15
N LYS A 135 -34.24 11.34 34.60
CA LYS A 135 -33.96 10.02 35.13
C LYS A 135 -33.43 9.08 34.07
N GLU A 136 -32.85 7.95 34.48
CA GLU A 136 -32.35 6.94 33.54
C GLU A 136 -33.46 6.36 32.70
N LEU A 137 -33.18 6.14 31.42
CA LEU A 137 -34.10 5.41 30.56
C LEU A 137 -33.68 3.95 30.51
N LYS A 138 -34.65 3.05 30.44
CA LYS A 138 -34.35 1.65 30.19
C LYS A 138 -34.26 1.47 28.67
N VAL A 139 -33.18 0.82 28.23
CA VAL A 139 -32.91 0.66 26.79
C VAL A 139 -33.07 -0.79 26.32
N LEU A 140 -33.97 -0.97 25.36
CA LEU A 140 -34.24 -2.26 24.72
C LEU A 140 -33.95 -2.24 23.22
N SER A 141 -33.14 -3.18 22.75
CA SER A 141 -32.71 -3.20 21.35
C SER A 141 -33.30 -4.35 20.52
N TYR A 142 -33.90 -4.03 19.38
CA TYR A 142 -34.57 -5.01 18.50
C TYR A 142 -34.01 -4.91 17.10
N PRO A 143 -32.83 -5.53 16.85
CA PRO A 143 -32.06 -5.32 15.62
C PRO A 143 -32.79 -5.58 14.32
N ALA A 144 -33.87 -6.35 14.35
CA ALA A 144 -34.49 -6.79 13.11
C ALA A 144 -35.27 -5.65 12.48
N HIS A 145 -35.61 -4.65 13.27
CA HIS A 145 -36.24 -3.44 12.76
C HIS A 145 -35.26 -2.28 12.89
N GLU A 146 -34.05 -2.63 13.31
CA GLU A 146 -32.96 -1.67 13.50
C GLU A 146 -33.46 -0.55 14.43
N GLN A 147 -34.25 -0.98 15.42
CA GLN A 147 -34.85 -0.10 16.40
C GLN A 147 -34.28 -0.33 17.80
N ILE A 148 -34.46 0.67 18.66
CA ILE A 148 -34.28 0.50 20.08
C ILE A 148 -35.47 1.08 20.78
N ALA A 149 -35.72 0.64 22.01
CA ALA A 149 -36.81 1.23 22.79
C ALA A 149 -36.26 1.87 24.06
N LEU A 150 -36.56 3.15 24.23
CA LEU A 150 -36.28 3.83 25.49
C LEU A 150 -37.52 3.73 26.38
N LEU A 151 -37.38 3.06 27.51
CA LEU A 151 -38.50 2.88 28.43
C LEU A 151 -38.51 3.96 29.54
N VAL A 152 -39.61 4.68 29.60
CA VAL A 152 -39.76 5.80 30.49
C VAL A 152 -40.41 5.35 31.81
N PRO A 153 -39.91 5.86 32.95
CA PRO A 153 -40.50 5.56 34.26
C PRO A 153 -41.96 6.02 34.37
N GLU A 154 -42.26 7.24 33.93
CA GLU A 154 -43.63 7.76 34.02
C GLU A 154 -44.20 8.27 32.68
N LYS A 155 -45.35 7.72 32.27
CA LYS A 155 -46.00 8.13 31.03
C LYS A 155 -45.81 9.61 30.69
N LEU A 156 -45.21 9.86 29.54
CA LEU A 156 -44.89 11.23 29.15
C LEU A 156 -46.15 12.04 28.90
N THR A 157 -46.04 13.35 29.07
CA THR A 157 -47.17 14.25 28.95
C THR A 157 -47.28 14.81 27.57
N PRO A 158 -48.47 14.73 26.96
CA PRO A 158 -48.77 15.39 25.68
C PRO A 158 -48.39 16.87 25.70
N HIS A 159 -47.84 17.34 24.59
CA HIS A 159 -47.51 18.76 24.38
C HIS A 159 -46.37 19.26 25.25
N LEU A 160 -45.70 18.35 25.92
CA LEU A 160 -44.52 18.71 26.67
C LEU A 160 -43.25 18.29 25.92
N LYS A 161 -42.25 19.17 25.92
CA LYS A 161 -40.96 18.86 25.34
C LYS A 161 -40.07 18.13 26.34
N TYR A 162 -39.28 17.19 25.87
CA TYR A 162 -38.35 16.48 26.73
C TYR A 162 -37.00 16.44 26.07
N TYR A 163 -35.98 16.06 26.83
CA TYR A 163 -34.65 15.91 26.28
C TYR A 163 -34.13 14.50 26.45
N VAL A 164 -33.88 13.82 25.33
CA VAL A 164 -33.31 12.48 25.38
C VAL A 164 -31.81 12.54 25.19
N ALA A 165 -31.09 11.99 26.17
CA ALA A 165 -29.66 12.06 26.18
C ALA A 165 -29.07 10.67 26.19
N MET A 166 -28.02 10.46 25.39
CA MET A 166 -27.47 9.13 25.19
C MET A 166 -25.96 9.16 24.94
N ASP A 167 -25.22 8.21 25.49
CA ASP A 167 -23.81 8.03 25.13
C ASP A 167 -23.65 6.76 24.29
N PHE A 168 -22.82 6.82 23.26
CA PHE A 168 -22.68 5.65 22.42
C PHE A 168 -21.31 5.63 21.79
N GLN A 169 -20.95 4.46 21.26
CA GLN A 169 -19.63 4.24 20.71
C GLN A 169 -19.60 3.03 19.78
N ALA A 170 -18.65 3.07 18.86
CA ALA A 170 -18.43 1.95 17.96
C ALA A 170 -17.08 2.13 17.28
N LYS A 171 -16.65 1.11 16.56
CA LYS A 171 -15.50 1.25 15.67
C LYS A 171 -15.96 2.02 14.42
N LEU A 172 -15.06 2.77 13.80
CA LEU A 172 -15.34 3.34 12.49
C LEU A 172 -15.63 2.21 11.53
N GLY A 173 -16.71 2.33 10.74
CA GLY A 173 -17.04 1.33 9.76
C GLY A 173 -15.88 1.04 8.82
N ASP A 174 -15.88 -0.15 8.24
CA ASP A 174 -14.88 -0.49 7.25
C ASP A 174 -15.59 -0.93 6.00
N GLY A 175 -16.62 -0.18 5.62
CA GLY A 175 -17.38 -0.56 4.46
C GLY A 175 -18.30 0.48 3.90
N PHE A 176 -17.79 1.66 3.54
CA PHE A 176 -18.56 2.53 2.66
C PHE A 176 -19.81 3.16 3.27
N GLU A 177 -20.20 2.81 4.49
CA GLU A 177 -21.43 3.39 5.00
C GLU A 177 -21.35 3.71 6.48
N GLY A 178 -22.25 4.58 6.93
CA GLY A 178 -22.26 5.04 8.30
C GLY A 178 -21.11 6.01 8.46
N PHE A 179 -20.53 6.04 9.65
CA PHE A 179 -19.33 6.82 9.89
C PHE A 179 -18.18 5.86 9.67
N TYR A 180 -17.39 6.05 8.62
CA TYR A 180 -16.44 5.02 8.25
C TYR A 180 -15.07 5.54 7.86
N LYS A 181 -14.10 4.63 7.93
CA LYS A 181 -12.69 4.88 7.64
C LYS A 181 -12.36 4.81 6.15
N SER A 182 -11.47 5.69 5.71
CA SER A 182 -11.09 5.76 4.30
C SER A 182 -9.64 6.20 4.23
N THR A 183 -8.95 5.87 3.15
CA THR A 183 -7.52 6.12 3.08
C THR A 183 -7.12 6.70 1.76
N TYR A 184 -6.01 7.40 1.70
CA TYR A 184 -5.54 7.84 0.41
C TYR A 184 -4.03 7.87 0.39
N ARG A 185 -3.48 8.00 -0.81
CA ARG A 185 -2.04 7.96 -1.07
C ARG A 185 -1.50 9.36 -1.42
N THR A 186 -0.36 9.73 -0.88
CA THR A 186 0.20 11.04 -1.21
C THR A 186 1.16 10.89 -2.38
N LEU A 187 1.70 12.00 -2.82
CA LEU A 187 2.68 11.98 -3.92
C LEU A 187 3.98 11.36 -3.45
N GLY A 188 4.24 11.47 -2.15
CA GLY A 188 5.43 10.91 -1.53
C GLY A 188 5.32 9.41 -1.37
N GLY A 189 4.10 8.90 -1.33
CA GLY A 189 3.89 7.47 -1.20
C GLY A 189 3.36 7.20 0.18
N GLU A 190 3.00 8.25 0.87
CA GLU A 190 2.45 8.10 2.20
C GLU A 190 0.99 7.67 2.11
N THR A 191 0.47 7.15 3.20
CA THR A 191 -0.89 6.67 3.28
C THR A 191 -1.56 7.40 4.42
N ARG A 192 -2.62 8.16 4.13
CA ARG A 192 -3.30 8.85 5.22
C ARG A 192 -4.72 8.35 5.43
N ILE A 193 -5.28 8.68 6.58
CA ILE A 193 -6.62 8.22 6.92
C ILE A 193 -7.58 9.39 7.07
N LEU A 194 -8.83 9.17 6.68
CA LEU A 194 -9.88 10.11 7.04
C LEU A 194 -11.05 9.31 7.53
N ALA A 195 -11.94 9.99 8.25
CA ALA A 195 -13.22 9.42 8.63
C ALA A 195 -14.31 10.25 8.00
N VAL A 196 -15.25 9.58 7.34
CA VAL A 196 -16.30 10.27 6.62
C VAL A 196 -17.66 9.59 6.84
N THR A 197 -18.72 10.35 6.70
CA THR A 197 -20.08 9.84 6.81
C THR A 197 -20.74 9.65 5.46
N ASP A 198 -21.62 8.65 5.37
CA ASP A 198 -22.55 8.49 4.25
C ASP A 198 -23.79 7.75 4.73
N PHE A 199 -24.91 8.44 4.70
CA PHE A 199 -26.06 7.97 5.44
C PHE A 199 -27.25 7.56 4.60
N GLU A 200 -27.36 8.07 3.38
CA GLU A 200 -28.56 7.82 2.60
C GLU A 200 -28.55 6.37 2.10
N PRO A 201 -29.68 5.66 2.22
CA PRO A 201 -30.97 6.09 2.80
C PRO A 201 -31.11 5.93 4.30
N THR A 202 -30.58 4.84 4.86
CA THR A 202 -30.95 4.47 6.22
C THR A 202 -29.76 4.14 7.07
N GLN A 203 -28.64 4.84 6.86
CA GLN A 203 -27.44 4.49 7.61
C GLN A 203 -27.06 5.51 8.70
N ALA A 204 -27.80 6.62 8.82
CA ALA A 204 -27.48 7.58 9.89
C ALA A 204 -27.52 6.90 11.26
N ARG A 205 -28.41 5.90 11.35
CA ARG A 205 -28.65 5.13 12.55
C ARG A 205 -27.42 4.29 12.90
N MET A 206 -26.52 4.13 11.94
CA MET A 206 -25.26 3.44 12.23
C MET A 206 -24.23 4.36 12.84
N ALA A 207 -24.54 5.66 12.94
CA ALA A 207 -23.57 6.63 13.43
C ALA A 207 -24.00 7.26 14.75
N PHE A 208 -25.31 7.40 14.95
CA PHE A 208 -25.85 7.94 16.17
C PHE A 208 -27.30 7.52 16.21
N PRO A 209 -27.84 7.21 17.40
CA PRO A 209 -29.23 6.80 17.49
C PRO A 209 -30.11 7.96 17.09
N CYS A 210 -31.20 7.73 16.36
CA CYS A 210 -32.06 8.84 15.91
C CYS A 210 -33.35 8.31 15.31
N PHE A 211 -34.24 9.21 14.94
CA PHE A 211 -35.46 8.89 14.23
C PHE A 211 -35.13 8.87 12.74
N ASP A 212 -34.56 7.77 12.28
CA ASP A 212 -34.02 7.72 10.92
C ASP A 212 -35.09 7.51 9.83
N GLU A 213 -35.95 8.49 9.64
CA GLU A 213 -36.89 8.53 8.51
C GLU A 213 -37.02 9.97 8.03
N PRO A 214 -37.07 10.19 6.73
CA PRO A 214 -36.98 11.54 6.15
C PRO A 214 -38.03 12.57 6.64
N LEU A 215 -39.21 12.13 7.05
CA LEU A 215 -40.25 13.07 7.52
C LEU A 215 -39.90 13.75 8.84
N PHE A 216 -39.02 13.13 9.62
CA PHE A 216 -38.65 13.64 10.93
C PHE A 216 -37.53 14.66 10.87
N LYS A 217 -37.75 15.76 10.17
CA LYS A 217 -36.74 16.79 10.11
C LYS A 217 -36.51 17.48 11.46
N ALA A 218 -35.26 17.83 11.71
CA ALA A 218 -34.82 18.43 12.96
C ALA A 218 -33.69 19.43 12.68
N ASN A 219 -33.44 20.34 13.62
CA ASN A 219 -32.20 21.09 13.60
C ASN A 219 -31.08 20.19 14.17
N PHE A 220 -29.87 20.34 13.66
CA PHE A 220 -28.73 19.59 14.18
C PHE A 220 -27.62 20.53 14.59
N SER A 221 -27.22 20.44 15.85
CA SER A 221 -26.05 21.19 16.34
C SER A 221 -24.88 20.26 16.60
N ILE A 222 -23.85 20.36 15.77
CA ILE A 222 -22.79 19.37 15.80
C ILE A 222 -21.47 19.90 16.37
N LYS A 223 -20.81 19.07 17.16
CA LYS A 223 -19.44 19.33 17.67
C LYS A 223 -18.48 18.14 17.43
N ILE A 224 -17.24 18.46 17.09
CA ILE A 224 -16.24 17.42 16.81
C ILE A 224 -14.91 17.69 17.52
N ARG A 225 -14.45 16.73 18.31
CA ARG A 225 -13.12 16.80 18.88
C ARG A 225 -12.10 16.15 17.94
N ARG A 226 -10.86 16.66 17.92
CA ARG A 226 -9.92 16.24 16.90
C ARG A 226 -8.50 16.62 17.23
N GLU A 227 -7.56 15.99 16.54
CA GLU A 227 -6.16 16.32 16.66
C GLU A 227 -5.83 17.57 15.86
N SER A 228 -4.69 18.18 16.14
CA SER A 228 -4.32 19.42 15.47
C SER A 228 -3.91 19.18 14.03
N ARG A 229 -3.53 17.95 13.72
CA ARG A 229 -3.16 17.60 12.34
C ARG A 229 -4.36 17.37 11.42
N HIS A 230 -5.57 17.51 11.94
CA HIS A 230 -6.75 17.35 11.12
C HIS A 230 -7.56 18.63 11.12
N ILE A 231 -8.44 18.77 10.12
CA ILE A 231 -9.59 19.66 10.20
C ILE A 231 -10.86 18.81 10.31
N ALA A 232 -11.96 19.43 10.72
CA ALA A 232 -13.23 18.75 10.76
C ALA A 232 -14.23 19.56 9.95
N LEU A 233 -15.05 18.88 9.14
CA LEU A 233 -16.05 19.58 8.33
C LEU A 233 -17.42 19.01 8.63
N SER A 234 -18.46 19.81 8.54
CA SER A 234 -19.80 19.26 8.65
C SER A 234 -20.76 20.08 7.78
N ASN A 235 -22.06 19.89 7.91
CA ASN A 235 -23.00 20.66 7.09
C ASN A 235 -22.80 22.17 7.13
N MET A 236 -22.57 22.69 8.33
CA MET A 236 -22.59 24.13 8.59
C MET A 236 -21.21 24.72 8.81
N PRO A 237 -21.08 26.06 8.71
CA PRO A 237 -19.78 26.68 9.04
C PRO A 237 -19.37 26.47 10.49
N LYS A 238 -18.06 26.34 10.71
CA LYS A 238 -17.52 26.36 12.05
C LYS A 238 -17.81 27.69 12.71
N VAL A 239 -18.26 27.64 13.95
CA VAL A 239 -18.50 28.84 14.72
C VAL A 239 -17.25 29.22 15.50
N LYS A 240 -16.60 28.19 16.04
CA LYS A 240 -15.63 28.36 17.10
C LYS A 240 -14.83 27.06 17.35
N THR A 241 -13.53 27.19 17.55
CA THR A 241 -12.67 26.08 17.93
C THR A 241 -12.15 26.33 19.33
N ILE A 242 -12.33 25.41 20.26
CA ILE A 242 -11.80 25.66 21.59
C ILE A 242 -10.70 24.66 21.97
N GLU A 243 -9.60 25.19 22.51
CA GLU A 243 -8.45 24.37 22.96
C GLU A 243 -8.75 23.61 24.24
N LEU A 244 -8.58 22.30 24.20
CA LEU A 244 -8.85 21.48 25.35
C LEU A 244 -7.55 21.20 26.11
N GLU A 245 -7.72 20.67 27.32
N GLU A 245 -7.67 20.65 27.31
CA GLU A 245 -6.64 20.36 28.23
CA GLU A 245 -6.52 20.48 28.18
C GLU A 245 -5.46 19.68 27.54
C GLU A 245 -5.41 19.69 27.52
N GLY A 246 -5.64 18.42 27.20
CA GLY A 246 -4.59 17.59 26.63
C GLY A 246 -3.99 18.04 25.29
N GLY A 247 -4.52 19.13 24.74
CA GLY A 247 -4.02 19.67 23.49
C GLY A 247 -4.93 19.34 22.31
N LEU A 248 -6.02 18.63 22.54
CA LEU A 248 -6.99 18.40 21.48
C LEU A 248 -7.80 19.66 21.21
N LEU A 249 -8.42 19.71 20.04
CA LEU A 249 -9.30 20.82 19.70
C LEU A 249 -10.74 20.36 19.55
N GLU A 250 -11.66 21.29 19.67
CA GLU A 250 -13.07 20.95 19.55
C GLU A 250 -13.73 21.96 18.63
N ASP A 251 -14.13 21.50 17.44
CA ASP A 251 -14.86 22.37 16.54
C ASP A 251 -16.37 22.38 16.83
N HIS A 252 -16.92 23.58 16.97
CA HIS A 252 -18.36 23.80 17.13
C HIS A 252 -18.91 24.31 15.81
N PHE A 253 -20.00 23.74 15.35
CA PHE A 253 -20.60 24.16 14.09
C PHE A 253 -21.93 24.84 14.32
N GLU A 254 -22.22 25.86 13.52
CA GLU A 254 -23.54 26.50 13.50
C GLU A 254 -24.64 25.43 13.42
N THR A 255 -25.69 25.62 14.20
CA THR A 255 -26.89 24.79 14.16
C THR A 255 -27.50 24.73 12.76
N THR A 256 -27.90 23.55 12.28
CA THR A 256 -28.47 23.48 10.93
C THR A 256 -29.89 24.00 10.93
N VAL A 257 -30.41 24.30 9.74
CA VAL A 257 -31.84 24.49 9.57
C VAL A 257 -32.57 23.15 9.70
N LYS A 258 -33.89 23.16 9.64
CA LYS A 258 -34.63 21.90 9.65
C LYS A 258 -34.22 20.98 8.48
N MET A 259 -33.79 19.75 8.78
CA MET A 259 -33.42 18.80 7.73
C MET A 259 -33.55 17.34 8.14
N SER A 260 -33.46 16.42 7.17
CA SER A 260 -33.60 14.98 7.43
C SER A 260 -32.31 14.36 7.87
N THR A 261 -32.41 13.27 8.64
CA THR A 261 -31.23 12.65 9.24
C THR A 261 -30.23 12.13 8.20
N TYR A 262 -30.72 11.70 7.04
CA TYR A 262 -29.83 11.05 6.10
C TYR A 262 -28.86 12.01 5.46
N LEU A 263 -29.05 13.32 5.69
CA LEU A 263 -28.20 14.36 5.12
C LEU A 263 -27.19 14.90 6.12
N VAL A 264 -27.33 14.52 7.38
CA VAL A 264 -26.35 14.92 8.38
C VAL A 264 -24.97 14.48 7.92
N ALA A 265 -23.96 15.35 7.98
CA ALA A 265 -22.61 14.90 7.58
C ALA A 265 -21.48 15.46 8.43
N TYR A 266 -20.39 14.72 8.57
CA TYR A 266 -19.19 15.24 9.23
C TYR A 266 -17.96 14.42 8.83
N ILE A 267 -16.81 15.09 8.79
CA ILE A 267 -15.61 14.52 8.23
C ILE A 267 -14.40 14.95 9.04
N VAL A 268 -13.47 14.01 9.27
CA VAL A 268 -12.19 14.37 9.85
C VAL A 268 -11.08 13.95 8.85
N CYS A 269 -10.23 14.91 8.51
CA CYS A 269 -9.24 14.74 7.46
C CYS A 269 -8.22 15.87 7.50
N ASP A 270 -7.31 15.86 6.54
CA ASP A 270 -6.30 16.90 6.43
C ASP A 270 -6.27 17.45 5.02
N PHE A 271 -7.45 17.70 4.45
CA PHE A 271 -7.54 18.04 3.03
C PHE A 271 -7.23 19.51 2.80
N HIS A 272 -6.85 19.88 1.58
CA HIS A 272 -6.70 21.29 1.21
C HIS A 272 -7.92 21.78 0.43
N SER A 273 -8.09 23.08 0.33
CA SER A 273 -9.26 23.63 -0.33
C SER A 273 -8.88 24.83 -1.16
N LEU A 274 -9.71 25.12 -2.16
CA LEU A 274 -9.74 26.40 -2.85
C LEU A 274 -11.14 26.92 -2.66
N SER A 275 -11.29 28.23 -2.61
CA SER A 275 -12.53 28.89 -2.25
C SER A 275 -12.90 30.00 -3.24
N GLY A 276 -14.19 30.32 -3.27
CA GLY A 276 -14.69 31.44 -4.04
C GLY A 276 -16.04 31.79 -3.47
N PHE A 277 -16.55 32.97 -3.83
CA PHE A 277 -17.88 33.36 -3.39
C PHE A 277 -18.79 33.41 -4.59
N THR A 278 -20.03 32.99 -4.40
CA THR A 278 -21.06 33.22 -5.40
C THR A 278 -21.57 34.66 -5.38
N SER A 279 -22.35 35.02 -6.40
CA SER A 279 -23.01 36.32 -6.48
C SER A 279 -23.78 36.67 -5.22
N SER A 280 -24.39 35.65 -4.64
CA SER A 280 -25.25 35.79 -3.50
C SER A 280 -24.46 35.61 -2.20
N GLY A 281 -23.15 35.43 -2.35
CA GLY A 281 -22.27 35.49 -1.21
C GLY A 281 -22.14 34.19 -0.46
N VAL A 282 -22.36 33.06 -1.13
CA VAL A 282 -22.05 31.77 -0.53
C VAL A 282 -20.56 31.46 -0.71
N LYS A 283 -19.90 31.10 0.39
CA LYS A 283 -18.55 30.58 0.29
C LYS A 283 -18.56 29.09 -0.20
N VAL A 284 -18.08 28.90 -1.44
CA VAL A 284 -17.94 27.58 -2.03
C VAL A 284 -16.49 27.12 -1.93
N SER A 285 -16.25 26.01 -1.25
CA SER A 285 -14.91 25.45 -1.14
C SER A 285 -14.85 24.07 -1.79
N ILE A 286 -13.76 23.78 -2.47
CA ILE A 286 -13.52 22.44 -2.98
C ILE A 286 -12.34 21.81 -2.18
N TYR A 287 -12.61 20.70 -1.50
CA TYR A 287 -11.59 19.96 -0.75
C TYR A 287 -11.13 18.72 -1.47
N ALA A 288 -9.85 18.42 -1.27
CA ALA A 288 -9.24 17.26 -1.86
C ALA A 288 -7.97 16.98 -1.07
N SER A 289 -7.42 15.80 -1.22
CA SER A 289 -6.14 15.49 -0.62
C SER A 289 -5.14 16.55 -1.08
N PRO A 290 -4.16 16.87 -0.23
CA PRO A 290 -3.36 18.09 -0.41
C PRO A 290 -2.56 18.10 -1.72
N ASP A 291 -2.04 16.97 -2.16
CA ASP A 291 -1.31 16.95 -3.41
C ASP A 291 -2.17 17.11 -4.65
N LYS A 292 -3.48 17.24 -4.48
CA LYS A 292 -4.37 17.25 -5.63
C LYS A 292 -5.08 18.57 -5.77
N ARG A 293 -4.71 19.54 -4.94
CA ARG A 293 -5.42 20.83 -4.90
C ARG A 293 -5.52 21.44 -6.29
N ASN A 294 -4.48 21.23 -7.06
CA ASN A 294 -4.42 21.58 -8.47
C ASN A 294 -5.69 21.16 -9.26
N GLN A 295 -6.32 20.07 -8.86
CA GLN A 295 -7.33 19.46 -9.71
C GLN A 295 -8.74 19.95 -9.39
N THR A 296 -8.84 20.92 -8.49
CA THR A 296 -10.14 21.30 -8.01
C THR A 296 -10.62 22.56 -8.69
N HIS A 297 -9.80 23.09 -9.58
CA HIS A 297 -10.11 24.39 -10.17
C HIS A 297 -11.39 24.37 -10.98
N TYR A 298 -11.56 23.32 -11.78
CA TYR A 298 -12.72 23.30 -12.65
C TYR A 298 -13.98 23.20 -11.81
N ALA A 299 -13.93 22.41 -10.75
CA ALA A 299 -15.08 22.23 -9.89
C ALA A 299 -15.48 23.54 -9.22
N LEU A 300 -14.50 24.35 -8.85
CA LEU A 300 -14.82 25.61 -8.20
C LEU A 300 -15.53 26.52 -9.19
N GLN A 301 -14.98 26.57 -10.38
CA GLN A 301 -15.57 27.36 -11.43
C GLN A 301 -17.02 26.88 -11.71
N ALA A 302 -17.23 25.58 -11.94
CA ALA A 302 -18.58 25.09 -12.29
C ALA A 302 -19.60 25.24 -11.14
N SER A 303 -19.19 24.89 -9.93
CA SER A 303 -20.15 24.95 -8.83
C SER A 303 -20.57 26.40 -8.56
N LEU A 304 -19.68 27.38 -8.72
CA LEU A 304 -20.11 28.80 -8.57
C LEU A 304 -21.14 29.18 -9.63
N LYS A 305 -20.78 28.91 -10.87
CA LYS A 305 -21.68 29.19 -11.99
C LYS A 305 -23.05 28.46 -11.84
N LEU A 306 -23.03 27.22 -11.36
CA LEU A 306 -24.25 26.44 -11.30
C LEU A 306 -25.07 26.84 -10.09
N LEU A 307 -24.42 27.12 -8.97
CA LEU A 307 -25.19 27.54 -7.79
C LEU A 307 -25.93 28.87 -8.12
N ASP A 308 -25.24 29.79 -8.79
CA ASP A 308 -25.87 31.05 -9.22
C ASP A 308 -27.10 30.80 -10.10
N PHE A 309 -26.95 29.96 -11.12
CA PHE A 309 -28.09 29.63 -11.97
C PHE A 309 -29.23 29.05 -11.16
N TYR A 310 -28.95 28.11 -10.28
CA TYR A 310 -30.07 27.55 -9.52
C TYR A 310 -30.82 28.58 -8.65
N GLU A 311 -30.12 29.59 -8.16
CA GLU A 311 -30.78 30.58 -7.31
C GLU A 311 -31.74 31.45 -8.16
N LYS A 312 -31.31 31.81 -9.36
CA LYS A 312 -32.16 32.53 -10.30
C LYS A 312 -33.32 31.65 -10.72
N TYR A 313 -33.02 30.45 -11.20
CA TYR A 313 -34.06 29.60 -11.74
C TYR A 313 -35.12 29.25 -10.70
N PHE A 314 -34.71 28.88 -9.49
CA PHE A 314 -35.68 28.43 -8.50
C PHE A 314 -36.34 29.61 -7.79
N ASP A 315 -35.79 30.82 -8.02
CA ASP A 315 -36.10 32.01 -7.25
C ASP A 315 -36.00 31.78 -5.73
N ILE A 316 -35.01 31.00 -5.30
CA ILE A 316 -34.79 30.78 -3.87
C ILE A 316 -33.32 30.71 -3.55
N TYR A 317 -32.86 31.51 -2.58
CA TYR A 317 -31.45 31.50 -2.26
C TYR A 317 -31.06 30.17 -1.64
N TYR A 318 -29.83 29.72 -1.90
CA TYR A 318 -29.22 28.69 -1.08
C TYR A 318 -29.12 29.28 0.32
N PRO A 319 -29.72 28.62 1.30
CA PRO A 319 -29.89 29.22 2.64
C PRO A 319 -28.64 29.23 3.52
N LEU A 320 -27.67 28.36 3.26
CA LEU A 320 -26.53 28.26 4.15
C LEU A 320 -25.42 29.20 3.70
N SER A 321 -24.47 29.49 4.58
CA SER A 321 -23.54 30.55 4.29
C SER A 321 -22.30 30.00 3.57
N LYS A 322 -22.12 28.69 3.66
CA LYS A 322 -21.07 28.04 2.88
C LYS A 322 -21.57 26.76 2.17
N LEU A 323 -20.88 26.39 1.11
CA LEU A 323 -21.10 25.12 0.45
C LEU A 323 -19.75 24.47 0.17
N ASP A 324 -19.56 23.27 0.74
CA ASP A 324 -18.32 22.50 0.52
C ASP A 324 -18.51 21.29 -0.39
N LEU A 325 -17.58 21.14 -1.32
CA LEU A 325 -17.54 19.97 -2.18
C LEU A 325 -16.20 19.25 -1.91
N ILE A 326 -16.27 18.00 -1.49
CA ILE A 326 -15.08 17.29 -1.10
C ILE A 326 -14.88 15.96 -1.82
N ALA A 327 -13.71 15.82 -2.44
CA ALA A 327 -13.37 14.63 -3.20
C ALA A 327 -12.85 13.55 -2.29
N ILE A 328 -13.71 12.58 -1.96
CA ILE A 328 -13.39 11.44 -1.11
C ILE A 328 -12.80 10.28 -1.90
N PRO A 329 -11.64 9.77 -1.44
CA PRO A 329 -10.88 8.68 -2.08
C PRO A 329 -11.57 7.29 -2.08
N ASP A 330 -12.19 6.89 -0.98
CA ASP A 330 -13.03 5.68 -0.96
C ASP A 330 -14.49 6.06 -0.86
N PHE A 331 -15.14 6.23 -2.00
CA PHE A 331 -16.53 6.62 -1.92
C PHE A 331 -17.39 5.71 -2.80
N ALA A 332 -18.34 5.01 -2.18
CA ALA A 332 -19.18 4.06 -2.87
C ALA A 332 -20.14 4.72 -3.90
N PRO A 333 -20.99 5.68 -3.44
CA PRO A 333 -21.82 6.31 -4.47
C PRO A 333 -20.96 7.22 -5.34
N GLY A 334 -21.53 7.69 -6.44
CA GLY A 334 -20.81 8.63 -7.29
C GLY A 334 -20.59 9.94 -6.56
N ALA A 335 -21.54 10.23 -5.67
CA ALA A 335 -21.67 11.53 -5.05
C ALA A 335 -22.80 11.48 -4.03
N MET A 336 -22.78 12.37 -3.04
CA MET A 336 -23.85 12.46 -2.03
C MET A 336 -24.11 13.89 -1.58
N GLU A 337 -25.38 14.31 -1.53
CA GLU A 337 -25.71 15.72 -1.47
C GLU A 337 -25.88 16.29 -0.07
N ASN A 338 -25.20 15.73 0.92
CA ASN A 338 -25.26 16.26 2.27
C ASN A 338 -25.26 17.78 2.21
N TRP A 339 -26.24 18.38 2.88
CA TRP A 339 -26.53 19.81 2.80
C TRP A 339 -25.32 20.59 3.31
N GLY A 340 -24.67 21.36 2.45
CA GLY A 340 -23.47 22.10 2.84
C GLY A 340 -22.12 21.38 2.82
N LEU A 341 -22.15 20.06 2.68
CA LEU A 341 -20.92 19.26 2.63
C LEU A 341 -21.08 18.06 1.66
N ILE A 342 -20.99 18.35 0.36
CA ILE A 342 -21.30 17.39 -0.67
C ILE A 342 -20.10 16.56 -0.95
N THR A 343 -20.25 15.24 -0.81
CA THR A 343 -19.17 14.27 -1.08
C THR A 343 -19.16 13.68 -2.50
N TYR A 344 -17.96 13.55 -3.08
CA TYR A 344 -17.79 12.99 -4.43
C TYR A 344 -16.71 11.91 -4.47
N ARG A 345 -16.82 11.00 -5.44
CA ARG A 345 -15.66 10.31 -5.95
C ARG A 345 -14.73 11.33 -6.59
N GLU A 346 -13.44 11.06 -6.54
CA GLU A 346 -12.51 11.93 -7.19
C GLU A 346 -12.82 12.01 -8.68
N THR A 347 -13.18 10.88 -9.28
CA THR A 347 -13.52 10.90 -10.69
C THR A 347 -14.77 11.76 -10.99
N SER A 348 -15.53 12.11 -9.95
CA SER A 348 -16.77 12.87 -10.08
C SER A 348 -16.53 14.36 -9.93
N LEU A 349 -15.37 14.74 -9.42
CA LEU A 349 -15.17 16.13 -8.99
C LEU A 349 -13.88 16.72 -9.53
N LEU A 350 -12.83 15.92 -9.47
CA LEU A 350 -11.51 16.38 -9.81
C LEU A 350 -11.31 16.33 -11.32
N PHE A 351 -10.67 17.37 -11.85
CA PHE A 351 -10.40 17.44 -13.27
C PHE A 351 -8.99 17.92 -13.54
N ASP A 352 -8.34 17.23 -14.46
CA ASP A 352 -6.94 17.47 -14.76
C ASP A 352 -6.68 17.50 -16.27
N PRO A 353 -6.29 18.66 -16.78
CA PRO A 353 -6.22 18.86 -18.24
C PRO A 353 -5.30 17.87 -18.95
N LYS A 354 -4.25 17.43 -18.28
CA LYS A 354 -3.34 16.50 -18.92
C LYS A 354 -3.91 15.08 -19.16
N THR A 355 -4.84 14.62 -18.33
CA THR A 355 -5.31 13.22 -18.43
C THR A 355 -6.81 13.07 -18.36
N SER A 356 -7.50 14.12 -17.95
CA SER A 356 -8.96 14.11 -18.04
C SER A 356 -9.36 14.50 -19.44
N SER A 357 -10.27 13.73 -20.00
CA SER A 357 -10.81 13.98 -21.34
C SER A 357 -12.03 14.89 -21.34
N ALA A 358 -12.49 15.20 -22.54
CA ALA A 358 -13.67 16.02 -22.75
C ALA A 358 -14.91 15.36 -22.18
N SER A 359 -14.93 14.04 -22.12
CA SER A 359 -16.14 13.41 -21.66
C SER A 359 -16.04 13.28 -20.15
N ASP A 360 -14.81 13.31 -19.64
CA ASP A 360 -14.59 13.40 -18.21
C ASP A 360 -15.16 14.74 -17.72
N LYS A 361 -14.83 15.81 -18.44
CA LYS A 361 -15.32 17.13 -18.08
C LYS A 361 -16.86 17.15 -18.03
N LEU A 362 -17.48 16.63 -19.07
CA LEU A 362 -18.91 16.53 -19.14
C LEU A 362 -19.50 15.84 -17.92
N TRP A 363 -18.93 14.70 -17.57
CA TRP A 363 -19.37 13.94 -16.42
C TRP A 363 -19.22 14.74 -15.11
N VAL A 364 -18.07 15.37 -14.91
CA VAL A 364 -17.84 16.15 -13.68
C VAL A 364 -18.87 17.27 -13.54
N THR A 365 -19.24 17.85 -14.67
CA THR A 365 -20.18 18.94 -14.72
C THR A 365 -21.59 18.47 -14.40
N ARG A 366 -21.93 17.30 -14.91
CA ARG A 366 -23.22 16.67 -14.66
C ARG A 366 -23.36 16.43 -13.17
N VAL A 367 -22.36 15.75 -12.61
CA VAL A 367 -22.47 15.31 -11.23
C VAL A 367 -22.60 16.51 -10.30
N ILE A 368 -21.84 17.56 -10.58
CA ILE A 368 -21.94 18.77 -9.76
C ILE A 368 -23.31 19.41 -9.94
N ALA A 369 -23.80 19.39 -11.18
CA ALA A 369 -25.12 19.92 -11.48
C ALA A 369 -26.16 19.15 -10.69
N HIS A 370 -26.05 17.82 -10.73
CA HIS A 370 -26.95 16.91 -10.02
C HIS A 370 -26.92 17.20 -8.53
N GLU A 371 -25.74 17.31 -7.94
CA GLU A 371 -25.69 17.47 -6.49
C GLU A 371 -26.18 18.86 -6.07
N LEU A 372 -25.81 19.89 -6.82
CA LEU A 372 -26.29 21.21 -6.45
C LEU A 372 -27.82 21.27 -6.57
N ALA A 373 -28.37 20.68 -7.63
CA ALA A 373 -29.83 20.63 -7.78
C ALA A 373 -30.49 20.01 -6.56
N HIS A 374 -29.84 19.02 -5.98
CA HIS A 374 -30.34 18.36 -4.78
C HIS A 374 -30.47 19.27 -3.54
N GLN A 375 -29.77 20.41 -3.50
CA GLN A 375 -29.84 21.28 -2.32
C GLN A 375 -31.25 21.81 -2.18
N TRP A 376 -31.91 22.07 -3.31
CA TRP A 376 -33.38 22.33 -3.33
C TRP A 376 -34.27 21.06 -3.41
N PHE A 377 -34.18 20.33 -4.52
CA PHE A 377 -34.87 19.03 -4.65
C PHE A 377 -34.18 17.91 -3.87
N GLY A 378 -34.53 17.76 -2.60
CA GLY A 378 -33.92 16.75 -1.78
C GLY A 378 -33.71 17.30 -0.39
N ASN A 379 -33.03 18.44 -0.31
CA ASN A 379 -32.64 18.99 0.99
C ASN A 379 -33.68 19.97 1.50
N LEU A 380 -33.89 21.08 0.78
CA LEU A 380 -34.93 22.05 1.09
C LEU A 380 -36.30 21.39 1.08
N VAL A 381 -36.64 20.71 -0.01
CA VAL A 381 -37.85 19.91 -0.07
C VAL A 381 -37.51 18.43 -0.12
N THR A 382 -37.95 17.66 0.86
CA THR A 382 -37.64 16.23 0.88
C THR A 382 -38.90 15.37 0.67
N MET A 383 -38.75 14.21 0.04
CA MET A 383 -39.92 13.33 -0.12
C MET A 383 -40.34 12.81 1.25
N GLU A 384 -41.63 12.54 1.38
CA GLU A 384 -42.20 12.12 2.64
C GLU A 384 -41.69 10.74 3.06
N TRP A 385 -41.60 9.84 2.10
CA TRP A 385 -41.10 8.50 2.32
C TRP A 385 -40.47 7.98 0.99
N TRP A 386 -39.63 6.96 1.09
CA TRP A 386 -38.85 6.51 -0.06
C TRP A 386 -39.64 6.03 -1.28
N ASN A 387 -40.95 5.92 -1.12
CA ASN A 387 -41.79 5.49 -2.24
C ASN A 387 -41.84 6.60 -3.26
N ASP A 388 -41.55 7.83 -2.82
CA ASP A 388 -41.47 8.95 -3.76
C ASP A 388 -40.03 9.51 -3.87
N ILE A 389 -39.02 8.66 -3.63
CA ILE A 389 -37.61 9.03 -3.81
C ILE A 389 -37.39 9.79 -5.13
N TRP A 390 -38.19 9.49 -6.15
CA TRP A 390 -38.10 10.14 -7.44
C TRP A 390 -38.34 11.64 -7.39
N LEU A 391 -39.14 12.10 -6.42
CA LEU A 391 -39.28 13.56 -6.18
C LEU A 391 -37.91 14.21 -6.05
N ASN A 392 -36.99 13.54 -5.32
CA ASN A 392 -35.59 13.92 -5.30
C ASN A 392 -34.83 13.64 -6.61
N GLU A 393 -34.82 12.38 -7.01
CA GLU A 393 -33.87 11.96 -8.02
C GLU A 393 -34.28 12.20 -9.44
N GLY A 394 -35.55 11.98 -9.76
CA GLY A 394 -36.06 12.29 -11.08
C GLY A 394 -35.87 13.77 -11.37
N PHE A 395 -35.99 14.60 -10.34
CA PHE A 395 -35.85 16.04 -10.47
C PHE A 395 -34.40 16.55 -10.58
N ALA A 396 -33.52 16.03 -9.73
CA ALA A 396 -32.11 16.37 -9.84
C ALA A 396 -31.65 15.98 -11.22
N LYS A 397 -32.08 14.79 -11.65
CA LYS A 397 -31.65 14.26 -12.92
C LYS A 397 -32.05 15.22 -14.02
N TYR A 398 -33.31 15.64 -14.01
CA TYR A 398 -33.78 16.61 -15.00
C TYR A 398 -33.07 17.98 -14.92
N MET A 399 -32.84 18.49 -13.70
CA MET A 399 -32.21 19.80 -13.54
C MET A 399 -30.80 19.82 -14.10
N GLU A 400 -30.12 18.68 -14.09
CA GLU A 400 -28.88 18.53 -14.86
C GLU A 400 -29.02 19.12 -16.24
N LEU A 401 -29.96 18.60 -17.01
CA LEU A 401 -30.24 19.13 -18.33
C LEU A 401 -30.53 20.63 -18.33
N ILE A 402 -31.44 21.10 -17.48
CA ILE A 402 -31.79 22.51 -17.55
C ILE A 402 -30.60 23.40 -17.20
N ALA A 403 -29.83 22.99 -16.20
CA ALA A 403 -28.78 23.84 -15.65
C ALA A 403 -27.50 23.80 -16.47
N VAL A 404 -27.11 22.62 -16.93
CA VAL A 404 -25.89 22.51 -17.73
C VAL A 404 -26.11 23.22 -19.06
N ASN A 405 -27.29 22.99 -19.66
CA ASN A 405 -27.73 23.71 -20.85
C ASN A 405 -27.70 25.23 -20.73
N ALA A 406 -28.11 25.76 -19.57
CA ALA A 406 -28.07 27.20 -19.34
C ALA A 406 -26.67 27.77 -19.02
N THR A 407 -25.82 26.99 -18.38
CA THR A 407 -24.54 27.52 -17.90
C THR A 407 -23.38 27.11 -18.79
N TYR A 408 -23.52 25.99 -19.47
CA TYR A 408 -22.45 25.47 -20.31
C TYR A 408 -22.96 24.86 -21.60
N PRO A 409 -23.72 25.63 -22.39
CA PRO A 409 -24.27 25.07 -23.64
C PRO A 409 -23.21 24.41 -24.52
N GLU A 410 -21.97 24.87 -24.45
CA GLU A 410 -20.90 24.28 -25.25
C GLU A 410 -20.71 22.79 -24.95
N LEU A 411 -21.21 22.33 -23.81
CA LEU A 411 -21.09 20.93 -23.44
C LEU A 411 -22.09 20.03 -24.16
N GLN A 412 -23.07 20.64 -24.83
CA GLN A 412 -24.01 19.92 -25.70
C GLN A 412 -24.86 18.90 -24.96
N PHE A 413 -25.11 19.14 -23.68
CA PHE A 413 -25.81 18.15 -22.89
C PHE A 413 -27.25 17.94 -23.40
N ASP A 414 -27.82 18.92 -24.10
CA ASP A 414 -29.17 18.80 -24.67
C ASP A 414 -29.23 17.73 -25.77
N ASP A 415 -28.12 17.53 -26.47
CA ASP A 415 -28.08 16.50 -27.50
C ASP A 415 -27.85 15.12 -26.93
N TYR A 416 -27.51 15.03 -25.64
CA TYR A 416 -27.21 13.74 -25.03
C TYR A 416 -28.45 13.23 -24.32
N PHE A 417 -29.37 14.13 -24.01
CA PHE A 417 -30.45 13.78 -23.09
C PHE A 417 -31.35 12.60 -23.52
N LEU A 418 -31.68 12.48 -24.81
CA LEU A 418 -32.54 11.36 -25.25
C LEU A 418 -31.99 9.98 -24.77
N ASN A 419 -30.68 9.90 -24.56
CA ASN A 419 -30.06 8.67 -24.06
C ASN A 419 -30.58 8.28 -22.69
N VAL A 420 -30.78 9.29 -21.82
CA VAL A 420 -31.45 9.09 -20.53
C VAL A 420 -32.76 8.30 -20.70
N CYS A 421 -33.54 8.65 -21.71
CA CYS A 421 -34.84 8.03 -21.91
C CYS A 421 -34.73 6.65 -22.57
N PHE A 422 -33.86 6.52 -23.58
CA PHE A 422 -33.66 5.23 -24.23
C PHE A 422 -33.15 4.16 -23.24
N GLU A 423 -32.31 4.55 -22.28
CA GLU A 423 -31.82 3.56 -21.33
C GLU A 423 -32.94 3.02 -20.48
N VAL A 424 -33.87 3.88 -20.02
CA VAL A 424 -35.02 3.39 -19.27
C VAL A 424 -35.90 2.48 -20.08
N ILE A 425 -36.15 2.88 -21.33
CA ILE A 425 -37.12 2.16 -22.16
C ILE A 425 -36.75 0.67 -22.24
N THR A 426 -35.45 0.40 -22.25
CA THR A 426 -34.92 -0.95 -22.15
C THR A 426 -35.53 -1.69 -20.97
N LYS A 427 -35.52 -1.06 -19.79
CA LYS A 427 -36.15 -1.65 -18.59
C LYS A 427 -37.67 -1.59 -18.64
N ASP A 428 -38.21 -0.52 -19.19
CA ASP A 428 -39.62 -0.21 -19.03
C ASP A 428 -40.50 -1.03 -20.01
N SER A 429 -39.88 -1.52 -21.07
CA SER A 429 -40.58 -2.39 -22.00
C SER A 429 -40.45 -3.89 -21.65
N LEU A 430 -39.98 -4.21 -20.45
CA LEU A 430 -40.04 -5.58 -19.92
C LEU A 430 -40.99 -5.63 -18.73
N ASN A 431 -41.72 -6.73 -18.58
CA ASN A 431 -42.75 -6.84 -17.54
C ASN A 431 -42.25 -6.54 -16.14
N SER A 432 -41.01 -6.91 -15.86
CA SER A 432 -40.46 -6.80 -14.53
C SER A 432 -40.15 -5.36 -14.09
N SER A 433 -40.55 -4.38 -14.89
CA SER A 433 -40.39 -2.98 -14.52
C SER A 433 -41.35 -2.60 -13.37
N ARG A 434 -41.22 -1.38 -12.88
CA ARG A 434 -42.04 -0.93 -11.77
C ARG A 434 -42.61 0.46 -12.08
N PRO A 435 -43.73 0.83 -11.44
CA PRO A 435 -44.21 2.22 -11.48
C PRO A 435 -43.15 3.15 -10.88
N ILE A 436 -43.09 4.41 -11.31
CA ILE A 436 -42.17 5.38 -10.73
C ILE A 436 -42.34 5.49 -9.22
N SER A 437 -43.54 5.79 -8.78
CA SER A 437 -43.82 5.78 -7.36
C SER A 437 -44.36 4.39 -6.98
N LYS A 438 -43.83 3.83 -5.89
CA LYS A 438 -44.11 2.43 -5.54
C LYS A 438 -43.70 2.17 -4.08
N PRO A 439 -44.48 1.37 -3.35
CA PRO A 439 -44.17 1.07 -1.95
C PRO A 439 -42.76 0.54 -1.72
N ALA A 440 -42.23 0.76 -0.52
CA ALA A 440 -40.92 0.25 -0.13
C ALA A 440 -40.77 0.32 1.38
N GLU A 441 -40.18 -0.70 1.96
CA GLU A 441 -40.16 -0.82 3.41
C GLU A 441 -38.79 -1.16 3.98
N THR A 442 -38.16 -2.19 3.48
CA THR A 442 -36.90 -2.64 4.08
C THR A 442 -35.76 -1.79 3.55
N PRO A 443 -34.62 -1.80 4.26
CA PRO A 443 -33.50 -1.03 3.74
C PRO A 443 -33.12 -1.49 2.33
N THR A 444 -33.17 -2.80 2.08
CA THR A 444 -32.90 -3.30 0.74
C THR A 444 -33.94 -2.85 -0.27
N GLN A 445 -35.20 -2.85 0.11
CA GLN A 445 -36.23 -2.37 -0.79
C GLN A 445 -36.01 -0.91 -1.12
N ILE A 446 -35.61 -0.15 -0.10
CA ILE A 446 -35.43 1.27 -0.26
C ILE A 446 -34.25 1.52 -1.18
N GLN A 447 -33.18 0.75 -1.02
CA GLN A 447 -32.07 0.85 -1.95
C GLN A 447 -32.49 0.54 -3.39
N GLU A 448 -33.39 -0.43 -3.54
CA GLU A 448 -33.80 -0.81 -4.87
C GLU A 448 -34.53 0.33 -5.58
N MET A 449 -35.13 1.25 -4.82
CA MET A 449 -35.85 2.38 -5.45
C MET A 449 -34.91 3.30 -6.21
N PHE A 450 -33.62 3.21 -5.90
CA PHE A 450 -32.66 4.08 -6.57
C PHE A 450 -32.26 3.40 -7.86
N ASP A 451 -33.00 3.70 -8.93
CA ASP A 451 -32.75 3.03 -10.20
C ASP A 451 -33.16 3.92 -11.36
N GLU A 452 -33.06 3.35 -12.56
CA GLU A 452 -33.29 4.04 -13.82
C GLU A 452 -34.74 4.54 -13.90
N VAL A 453 -35.62 3.91 -13.14
CA VAL A 453 -37.00 4.33 -13.15
C VAL A 453 -37.22 5.58 -12.29
N SER A 454 -36.63 5.60 -11.11
CA SER A 454 -36.70 6.80 -10.28
C SER A 454 -35.91 7.97 -10.88
N TYR A 455 -34.78 7.68 -11.51
CA TYR A 455 -33.95 8.75 -12.06
C TYR A 455 -34.38 9.08 -13.51
N ASN A 456 -34.08 8.19 -14.45
CA ASN A 456 -34.26 8.51 -15.87
C ASN A 456 -35.72 8.70 -16.26
N LYS A 457 -36.60 7.83 -15.79
CA LYS A 457 -37.99 7.95 -16.20
C LYS A 457 -38.68 9.16 -15.57
N GLY A 458 -38.36 9.44 -14.32
CA GLY A 458 -38.88 10.63 -13.66
C GLY A 458 -38.47 11.85 -14.46
N ALA A 459 -37.20 11.85 -14.87
CA ALA A 459 -36.66 12.97 -15.62
C ALA A 459 -37.35 13.04 -16.96
N CYS A 460 -37.50 11.89 -17.61
CA CYS A 460 -38.13 11.85 -18.92
C CYS A 460 -39.59 12.31 -18.91
N ILE A 461 -40.37 11.94 -17.89
CA ILE A 461 -41.74 12.38 -17.88
C ILE A 461 -41.85 13.85 -17.47
N LEU A 462 -40.91 14.35 -16.67
CA LEU A 462 -40.79 15.78 -16.39
C LEU A 462 -40.52 16.54 -17.67
N ASN A 463 -39.62 16.01 -18.48
CA ASN A 463 -39.29 16.67 -19.72
C ASN A 463 -40.54 16.75 -20.62
N MET A 464 -41.31 15.69 -20.59
CA MET A 464 -42.47 15.58 -21.44
C MET A 464 -43.49 16.65 -21.04
N LEU A 465 -43.65 16.84 -19.73
CA LEU A 465 -44.57 17.83 -19.20
C LEU A 465 -44.08 19.27 -19.40
N LYS A 466 -42.77 19.48 -19.31
CA LYS A 466 -42.25 20.81 -19.61
C LYS A 466 -42.58 21.21 -21.04
N ASP A 467 -42.53 20.22 -21.94
CA ASP A 467 -42.83 20.45 -23.35
C ASP A 467 -44.28 20.82 -23.53
N PHE A 468 -45.14 20.08 -22.85
CA PHE A 468 -46.57 20.38 -22.81
C PHE A 468 -46.95 21.76 -22.23
N LEU A 469 -46.57 22.05 -20.98
CA LEU A 469 -46.89 23.31 -20.32
C LEU A 469 -46.09 24.52 -20.82
N GLY A 470 -44.95 24.28 -21.46
CA GLY A 470 -44.05 25.37 -21.82
C GLY A 470 -43.14 25.76 -20.67
N GLU A 471 -41.93 26.21 -21.00
CA GLU A 471 -40.92 26.53 -19.99
C GLU A 471 -41.42 27.46 -18.89
N GLU A 472 -42.12 28.53 -19.27
CA GLU A 472 -42.48 29.54 -18.29
C GLU A 472 -43.44 28.97 -17.25
N LYS A 473 -44.40 28.18 -17.71
CA LYS A 473 -45.42 27.71 -16.80
C LYS A 473 -44.83 26.64 -15.92
N PHE A 474 -43.86 25.93 -16.49
CA PHE A 474 -43.19 24.82 -15.82
C PHE A 474 -42.22 25.27 -14.71
N GLN A 475 -41.44 26.30 -14.98
CA GLN A 475 -40.55 26.87 -13.96
C GLN A 475 -41.37 27.49 -12.82
N LYS A 476 -42.39 28.25 -13.19
CA LYS A 476 -43.34 28.79 -12.22
C LYS A 476 -43.94 27.69 -11.34
N GLY A 477 -44.22 26.53 -11.91
CA GLY A 477 -44.76 25.44 -11.11
C GLY A 477 -43.70 24.97 -10.15
N ILE A 478 -42.46 24.91 -10.66
CA ILE A 478 -41.38 24.47 -9.82
C ILE A 478 -41.19 25.40 -8.62
N ILE A 479 -41.08 26.70 -8.88
CA ILE A 479 -40.87 27.69 -7.85
C ILE A 479 -41.90 27.64 -6.72
N GLN A 480 -43.17 27.49 -7.06
CA GLN A 480 -44.17 27.53 -6.00
C GLN A 480 -44.20 26.21 -5.21
N TYR A 481 -43.93 25.09 -5.87
CA TYR A 481 -43.68 23.83 -5.18
C TYR A 481 -42.53 23.92 -4.14
N LEU A 482 -41.37 24.44 -4.56
CA LEU A 482 -40.21 24.53 -3.69
C LEU A 482 -40.50 25.51 -2.54
N LYS A 483 -41.21 26.60 -2.86
CA LYS A 483 -41.52 27.62 -1.87
C LYS A 483 -42.52 27.09 -0.86
N LYS A 484 -43.53 26.38 -1.36
CA LYS A 484 -44.62 25.90 -0.53
C LYS A 484 -44.23 24.77 0.41
N PHE A 485 -43.19 24.02 0.07
CA PHE A 485 -42.78 22.86 0.87
C PHE A 485 -41.39 23.00 1.48
N SER A 486 -40.82 24.21 1.35
CA SER A 486 -39.56 24.57 1.98
C SER A 486 -39.47 24.08 3.41
N TYR A 487 -38.37 23.42 3.74
CA TYR A 487 -38.11 22.91 5.08
C TYR A 487 -39.10 21.88 5.60
N ARG A 488 -39.80 21.18 4.71
CA ARG A 488 -40.55 19.98 5.08
C ARG A 488 -40.69 19.00 3.91
N ASN A 489 -41.80 18.30 3.87
CA ASN A 489 -41.92 17.21 2.93
C ASN A 489 -43.09 17.23 1.95
N ALA A 490 -42.87 16.61 0.79
CA ALA A 490 -43.92 16.43 -0.19
C ALA A 490 -44.07 14.97 -0.57
N LYS A 491 -45.24 14.63 -1.08
CA LYS A 491 -45.44 13.30 -1.65
C LYS A 491 -45.93 13.50 -3.07
N ASN A 492 -46.01 12.40 -3.81
CA ASN A 492 -46.25 12.46 -5.23
C ASN A 492 -47.37 13.45 -5.62
N ASP A 493 -48.49 13.39 -4.90
CA ASP A 493 -49.60 14.26 -5.25
C ASP A 493 -49.38 15.74 -4.95
N ASP A 494 -48.61 16.05 -3.92
CA ASP A 494 -48.32 17.43 -3.61
C ASP A 494 -47.65 18.06 -4.81
N LEU A 495 -46.73 17.32 -5.41
CA LEU A 495 -46.02 17.81 -6.55
C LEU A 495 -46.93 18.04 -7.76
N TRP A 496 -47.84 17.10 -8.04
CA TRP A 496 -48.68 17.26 -9.23
C TRP A 496 -49.69 18.41 -9.08
N SER A 497 -50.16 18.65 -7.85
CA SER A 497 -51.00 19.83 -7.58
C SER A 497 -50.29 21.14 -7.95
N SER A 498 -49.08 21.34 -7.43
CA SER A 498 -48.36 22.57 -7.70
C SER A 498 -48.02 22.71 -9.17
N LEU A 499 -47.66 21.61 -9.82
CA LEU A 499 -47.30 21.72 -11.24
C LEU A 499 -48.53 21.94 -12.11
N SER A 500 -49.65 21.31 -11.76
CA SER A 500 -50.85 21.50 -12.57
C SER A 500 -51.54 22.85 -12.25
N ASN A 501 -51.21 23.49 -11.13
CA ASN A 501 -51.80 24.80 -10.83
C ASN A 501 -50.89 26.00 -11.03
N SER A 502 -50.07 25.98 -12.07
CA SER A 502 -49.06 27.03 -12.19
C SER A 502 -49.53 28.23 -12.98
N CYS A 503 -49.18 29.41 -12.46
CA CYS A 503 -49.62 30.67 -13.02
C CYS A 503 -48.56 31.35 -13.89
N LEU A 504 -48.84 31.53 -15.18
CA LEU A 504 -47.97 32.32 -16.07
C LEU A 504 -47.86 33.75 -15.56
N GLU A 505 -46.91 34.51 -16.13
CA GLU A 505 -46.74 35.95 -15.88
C GLU A 505 -47.10 36.36 -14.45
N SER A 506 -46.34 35.79 -13.52
CA SER A 506 -46.57 35.93 -12.07
C SER A 506 -48.03 35.68 -11.68
N ASP A 507 -48.66 36.66 -11.04
CA ASP A 507 -49.97 36.45 -10.43
C ASP A 507 -50.96 37.58 -10.64
N PHE A 508 -51.75 37.59 -11.72
CA PHE A 508 -51.53 36.92 -13.01
C PHE A 508 -51.30 37.88 -14.21
N THR A 509 -51.69 39.18 -14.18
CA THR A 509 -52.27 39.88 -13.03
C THR A 509 -53.50 40.76 -13.26
N SER A 510 -54.47 40.59 -12.36
CA SER A 510 -55.68 41.44 -12.23
C SER A 510 -56.46 41.74 -13.52
N GLY A 511 -57.62 41.11 -13.68
CA GLY A 511 -58.10 40.13 -12.73
C GLY A 511 -57.75 38.75 -13.26
N GLY A 512 -56.46 38.49 -13.37
CA GLY A 512 -55.98 37.25 -13.93
C GLY A 512 -56.31 36.09 -13.04
N VAL A 513 -56.14 34.89 -13.58
CA VAL A 513 -56.55 33.66 -12.92
C VAL A 513 -56.06 33.51 -11.46
N CYS A 514 -54.82 33.89 -11.21
CA CYS A 514 -54.28 33.92 -9.86
C CYS A 514 -53.79 35.35 -9.59
N HIS A 515 -53.88 35.84 -8.35
CA HIS A 515 -54.54 35.17 -7.25
C HIS A 515 -55.67 36.06 -6.72
N SER A 516 -55.26 37.17 -6.10
CA SER A 516 -56.10 38.16 -5.38
C SER A 516 -57.60 38.04 -5.61
N ASP A 517 -58.08 38.75 -6.62
CA ASP A 517 -59.49 38.78 -6.96
C ASP A 517 -59.64 38.58 -8.47
N PRO A 518 -59.78 37.31 -8.89
CA PRO A 518 -59.81 36.96 -10.32
C PRO A 518 -61.18 37.15 -10.97
N LYS A 519 -61.19 37.42 -12.28
CA LYS A 519 -62.43 37.67 -13.02
C LYS A 519 -63.00 36.37 -13.58
N MET A 520 -64.28 36.12 -13.32
CA MET A 520 -64.90 34.91 -13.81
C MET A 520 -65.13 34.95 -15.31
N THR A 521 -64.28 34.24 -16.04
CA THR A 521 -64.24 34.27 -17.49
C THR A 521 -64.37 32.84 -17.99
N SER A 522 -64.70 32.67 -19.26
CA SER A 522 -64.64 31.35 -19.86
C SER A 522 -63.18 30.90 -19.86
N ASN A 523 -62.28 31.86 -20.06
CA ASN A 523 -60.84 31.65 -19.94
C ASN A 523 -60.46 31.07 -18.56
N MET A 524 -61.02 31.64 -17.49
CA MET A 524 -60.83 31.13 -16.14
C MET A 524 -61.28 29.67 -16.01
N LEU A 525 -62.46 29.36 -16.52
CA LEU A 525 -62.99 28.00 -16.48
C LEU A 525 -62.10 27.06 -17.25
N ALA A 526 -61.53 27.58 -18.33
CA ALA A 526 -60.64 26.84 -19.19
C ALA A 526 -59.36 26.47 -18.45
N PHE A 527 -58.80 27.47 -17.77
CA PHE A 527 -57.64 27.33 -16.92
C PHE A 527 -57.84 26.23 -15.88
N LEU A 528 -58.94 26.31 -15.13
CA LEU A 528 -59.23 25.39 -14.04
C LEU A 528 -59.32 23.93 -14.49
N GLY A 529 -59.84 23.72 -15.69
CA GLY A 529 -60.11 22.37 -16.15
C GLY A 529 -58.91 21.80 -16.86
N GLU A 530 -58.20 22.64 -17.60
CA GLU A 530 -56.91 22.27 -18.15
C GLU A 530 -55.94 21.85 -17.03
N ASN A 531 -55.98 22.59 -15.92
CA ASN A 531 -55.19 22.21 -14.75
C ASN A 531 -55.53 20.82 -14.26
N ALA A 532 -56.80 20.56 -14.02
CA ALA A 532 -57.22 19.26 -13.53
C ALA A 532 -56.89 18.13 -14.52
N GLU A 533 -56.86 18.47 -15.81
CA GLU A 533 -56.53 17.55 -16.88
CA GLU A 533 -56.55 17.44 -16.79
C GLU A 533 -55.07 17.07 -16.73
N VAL A 534 -54.22 18.06 -16.50
CA VAL A 534 -52.80 17.81 -16.37
C VAL A 534 -52.55 16.98 -15.11
N LYS A 535 -53.26 17.26 -14.04
CA LYS A 535 -53.11 16.44 -12.85
C LYS A 535 -53.49 14.98 -13.08
N GLU A 536 -54.60 14.73 -13.78
CA GLU A 536 -55.04 13.36 -13.98
C GLU A 536 -54.03 12.62 -14.87
N MET A 537 -53.56 13.31 -15.90
CA MET A 537 -52.61 12.73 -16.84
C MET A 537 -51.30 12.25 -16.21
N MET A 538 -50.71 13.11 -15.37
CA MET A 538 -49.40 12.85 -14.80
C MET A 538 -49.44 11.80 -13.71
N THR A 539 -50.56 11.68 -13.01
CA THR A 539 -50.60 10.67 -11.97
C THR A 539 -50.60 9.28 -12.62
N THR A 540 -51.20 9.15 -13.81
CA THR A 540 -51.16 7.84 -14.46
C THR A 540 -49.75 7.54 -15.05
N TRP A 541 -48.93 8.57 -15.24
CA TRP A 541 -47.58 8.31 -15.71
C TRP A 541 -46.70 7.83 -14.56
N THR A 542 -47.15 8.04 -13.33
CA THR A 542 -46.36 7.69 -12.17
C THR A 542 -46.86 6.47 -11.46
N LEU A 543 -48.09 6.06 -11.71
CA LEU A 543 -48.60 4.90 -11.00
C LEU A 543 -48.70 3.68 -11.92
N GLN A 544 -48.72 3.92 -13.23
CA GLN A 544 -48.62 2.82 -14.20
C GLN A 544 -47.17 2.47 -14.55
N LYS A 545 -46.81 1.21 -14.41
CA LYS A 545 -45.52 0.78 -14.97
C LYS A 545 -45.61 0.80 -16.49
N GLY A 546 -44.46 0.84 -17.15
CA GLY A 546 -44.43 0.69 -18.58
C GLY A 546 -44.44 1.95 -19.42
N ILE A 547 -44.16 1.77 -20.69
CA ILE A 547 -44.20 2.81 -21.69
C ILE A 547 -45.23 2.42 -22.77
N PRO A 548 -45.98 3.39 -23.30
CA PRO A 548 -46.94 3.05 -24.35
C PRO A 548 -46.39 3.06 -25.79
N LEU A 549 -46.87 2.14 -26.62
CA LEU A 549 -46.65 2.22 -28.06
C LEU A 549 -47.86 2.88 -28.72
N LEU A 550 -47.58 3.91 -29.53
CA LEU A 550 -48.60 4.59 -30.29
C LEU A 550 -48.57 4.10 -31.72
N VAL A 551 -49.60 3.36 -32.12
CA VAL A 551 -49.67 2.83 -33.49
C VAL A 551 -50.50 3.77 -34.39
N VAL A 552 -49.89 4.17 -35.50
CA VAL A 552 -50.42 5.20 -36.37
C VAL A 552 -50.64 4.70 -37.80
N LYS A 553 -51.92 4.63 -38.21
CA LYS A 553 -52.29 4.32 -39.60
C LYS A 553 -52.82 5.55 -40.34
N GLN A 554 -52.34 5.75 -41.56
CA GLN A 554 -52.67 6.93 -42.33
C GLN A 554 -53.54 6.56 -43.52
N ASP A 555 -54.69 7.22 -43.65
CA ASP A 555 -55.62 6.96 -44.76
C ASP A 555 -55.92 8.23 -45.53
N GLY A 556 -55.01 8.59 -46.42
CA GLY A 556 -55.08 9.88 -47.08
C GLY A 556 -54.96 11.00 -46.06
N CYS A 557 -56.08 11.32 -45.42
CA CYS A 557 -56.11 12.37 -44.41
C CYS A 557 -56.80 11.83 -43.17
N SER A 558 -56.82 10.51 -43.05
CA SER A 558 -57.46 9.86 -41.92
C SER A 558 -56.44 9.13 -41.01
N LEU A 559 -55.68 9.90 -40.22
CA LEU A 559 -54.72 9.34 -39.27
C LEU A 559 -55.45 8.70 -38.09
N ARG A 560 -55.37 7.38 -37.98
CA ARG A 560 -56.05 6.67 -36.91
C ARG A 560 -55.03 6.29 -35.84
N LEU A 561 -55.39 6.46 -34.58
CA LEU A 561 -54.44 6.27 -33.51
C LEU A 561 -54.84 5.14 -32.59
N GLN A 562 -53.90 4.27 -32.25
CA GLN A 562 -54.11 3.30 -31.18
C GLN A 562 -52.95 3.34 -30.19
N GLN A 563 -53.27 3.17 -28.91
CA GLN A 563 -52.25 3.14 -27.88
C GLN A 563 -52.24 1.76 -27.25
N GLU A 564 -51.10 1.41 -26.67
CA GLU A 564 -50.79 0.02 -26.39
C GLU A 564 -49.57 -0.02 -25.48
N ARG A 565 -49.53 -0.98 -24.55
CA ARG A 565 -48.34 -1.13 -23.76
C ARG A 565 -47.26 -1.73 -24.66
N PHE A 566 -46.12 -1.05 -24.72
CA PHE A 566 -45.02 -1.51 -25.54
C PHE A 566 -44.34 -2.64 -24.82
N LEU A 567 -44.05 -3.72 -25.54
CA LEU A 567 -43.52 -4.93 -24.95
C LEU A 567 -42.42 -5.53 -25.80
N GLN A 568 -41.27 -5.67 -25.17
CA GLN A 568 -40.06 -6.13 -25.82
C GLN A 568 -39.99 -7.66 -25.84
N GLY A 569 -39.85 -8.21 -27.05
CA GLY A 569 -39.74 -9.65 -27.26
C GLY A 569 -41.02 -10.42 -27.00
N VAL A 570 -42.15 -9.71 -27.09
CA VAL A 570 -43.45 -10.35 -26.92
C VAL A 570 -44.31 -9.89 -28.08
N PHE A 571 -44.44 -10.74 -29.09
CA PHE A 571 -44.95 -10.31 -30.38
C PHE A 571 -46.43 -9.95 -30.36
N GLN A 572 -46.79 -9.02 -31.27
CA GLN A 572 -48.15 -8.49 -31.42
C GLN A 572 -49.26 -9.51 -31.13
N GLU A 573 -49.05 -10.75 -31.56
CA GLU A 573 -49.99 -11.82 -31.30
C GLU A 573 -49.25 -13.01 -30.69
N ASP A 574 -49.23 -13.02 -29.36
CA ASP A 574 -48.47 -13.96 -28.55
C ASP A 574 -49.39 -14.34 -27.40
N PRO A 575 -49.31 -15.59 -26.91
CA PRO A 575 -50.18 -16.10 -25.85
C PRO A 575 -50.37 -15.13 -24.68
N GLU A 576 -49.26 -14.61 -24.16
CA GLU A 576 -49.28 -13.79 -22.95
C GLU A 576 -49.32 -12.30 -23.28
N TRP A 577 -49.31 -11.97 -24.57
CA TRP A 577 -49.28 -10.57 -24.98
C TRP A 577 -50.55 -9.82 -24.56
N ARG A 578 -51.71 -10.45 -24.73
CA ARG A 578 -52.98 -9.79 -24.41
C ARG A 578 -53.19 -9.66 -22.90
N ALA A 579 -52.64 -10.62 -22.16
CA ALA A 579 -52.74 -10.62 -20.71
C ALA A 579 -51.92 -9.49 -20.08
N LEU A 580 -50.88 -9.04 -20.79
CA LEU A 580 -50.05 -7.95 -20.31
C LEU A 580 -50.60 -6.62 -20.82
N GLN A 581 -51.68 -6.66 -21.60
CA GLN A 581 -52.25 -5.42 -22.14
C GLN A 581 -53.29 -4.78 -21.21
N GLU A 582 -54.13 -5.59 -20.57
CA GLU A 582 -55.05 -5.15 -19.51
C GLU A 582 -55.70 -3.78 -19.68
N ARG A 583 -55.67 -2.99 -18.60
CA ARG A 583 -56.19 -1.64 -18.65
C ARG A 583 -55.03 -0.64 -18.67
N TYR A 584 -53.92 -1.04 -19.27
CA TYR A 584 -52.85 -0.09 -19.51
C TYR A 584 -53.39 1.00 -20.43
N LEU A 585 -53.72 2.13 -19.82
CA LEU A 585 -54.15 3.26 -20.59
C LEU A 585 -53.46 4.51 -20.09
N TRP A 586 -52.96 5.32 -21.00
CA TRP A 586 -52.26 6.55 -20.65
C TRP A 586 -52.97 7.77 -21.23
N HIS A 587 -52.90 8.91 -20.55
CA HIS A 587 -53.21 10.15 -21.23
C HIS A 587 -51.91 10.59 -21.84
N ILE A 588 -51.83 10.56 -23.17
CA ILE A 588 -50.57 10.82 -23.86
C ILE A 588 -50.61 12.09 -24.69
N PRO A 589 -49.80 13.08 -24.31
CA PRO A 589 -49.83 14.33 -25.08
C PRO A 589 -49.04 14.16 -26.36
N LEU A 590 -49.70 13.72 -27.40
CA LEU A 590 -49.03 13.53 -28.68
C LEU A 590 -48.55 14.84 -29.24
N THR A 591 -47.59 14.75 -30.15
CA THR A 591 -47.25 15.85 -31.04
C THR A 591 -46.99 15.23 -32.41
N TYR A 592 -47.07 16.04 -33.46
CA TYR A 592 -46.63 15.64 -34.79
C TYR A 592 -46.45 16.84 -35.71
N SER A 593 -45.64 16.62 -36.73
CA SER A 593 -45.55 17.54 -37.84
C SER A 593 -45.72 16.67 -39.07
N THR A 594 -45.78 17.27 -40.25
CA THR A 594 -45.87 16.46 -41.46
C THR A 594 -44.81 16.86 -42.48
N SER A 595 -44.81 16.17 -43.61
CA SER A 595 -43.86 16.45 -44.68
C SER A 595 -44.17 17.76 -45.37
N SER A 596 -45.42 18.20 -45.26
CA SER A 596 -45.85 19.44 -45.92
C SER A 596 -45.97 20.59 -44.93
N SER A 597 -45.64 20.35 -43.67
CA SER A 597 -45.76 21.41 -42.66
C SER A 597 -44.95 21.13 -41.40
N ASN A 598 -44.03 22.03 -41.09
CA ASN A 598 -43.22 21.93 -39.88
C ASN A 598 -43.98 22.35 -38.62
N VAL A 599 -45.16 22.95 -38.83
CA VAL A 599 -46.05 23.29 -37.74
C VAL A 599 -46.23 22.13 -36.79
N ILE A 600 -46.04 22.39 -35.51
CA ILE A 600 -46.21 21.33 -34.54
C ILE A 600 -47.64 21.31 -34.08
N HIS A 601 -48.34 20.22 -34.39
CA HIS A 601 -49.70 20.04 -33.93
C HIS A 601 -49.70 19.16 -32.71
N ARG A 602 -50.55 19.49 -31.74
CA ARG A 602 -50.60 18.79 -30.47
C ARG A 602 -52.02 18.30 -30.23
N HIS A 603 -52.18 17.25 -29.43
CA HIS A 603 -53.49 16.71 -29.10
C HIS A 603 -53.35 15.56 -28.11
N ILE A 604 -54.16 15.57 -27.04
CA ILE A 604 -54.01 14.58 -25.98
C ILE A 604 -54.85 13.33 -26.18
N LEU A 605 -54.19 12.21 -26.43
CA LEU A 605 -54.87 10.94 -26.52
C LEU A 605 -55.26 10.42 -25.14
N LYS A 606 -56.55 10.47 -24.81
CA LYS A 606 -57.00 10.03 -23.49
C LYS A 606 -57.57 8.62 -23.49
N SER A 607 -57.71 8.04 -24.68
CA SER A 607 -58.37 6.74 -24.79
C SER A 607 -57.61 5.76 -25.68
N LYS A 608 -58.06 4.49 -25.64
CA LYS A 608 -57.42 3.39 -26.35
C LYS A 608 -57.35 3.62 -27.86
N THR A 609 -58.32 4.35 -28.40
CA THR A 609 -58.31 4.62 -29.84
C THR A 609 -58.88 5.99 -30.19
N ASP A 610 -58.52 6.50 -31.37
CA ASP A 610 -58.89 7.85 -31.76
C ASP A 610 -58.45 8.18 -33.18
N THR A 611 -59.02 9.24 -33.74
CA THR A 611 -58.69 9.63 -35.11
C THR A 611 -58.49 11.13 -35.22
N LEU A 612 -57.63 11.53 -36.14
CA LEU A 612 -57.40 12.95 -36.38
C LEU A 612 -57.38 13.18 -37.88
N ASP A 613 -57.57 14.43 -38.31
CA ASP A 613 -57.70 14.72 -39.73
C ASP A 613 -56.60 15.61 -40.27
N LEU A 614 -56.00 15.17 -41.37
CA LEU A 614 -54.81 15.79 -41.91
C LEU A 614 -55.10 16.60 -43.17
N PRO A 615 -55.19 17.93 -43.03
CA PRO A 615 -55.26 18.74 -44.26
C PRO A 615 -54.04 18.50 -45.15
N GLU A 616 -54.28 18.47 -46.46
CA GLU A 616 -53.28 18.38 -47.53
C GLU A 616 -52.88 16.95 -47.89
N LYS A 617 -53.22 15.97 -47.04
CA LYS A 617 -53.05 14.57 -47.41
C LYS A 617 -51.59 14.27 -47.81
N THR A 618 -50.65 14.67 -46.98
CA THR A 618 -49.23 14.69 -47.36
C THR A 618 -48.56 13.32 -47.36
N SER A 619 -47.25 13.32 -47.61
CA SER A 619 -46.47 12.07 -47.70
C SER A 619 -46.31 11.36 -46.35
N TRP A 620 -45.46 11.90 -45.48
CA TRP A 620 -45.25 11.28 -44.17
C TRP A 620 -45.71 12.14 -43.00
N VAL A 621 -46.02 11.45 -41.91
CA VAL A 621 -46.31 12.10 -40.64
C VAL A 621 -45.38 11.58 -39.55
N LYS A 622 -44.71 12.49 -38.84
CA LYS A 622 -43.76 12.11 -37.79
C LYS A 622 -44.27 12.49 -36.41
N PHE A 623 -44.77 11.49 -35.68
CA PHE A 623 -45.24 11.70 -34.31
C PHE A 623 -44.12 11.79 -33.27
N ASN A 624 -44.47 12.33 -32.10
CA ASN A 624 -43.52 12.66 -31.04
C ASN A 624 -42.38 13.52 -31.55
N VAL A 625 -42.62 14.82 -31.77
CA VAL A 625 -41.54 15.65 -32.31
C VAL A 625 -40.35 15.75 -31.34
N ASP A 626 -39.15 15.60 -31.89
CA ASP A 626 -37.92 15.68 -31.11
C ASP A 626 -37.80 14.58 -30.03
N SER A 627 -38.75 13.66 -29.99
CA SER A 627 -38.83 12.60 -29.00
C SER A 627 -39.01 13.12 -27.56
N ASN A 628 -39.71 14.23 -27.39
CA ASN A 628 -39.97 14.73 -26.06
C ASN A 628 -41.02 13.94 -25.29
N GLY A 629 -41.67 12.99 -25.94
CA GLY A 629 -42.70 12.21 -25.28
C GLY A 629 -42.23 10.83 -24.89
N TYR A 630 -42.69 10.37 -23.75
CA TYR A 630 -42.29 9.07 -23.28
C TYR A 630 -43.18 8.01 -23.92
N TYR A 631 -42.99 7.81 -25.22
CA TYR A 631 -43.68 6.75 -25.94
C TYR A 631 -43.02 6.40 -27.29
N ILE A 632 -43.19 5.15 -27.72
CA ILE A 632 -42.70 4.69 -29.01
C ILE A 632 -43.83 4.82 -30.03
N VAL A 633 -43.48 5.18 -31.26
CA VAL A 633 -44.45 5.38 -32.32
C VAL A 633 -44.20 4.38 -33.44
N HIS A 634 -45.24 3.62 -33.77
CA HIS A 634 -45.21 2.68 -34.89
C HIS A 634 -46.16 3.13 -35.99
N TYR A 635 -45.63 3.20 -37.21
CA TYR A 635 -46.43 3.55 -38.37
C TYR A 635 -46.81 2.34 -39.19
N GLU A 636 -48.11 2.20 -39.45
CA GLU A 636 -48.58 1.14 -40.33
C GLU A 636 -48.55 1.56 -41.80
N GLY A 637 -49.05 0.69 -42.67
CA GLY A 637 -49.09 1.00 -44.09
C GLY A 637 -47.68 1.15 -44.61
N HIS A 638 -47.43 2.24 -45.34
CA HIS A 638 -46.10 2.48 -45.87
C HIS A 638 -45.41 3.62 -45.10
N GLY A 639 -45.93 3.94 -43.91
CA GLY A 639 -45.37 4.97 -43.04
C GLY A 639 -43.87 4.89 -42.81
N TRP A 640 -43.38 3.72 -42.40
CA TRP A 640 -41.95 3.52 -42.21
C TRP A 640 -41.15 3.66 -43.51
N ASP A 641 -41.78 3.34 -44.65
CA ASP A 641 -41.09 3.46 -45.92
C ASP A 641 -41.10 4.91 -46.40
N GLN A 642 -42.17 5.64 -46.10
CA GLN A 642 -42.16 7.06 -46.36
C GLN A 642 -40.98 7.70 -45.61
N LEU A 643 -40.86 7.39 -44.32
CA LEU A 643 -39.85 8.02 -43.49
C LEU A 643 -38.46 7.57 -43.89
N ILE A 644 -38.27 6.27 -44.12
CA ILE A 644 -36.97 5.82 -44.59
C ILE A 644 -36.64 6.39 -45.96
N THR A 645 -37.63 6.48 -46.85
CA THR A 645 -37.38 7.09 -48.17
C THR A 645 -36.89 8.51 -47.97
N GLN A 646 -37.64 9.24 -47.17
CA GLN A 646 -37.32 10.62 -46.86
C GLN A 646 -35.88 10.77 -46.37
N LEU A 647 -35.44 9.87 -45.49
CA LEU A 647 -34.10 9.94 -44.91
C LEU A 647 -32.99 9.74 -45.93
N ASN A 648 -33.17 8.77 -46.83
CA ASN A 648 -32.15 8.49 -47.82
C ASN A 648 -32.07 9.59 -48.89
N GLN A 649 -33.15 10.34 -49.06
CA GLN A 649 -33.20 11.35 -50.11
C GLN A 649 -32.92 12.76 -49.60
N ASN A 650 -33.60 13.18 -48.53
CA ASN A 650 -33.22 14.40 -47.83
C ASN A 650 -33.47 14.32 -46.34
N HIS A 651 -32.47 13.79 -45.62
CA HIS A 651 -32.65 13.52 -44.20
C HIS A 651 -32.88 14.80 -43.41
N THR A 652 -32.28 15.89 -43.87
CA THR A 652 -32.43 17.19 -43.25
C THR A 652 -33.88 17.67 -43.13
N LEU A 653 -34.77 17.18 -44.00
CA LEU A 653 -36.19 17.53 -43.91
C LEU A 653 -36.88 16.94 -42.67
N LEU A 654 -36.19 16.07 -41.95
CA LEU A 654 -36.64 15.66 -40.63
C LEU A 654 -35.71 16.34 -39.61
N ARG A 655 -36.25 16.77 -38.48
CA ARG A 655 -35.45 17.40 -37.43
C ARG A 655 -34.39 16.43 -36.87
N PRO A 656 -33.20 16.97 -36.50
CA PRO A 656 -32.09 16.17 -35.98
C PRO A 656 -32.51 15.21 -34.89
N LYS A 657 -33.36 15.64 -33.99
CA LYS A 657 -33.83 14.77 -32.93
C LYS A 657 -34.93 13.85 -33.40
N ASP A 658 -35.63 14.24 -34.45
CA ASP A 658 -36.61 13.33 -35.05
C ASP A 658 -35.82 12.13 -35.62
N ARG A 659 -34.68 12.41 -36.23
CA ARG A 659 -33.84 11.34 -36.75
C ARG A 659 -33.35 10.41 -35.65
N VAL A 660 -32.97 10.97 -34.50
CA VAL A 660 -32.49 10.13 -33.40
C VAL A 660 -33.60 9.22 -32.90
N GLY A 661 -34.81 9.75 -32.78
CA GLY A 661 -35.93 8.98 -32.27
C GLY A 661 -36.42 7.93 -33.26
N LEU A 662 -36.31 8.23 -34.55
CA LEU A 662 -36.69 7.25 -35.58
C LEU A 662 -35.77 6.05 -35.54
N ILE A 663 -34.48 6.32 -35.59
CA ILE A 663 -33.50 5.26 -35.49
C ILE A 663 -33.75 4.42 -34.26
N HIS A 664 -33.93 5.08 -33.11
CA HIS A 664 -34.29 4.35 -31.90
C HIS A 664 -35.55 3.47 -32.05
N ASP A 665 -36.65 4.07 -32.45
CA ASP A 665 -37.91 3.35 -32.56
C ASP A 665 -37.89 2.17 -33.55
N VAL A 666 -37.29 2.35 -34.73
CA VAL A 666 -37.21 1.25 -35.71
C VAL A 666 -36.61 -0.03 -35.10
N PHE A 667 -35.51 0.13 -34.38
CA PHE A 667 -34.84 -1.05 -33.84
C PHE A 667 -35.61 -1.64 -32.66
N GLN A 668 -36.28 -0.80 -31.86
CA GLN A 668 -37.10 -1.33 -30.77
C GLN A 668 -38.23 -2.16 -31.35
N LEU A 669 -38.80 -1.67 -32.44
CA LEU A 669 -39.96 -2.31 -33.01
C LEU A 669 -39.59 -3.65 -33.64
N VAL A 670 -38.42 -3.71 -34.24
CA VAL A 670 -37.86 -4.99 -34.67
C VAL A 670 -37.95 -5.97 -33.52
N GLY A 671 -37.45 -5.57 -32.36
CA GLY A 671 -37.46 -6.44 -31.20
C GLY A 671 -38.88 -6.74 -30.77
N ALA A 672 -39.78 -5.81 -31.08
CA ALA A 672 -41.18 -6.00 -30.76
C ALA A 672 -41.89 -6.90 -31.78
N GLY A 673 -41.14 -7.36 -32.77
CA GLY A 673 -41.71 -8.07 -33.90
C GLY A 673 -42.77 -7.31 -34.71
N ARG A 674 -42.69 -5.98 -34.71
CA ARG A 674 -43.61 -5.20 -35.55
C ARG A 674 -42.97 -4.89 -36.89
N LEU A 675 -41.65 -4.99 -36.92
CA LEU A 675 -40.90 -4.76 -38.12
C LEU A 675 -39.91 -5.89 -38.21
N THR A 676 -39.33 -6.10 -39.38
CA THR A 676 -38.26 -7.07 -39.54
C THR A 676 -36.93 -6.34 -39.56
N LEU A 677 -35.88 -7.06 -39.21
CA LEU A 677 -34.57 -6.45 -39.01
C LEU A 677 -34.05 -5.76 -40.25
N ASP A 678 -34.43 -6.22 -41.43
CA ASP A 678 -33.99 -5.59 -42.68
C ASP A 678 -34.57 -4.19 -42.89
N LYS A 679 -35.68 -3.86 -42.24
CA LYS A 679 -36.16 -2.49 -42.37
C LYS A 679 -35.22 -1.54 -41.63
N ALA A 680 -34.87 -1.90 -40.39
CA ALA A 680 -33.98 -1.10 -39.58
C ALA A 680 -32.57 -0.98 -40.20
N LEU A 681 -31.99 -2.11 -40.60
CA LEU A 681 -30.70 -2.08 -41.28
C LEU A 681 -30.75 -1.22 -42.54
N ASP A 682 -31.87 -1.28 -43.26
CA ASP A 682 -32.07 -0.43 -44.43
C ASP A 682 -31.96 1.04 -44.11
N MET A 683 -32.51 1.45 -42.99
CA MET A 683 -32.37 2.84 -42.55
C MET A 683 -30.91 3.27 -42.34
N THR A 684 -30.09 2.41 -41.74
CA THR A 684 -28.70 2.81 -41.43
C THR A 684 -27.87 3.16 -42.66
N TYR A 685 -28.46 2.95 -43.84
CA TYR A 685 -27.82 3.28 -45.10
C TYR A 685 -27.65 4.79 -45.19
N TYR A 686 -28.62 5.54 -44.71
CA TYR A 686 -28.53 6.99 -44.86
C TYR A 686 -27.40 7.56 -44.02
N LEU A 687 -27.05 6.87 -42.94
CA LEU A 687 -26.08 7.39 -41.97
C LEU A 687 -24.74 7.74 -42.59
N GLN A 688 -24.57 7.41 -43.86
CA GLN A 688 -23.33 7.72 -44.56
C GLN A 688 -23.28 9.21 -44.85
N HIS A 689 -24.44 9.82 -44.99
CA HIS A 689 -24.50 11.26 -45.21
C HIS A 689 -24.71 12.04 -43.91
N GLU A 690 -25.12 11.36 -42.84
CA GLU A 690 -25.47 12.02 -41.58
C GLU A 690 -24.30 12.69 -40.84
N THR A 691 -24.42 14.00 -40.61
CA THR A 691 -23.39 14.76 -39.89
C THR A 691 -23.83 15.22 -38.50
N SER A 692 -25.11 15.06 -38.20
CA SER A 692 -25.59 15.24 -36.85
C SER A 692 -25.14 14.10 -35.97
N SER A 693 -24.14 14.37 -35.12
CA SER A 693 -23.48 13.32 -34.35
C SER A 693 -24.41 12.41 -33.55
N PRO A 694 -25.45 12.95 -32.89
CA PRO A 694 -26.26 12.03 -32.09
C PRO A 694 -26.94 10.92 -32.88
N ALA A 695 -27.47 11.24 -34.06
CA ALA A 695 -28.14 10.22 -34.85
C ALA A 695 -27.10 9.27 -35.43
N LEU A 696 -25.97 9.82 -35.90
CA LEU A 696 -24.88 8.99 -36.41
C LEU A 696 -24.46 7.94 -35.39
N LEU A 697 -24.36 8.38 -34.13
CA LEU A 697 -23.87 7.51 -33.06
C LEU A 697 -24.95 6.55 -32.55
N GLU A 698 -26.19 7.01 -32.55
CA GLU A 698 -27.30 6.10 -32.29
C GLU A 698 -27.24 4.91 -33.28
N GLY A 699 -27.24 5.20 -34.58
CA GLY A 699 -27.19 4.18 -35.63
C GLY A 699 -25.99 3.26 -35.49
N LEU A 700 -24.81 3.82 -35.32
CA LEU A 700 -23.60 3.03 -35.18
C LEU A 700 -23.70 2.07 -34.02
N SER A 701 -24.25 2.56 -32.92
CA SER A 701 -24.24 1.80 -31.68
C SER A 701 -25.05 0.51 -31.83
N TYR A 702 -26.10 0.54 -32.65
CA TYR A 702 -26.84 -0.68 -32.96
C TYR A 702 -25.98 -1.65 -33.78
N LEU A 703 -25.26 -1.14 -34.79
CA LEU A 703 -24.39 -2.01 -35.57
C LEU A 703 -23.27 -2.57 -34.69
N GLU A 704 -22.75 -1.72 -33.80
CA GLU A 704 -21.68 -2.17 -32.93
C GLU A 704 -22.21 -3.20 -31.95
N SER A 705 -23.46 -3.03 -31.57
CA SER A 705 -24.01 -3.88 -30.55
C SER A 705 -24.18 -5.29 -31.09
N PHE A 706 -24.62 -5.37 -32.34
CA PHE A 706 -24.77 -6.66 -33.01
C PHE A 706 -23.43 -7.35 -33.15
N TYR A 707 -22.39 -6.59 -33.47
CA TYR A 707 -21.07 -7.19 -33.64
C TYR A 707 -20.61 -7.88 -32.35
N HIS A 708 -20.82 -7.20 -31.21
CA HIS A 708 -20.38 -7.79 -29.97
C HIS A 708 -21.26 -8.98 -29.64
N MET A 709 -22.55 -8.84 -29.92
CA MET A 709 -23.46 -9.96 -29.75
C MET A 709 -22.99 -11.19 -30.53
N MET A 710 -22.68 -11.01 -31.80
CA MET A 710 -22.17 -12.12 -32.61
C MET A 710 -20.86 -12.60 -32.04
N ASP A 711 -20.00 -11.66 -31.69
CA ASP A 711 -18.66 -12.01 -31.31
C ASP A 711 -18.65 -12.75 -29.98
N ARG A 712 -19.62 -12.44 -29.13
CA ARG A 712 -19.76 -13.12 -27.85
C ARG A 712 -19.99 -14.61 -28.04
N ARG A 713 -20.92 -14.95 -28.91
CA ARG A 713 -21.03 -16.31 -29.44
C ARG A 713 -19.88 -16.50 -30.44
N ASN A 714 -19.82 -17.58 -31.20
CA ASN A 714 -18.72 -17.59 -32.18
C ASN A 714 -19.28 -17.46 -33.57
N ILE A 715 -20.32 -16.67 -33.69
CA ILE A 715 -20.95 -16.45 -34.98
C ILE A 715 -20.03 -15.56 -35.83
N SER A 716 -18.88 -16.11 -36.19
CA SER A 716 -17.80 -15.31 -36.72
C SER A 716 -18.03 -14.85 -38.17
N ASP A 717 -18.85 -15.55 -38.94
CA ASP A 717 -19.08 -15.12 -40.31
C ASP A 717 -19.95 -13.87 -40.39
N ILE A 718 -20.86 -13.71 -39.43
CA ILE A 718 -21.66 -12.49 -39.35
C ILE A 718 -20.85 -11.36 -38.69
N SER A 719 -20.11 -11.67 -37.61
CA SER A 719 -19.34 -10.62 -36.98
C SER A 719 -18.31 -10.07 -37.96
N GLU A 720 -17.74 -10.95 -38.80
CA GLU A 720 -16.76 -10.48 -39.78
C GLU A 720 -17.42 -9.62 -40.83
N ASN A 721 -18.65 -9.92 -41.20
CA ASN A 721 -19.28 -9.08 -42.22
C ASN A 721 -19.65 -7.71 -41.64
N LEU A 722 -19.97 -7.69 -40.35
CA LEU A 722 -20.30 -6.45 -39.68
C LEU A 722 -19.04 -5.63 -39.54
N LYS A 723 -17.92 -6.31 -39.29
CA LYS A 723 -16.63 -5.65 -39.21
C LYS A 723 -16.37 -4.98 -40.56
N ARG A 724 -16.50 -5.74 -41.64
CA ARG A 724 -16.24 -5.18 -42.97
C ARG A 724 -17.26 -4.12 -43.34
N TYR A 725 -18.52 -4.27 -42.94
CA TYR A 725 -19.48 -3.24 -43.32
C TYR A 725 -19.24 -1.89 -42.59
N LEU A 726 -18.74 -1.93 -41.35
CA LEU A 726 -18.53 -0.69 -40.58
C LEU A 726 -17.24 0.04 -40.99
N LEU A 727 -16.16 -0.68 -41.16
CA LEU A 727 -14.92 -0.07 -41.59
C LEU A 727 -15.02 0.49 -43.01
N GLN A 728 -15.87 -0.10 -43.84
CA GLN A 728 -15.95 0.29 -45.25
C GLN A 728 -17.02 1.35 -45.52
N TYR A 729 -18.27 1.03 -45.22
CA TYR A 729 -19.30 2.03 -45.05
C TYR A 729 -18.95 2.70 -43.75
N PHE A 730 -18.58 3.98 -43.77
CA PHE A 730 -18.10 4.79 -42.60
C PHE A 730 -16.60 4.95 -42.63
N LYS A 731 -15.96 4.46 -43.67
CA LYS A 731 -14.54 4.75 -43.85
C LYS A 731 -14.29 6.26 -43.95
N PRO A 732 -15.12 6.99 -44.72
CA PRO A 732 -14.88 8.44 -44.77
C PRO A 732 -14.80 9.08 -43.39
N VAL A 733 -15.80 8.84 -42.55
CA VAL A 733 -15.81 9.47 -41.23
C VAL A 733 -14.63 9.02 -40.36
N ILE A 734 -14.41 7.71 -40.23
CA ILE A 734 -13.32 7.22 -39.41
C ILE A 734 -11.95 7.78 -39.84
N ASP A 735 -11.72 7.87 -41.13
CA ASP A 735 -10.43 8.38 -41.59
C ASP A 735 -10.26 9.90 -41.35
N ARG A 736 -11.34 10.58 -41.00
CA ARG A 736 -11.34 12.04 -40.90
C ARG A 736 -10.83 12.51 -39.53
N GLN A 737 -10.42 11.57 -38.70
CA GLN A 737 -10.29 11.84 -37.28
C GLN A 737 -8.84 11.94 -36.82
N SER A 738 -8.49 13.04 -36.16
CA SER A 738 -7.11 13.23 -35.75
C SER A 738 -6.85 12.50 -34.45
N TRP A 739 -5.61 12.18 -34.14
CA TRP A 739 -5.30 11.65 -32.82
C TRP A 739 -4.86 12.81 -31.95
N SER A 740 -5.81 13.71 -31.68
CA SER A 740 -5.59 14.93 -30.90
C SER A 740 -6.75 15.27 -29.95
N ASP A 741 -6.66 16.41 -29.29
CA ASP A 741 -7.76 16.90 -28.44
C ASP A 741 -8.47 18.10 -29.05
N LYS A 742 -8.43 18.25 -30.37
CA LYS A 742 -8.83 19.51 -31.01
C LYS A 742 -10.30 19.61 -31.31
N GLY A 743 -10.77 20.78 -31.75
CA GLY A 743 -12.16 20.98 -32.12
C GLY A 743 -13.11 21.15 -30.94
N SER A 744 -14.39 21.26 -31.25
CA SER A 744 -15.41 21.42 -30.22
C SER A 744 -15.62 20.16 -29.39
N VAL A 745 -16.50 20.26 -28.40
CA VAL A 745 -16.79 19.12 -27.54
C VAL A 745 -17.33 17.94 -28.34
N TRP A 746 -18.30 18.17 -29.22
CA TRP A 746 -18.80 17.08 -30.06
C TRP A 746 -17.69 16.47 -30.92
N ASP A 747 -16.89 17.30 -31.58
CA ASP A 747 -15.77 16.81 -32.37
C ASP A 747 -14.93 15.85 -31.55
N ARG A 748 -14.58 16.30 -30.35
CA ARG A 748 -13.73 15.55 -29.43
C ARG A 748 -14.35 14.22 -29.06
N MET A 749 -15.67 14.20 -28.90
CA MET A 749 -16.36 12.97 -28.53
C MET A 749 -16.70 12.09 -29.73
N LEU A 750 -16.86 12.68 -30.90
CA LEU A 750 -17.01 11.88 -32.12
C LEU A 750 -15.75 11.08 -32.33
N ARG A 751 -14.62 11.72 -32.07
CA ARG A 751 -13.30 11.14 -32.27
C ARG A 751 -13.02 9.92 -31.39
N SER A 752 -13.29 10.05 -30.10
CA SER A 752 -12.94 8.96 -29.19
C SER A 752 -13.89 7.82 -29.44
N ALA A 753 -15.08 8.18 -29.87
CA ALA A 753 -16.11 7.22 -30.20
C ALA A 753 -15.69 6.41 -31.43
N LEU A 754 -15.42 7.10 -32.54
CA LEU A 754 -15.05 6.42 -33.78
C LEU A 754 -13.72 5.68 -33.69
N LEU A 755 -12.75 6.26 -32.98
CA LEU A 755 -11.43 5.64 -32.95
C LEU A 755 -11.48 4.44 -32.03
N LYS A 756 -12.35 4.48 -31.03
CA LYS A 756 -12.50 3.32 -30.17
C LYS A 756 -13.05 2.17 -31.01
N LEU A 757 -14.07 2.51 -31.81
CA LEU A 757 -14.74 1.59 -32.69
C LEU A 757 -13.77 0.99 -33.68
N ALA A 758 -13.01 1.84 -34.36
CA ALA A 758 -12.03 1.32 -35.32
C ALA A 758 -11.02 0.40 -34.65
N CYS A 759 -10.61 0.73 -33.43
CA CYS A 759 -9.63 -0.10 -32.73
C CYS A 759 -10.25 -1.38 -32.20
N ASP A 760 -11.54 -1.32 -31.91
CA ASP A 760 -12.24 -2.51 -31.47
C ASP A 760 -12.39 -3.52 -32.60
N LEU A 761 -12.60 -3.04 -33.83
CA LEU A 761 -12.71 -3.94 -34.99
C LEU A 761 -11.35 -4.24 -35.60
N ASN A 762 -10.29 -4.02 -34.82
CA ASN A 762 -8.91 -4.35 -35.23
C ASN A 762 -8.48 -3.72 -36.55
N HIS A 763 -9.10 -2.60 -36.89
CA HIS A 763 -8.74 -1.82 -38.06
C HIS A 763 -7.25 -1.49 -38.01
N ALA A 764 -6.50 -2.05 -38.94
CA ALA A 764 -5.05 -2.06 -38.88
C ALA A 764 -4.37 -0.70 -38.67
N PRO A 765 -4.76 0.32 -39.45
CA PRO A 765 -3.99 1.56 -39.35
C PRO A 765 -4.16 2.17 -37.97
N CYS A 766 -5.41 2.14 -37.53
CA CYS A 766 -5.80 2.52 -36.19
C CYS A 766 -4.94 1.82 -35.14
N ILE A 767 -4.96 0.49 -35.14
CA ILE A 767 -4.20 -0.30 -34.17
C ILE A 767 -2.72 0.05 -34.24
N GLN A 768 -2.25 0.36 -35.43
CA GLN A 768 -0.87 0.75 -35.64
C GLN A 768 -0.55 2.07 -34.93
N LYS A 769 -1.33 3.09 -35.26
CA LYS A 769 -1.15 4.42 -34.66
C LYS A 769 -1.14 4.40 -33.13
N ALA A 770 -2.10 3.69 -32.53
CA ALA A 770 -2.19 3.63 -31.08
C ALA A 770 -0.98 2.91 -30.48
N ALA A 771 -0.62 1.79 -31.09
CA ALA A 771 0.58 1.05 -30.74
C ALA A 771 1.80 1.95 -30.77
N GLU A 772 1.91 2.77 -31.80
CA GLU A 772 3.03 3.69 -31.87
C GLU A 772 3.00 4.66 -30.69
N LEU A 773 1.89 5.38 -30.55
CA LEU A 773 1.72 6.33 -29.43
C LEU A 773 2.02 5.68 -28.09
N PHE A 774 1.60 4.43 -27.91
CA PHE A 774 1.84 3.80 -26.63
C PHE A 774 3.32 3.59 -26.43
N SER A 775 3.98 3.11 -27.48
CA SER A 775 5.40 2.84 -27.46
C SER A 775 6.19 4.11 -27.12
N GLN A 776 5.95 5.19 -27.86
CA GLN A 776 6.60 6.46 -27.55
C GLN A 776 6.40 6.88 -26.10
N TRP A 777 5.18 6.68 -25.62
CA TRP A 777 4.86 7.06 -24.25
C TRP A 777 5.69 6.23 -23.28
N MET A 778 5.60 4.91 -23.41
CA MET A 778 6.25 4.02 -22.45
C MET A 778 7.78 4.18 -22.52
N GLU A 779 8.31 4.38 -23.73
CA GLU A 779 9.74 4.56 -23.88
C GLU A 779 10.18 5.91 -23.31
N SER A 780 9.33 6.92 -23.39
CA SER A 780 9.71 8.23 -22.90
C SER A 780 9.45 8.35 -21.40
N SER A 781 9.11 7.23 -20.78
CA SER A 781 8.69 7.19 -19.38
C SER A 781 7.73 8.34 -19.06
N GLY A 782 6.58 8.32 -19.73
CA GLY A 782 5.52 9.27 -19.47
C GLY A 782 5.79 10.72 -19.85
N LYS A 783 7.00 11.01 -20.30
CA LYS A 783 7.39 12.41 -20.55
C LYS A 783 6.82 12.93 -21.87
N LEU A 784 6.23 12.05 -22.65
CA LEU A 784 5.42 12.47 -23.79
C LEU A 784 3.96 12.49 -23.36
N ASN A 785 3.12 13.19 -24.11
CA ASN A 785 1.71 13.32 -23.74
C ASN A 785 0.82 12.61 -24.75
N ILE A 786 -0.01 11.70 -24.27
CA ILE A 786 -1.03 11.20 -25.16
C ILE A 786 -2.19 12.16 -25.06
N PRO A 787 -2.70 12.63 -26.22
CA PRO A 787 -3.93 13.45 -26.19
C PRO A 787 -5.05 12.73 -25.43
N THR A 788 -5.85 13.46 -24.67
CA THR A 788 -6.71 12.81 -23.67
C THR A 788 -7.84 12.03 -24.30
N ASP A 789 -8.29 12.47 -25.46
CA ASP A 789 -9.42 11.85 -26.10
C ASP A 789 -9.11 10.46 -26.62
N VAL A 790 -7.87 10.04 -26.46
CA VAL A 790 -7.34 8.95 -27.23
C VAL A 790 -6.58 8.08 -26.26
N LEU A 791 -6.44 8.63 -25.06
CA LEU A 791 -5.75 7.99 -23.97
C LEU A 791 -6.19 6.57 -23.69
N LYS A 792 -7.49 6.37 -23.48
CA LYS A 792 -7.99 5.05 -23.17
C LYS A 792 -7.71 4.05 -24.31
N ILE A 793 -7.86 4.52 -25.55
CA ILE A 793 -7.61 3.65 -26.68
C ILE A 793 -6.14 3.27 -26.74
N VAL A 794 -5.27 4.28 -26.59
CA VAL A 794 -3.84 4.01 -26.63
C VAL A 794 -3.44 3.04 -25.52
N TYR A 795 -3.94 3.25 -24.31
CA TYR A 795 -3.57 2.36 -23.20
C TYR A 795 -4.04 0.94 -23.45
N SER A 796 -5.26 0.77 -23.94
CA SER A 796 -5.76 -0.58 -24.14
C SER A 796 -4.99 -1.29 -25.24
N VAL A 797 -4.64 -0.60 -26.33
CA VAL A 797 -3.81 -1.26 -27.33
C VAL A 797 -2.48 -1.62 -26.68
N GLY A 798 -1.98 -0.68 -25.88
CA GLY A 798 -0.74 -0.93 -25.17
C GLY A 798 -0.78 -2.13 -24.26
N ALA A 799 -1.98 -2.48 -23.80
CA ALA A 799 -2.15 -3.52 -22.79
C ALA A 799 -2.22 -4.92 -23.40
N GLN A 800 -2.14 -4.98 -24.72
CA GLN A 800 -2.24 -6.27 -25.41
C GLN A 800 -0.95 -7.06 -25.31
N THR A 801 0.11 -6.46 -24.79
CA THR A 801 1.33 -7.22 -24.49
C THR A 801 1.65 -7.22 -23.01
N THR A 802 2.22 -8.33 -22.56
CA THR A 802 2.58 -8.49 -21.16
C THR A 802 3.48 -7.35 -20.68
N ALA A 803 4.32 -6.82 -21.55
CA ALA A 803 5.20 -5.72 -21.16
C ALA A 803 4.39 -4.44 -20.98
N GLY A 804 3.65 -4.07 -22.01
CA GLY A 804 2.73 -2.93 -21.95
C GLY A 804 1.78 -3.06 -20.78
N TRP A 805 1.20 -4.24 -20.62
CA TRP A 805 0.23 -4.49 -19.56
C TRP A 805 0.87 -4.24 -18.20
N ASN A 806 2.01 -4.89 -17.96
CA ASN A 806 2.77 -4.72 -16.71
C ASN A 806 3.16 -3.27 -16.47
N TYR A 807 3.52 -2.57 -17.55
CA TYR A 807 3.88 -1.18 -17.43
C TYR A 807 2.67 -0.34 -17.00
N LEU A 808 1.51 -0.61 -17.57
CA LEU A 808 0.30 0.13 -17.25
C LEU A 808 -0.05 -0.06 -15.80
N LEU A 809 0.04 -1.30 -15.32
CA LEU A 809 -0.30 -1.62 -13.94
C LEU A 809 0.59 -0.88 -12.96
N GLU A 810 1.83 -0.67 -13.38
CA GLU A 810 2.77 0.04 -12.55
C GLU A 810 2.38 1.51 -12.52
N GLN A 811 2.12 2.10 -13.68
CA GLN A 811 1.61 3.47 -13.76
C GLN A 811 0.36 3.65 -12.91
N TYR A 812 -0.45 2.60 -12.82
CA TYR A 812 -1.69 2.70 -12.06
C TYR A 812 -1.40 3.05 -10.61
N GLU A 813 -0.42 2.38 -10.01
CA GLU A 813 -0.11 2.57 -8.60
C GLU A 813 0.59 3.90 -8.30
N LEU A 814 1.16 4.51 -9.32
CA LEU A 814 1.87 5.77 -9.17
C LEU A 814 1.02 7.00 -9.54
N SER A 815 -0.05 6.80 -10.28
CA SER A 815 -0.75 7.93 -10.88
C SER A 815 -1.50 8.76 -9.85
N MET A 816 -1.57 10.05 -10.12
CA MET A 816 -2.22 11.00 -9.23
C MET A 816 -3.47 11.54 -9.88
N SER A 817 -3.81 11.04 -11.05
CA SER A 817 -5.10 11.34 -11.66
C SER A 817 -6.00 10.12 -11.61
N SER A 818 -7.09 10.22 -10.85
CA SER A 818 -8.04 9.14 -10.77
C SER A 818 -8.75 8.91 -12.10
N ALA A 819 -8.91 9.98 -12.88
CA ALA A 819 -9.44 9.81 -14.20
C ALA A 819 -8.47 8.93 -14.99
N GLU A 820 -7.17 9.17 -14.86
CA GLU A 820 -6.20 8.37 -15.59
C GLU A 820 -6.23 6.92 -15.14
N GLN A 821 -6.31 6.72 -13.83
CA GLN A 821 -6.38 5.39 -13.26
C GLN A 821 -7.56 4.62 -13.79
N ASN A 822 -8.66 5.34 -13.99
CA ASN A 822 -9.88 4.79 -14.50
C ASN A 822 -9.67 4.23 -15.92
N LYS A 823 -8.93 4.96 -16.74
CA LYS A 823 -8.70 4.54 -18.11
C LYS A 823 -7.71 3.39 -18.17
N ILE A 824 -6.72 3.43 -17.29
CA ILE A 824 -5.77 2.34 -17.17
C ILE A 824 -6.47 1.04 -16.80
N LEU A 825 -7.33 1.13 -15.81
CA LEU A 825 -7.99 -0.05 -15.32
C LEU A 825 -8.93 -0.60 -16.42
N TYR A 826 -9.53 0.27 -17.22
CA TYR A 826 -10.24 -0.22 -18.39
C TYR A 826 -9.30 -0.99 -19.31
N ALA A 827 -8.15 -0.39 -19.61
CA ALA A 827 -7.17 -0.98 -20.54
C ALA A 827 -6.75 -2.36 -20.09
N LEU A 828 -6.42 -2.48 -18.81
CA LEU A 828 -5.93 -3.75 -18.30
C LEU A 828 -7.03 -4.78 -18.50
N SER A 829 -8.27 -4.31 -18.46
CA SER A 829 -9.40 -5.21 -18.53
C SER A 829 -9.66 -5.68 -19.98
N THR A 830 -9.00 -5.06 -20.96
CA THR A 830 -9.17 -5.49 -22.35
C THR A 830 -8.17 -6.58 -22.73
N SER A 831 -7.47 -7.12 -21.74
CA SER A 831 -6.46 -8.11 -21.97
C SER A 831 -7.06 -9.43 -22.44
N LYS A 832 -6.40 -10.08 -23.39
CA LYS A 832 -6.85 -11.38 -23.88
C LYS A 832 -6.43 -12.54 -22.95
N HIS A 833 -5.40 -12.36 -22.12
CA HIS A 833 -4.91 -13.40 -21.20
C HIS A 833 -5.74 -13.56 -19.93
N GLN A 834 -6.28 -14.76 -19.72
CA GLN A 834 -7.01 -15.07 -18.51
C GLN A 834 -6.23 -14.83 -17.22
N GLU A 835 -4.93 -15.08 -17.26
CA GLU A 835 -4.09 -14.85 -16.08
C GLU A 835 -4.20 -13.40 -15.62
N LYS A 836 -4.29 -12.48 -16.57
CA LYS A 836 -4.30 -11.06 -16.24
C LYS A 836 -5.63 -10.64 -15.64
N LEU A 837 -6.71 -10.95 -16.36
CA LEU A 837 -8.08 -10.60 -15.95
C LEU A 837 -8.40 -11.13 -14.55
N LEU A 838 -7.96 -12.35 -14.26
CA LEU A 838 -8.12 -12.92 -12.94
C LEU A 838 -7.33 -12.16 -11.89
N LYS A 839 -6.13 -11.73 -12.27
CA LYS A 839 -5.29 -10.95 -11.36
C LYS A 839 -5.98 -9.64 -11.02
N LEU A 840 -6.52 -8.96 -12.04
CA LEU A 840 -7.31 -7.74 -11.81
C LEU A 840 -8.38 -8.00 -10.79
N ILE A 841 -9.17 -9.05 -11.03
CA ILE A 841 -10.28 -9.40 -10.15
C ILE A 841 -9.76 -9.68 -8.75
N GLU A 842 -8.70 -10.47 -8.68
CA GLU A 842 -8.14 -10.85 -7.39
C GLU A 842 -7.58 -9.64 -6.65
N LEU A 843 -6.91 -8.74 -7.37
CA LEU A 843 -6.44 -7.50 -6.76
C LEU A 843 -7.60 -6.73 -6.16
N GLY A 844 -8.69 -6.60 -6.93
CA GLY A 844 -9.86 -5.87 -6.50
C GLY A 844 -10.56 -6.48 -5.30
N MET A 845 -10.43 -7.79 -5.13
CA MET A 845 -10.92 -8.44 -3.93
C MET A 845 -10.14 -7.93 -2.71
N GLU A 846 -8.80 -7.86 -2.83
CA GLU A 846 -7.94 -7.33 -1.77
C GLU A 846 -8.24 -5.89 -1.39
N GLY A 847 -8.62 -5.08 -2.38
CA GLY A 847 -8.90 -3.68 -2.12
C GLY A 847 -7.66 -2.88 -1.76
N LYS A 848 -6.46 -3.45 -1.96
CA LYS A 848 -5.24 -2.72 -1.63
C LYS A 848 -4.77 -1.90 -2.83
N VAL A 849 -4.23 -2.57 -3.84
CA VAL A 849 -3.80 -1.92 -5.06
C VAL A 849 -4.96 -1.28 -5.81
N ILE A 850 -5.96 -2.09 -6.11
CA ILE A 850 -7.19 -1.60 -6.73
C ILE A 850 -8.30 -1.55 -5.68
N LYS A 851 -8.81 -0.35 -5.43
CA LYS A 851 -9.75 -0.11 -4.35
C LYS A 851 -11.09 -0.82 -4.61
N THR A 852 -11.81 -1.19 -3.56
CA THR A 852 -13.00 -2.00 -3.73
C THR A 852 -14.19 -1.21 -4.30
N GLN A 853 -14.14 0.12 -4.23
CA GLN A 853 -15.13 0.92 -4.94
C GLN A 853 -15.02 0.71 -6.47
N ASN A 854 -14.10 -0.11 -6.92
CA ASN A 854 -13.97 -0.34 -8.37
C ASN A 854 -14.26 -1.76 -8.80
N LEU A 855 -14.50 -2.63 -7.83
CA LEU A 855 -14.64 -4.05 -8.08
C LEU A 855 -15.84 -4.34 -8.98
N ALA A 856 -16.98 -3.75 -8.65
CA ALA A 856 -18.15 -3.90 -9.50
C ALA A 856 -17.90 -3.43 -10.94
N ALA A 857 -17.26 -2.29 -11.12
CA ALA A 857 -17.02 -1.75 -12.46
C ALA A 857 -16.04 -2.66 -13.22
N LEU A 858 -15.07 -3.20 -12.50
CA LEU A 858 -14.07 -4.05 -13.07
C LEU A 858 -14.64 -5.39 -13.57
N LEU A 859 -15.49 -6.03 -12.77
CA LEU A 859 -16.12 -7.28 -13.19
C LEU A 859 -16.99 -7.04 -14.40
N HIS A 860 -17.60 -5.85 -14.44
CA HIS A 860 -18.48 -5.48 -15.55
C HIS A 860 -17.69 -5.34 -16.84
N ALA A 861 -16.47 -4.85 -16.71
CA ALA A 861 -15.63 -4.51 -17.86
C ALA A 861 -15.06 -5.80 -18.45
N ILE A 862 -14.62 -6.67 -17.55
CA ILE A 862 -14.12 -7.96 -17.93
C ILE A 862 -15.24 -8.80 -18.55
N ALA A 863 -16.43 -8.76 -17.97
CA ALA A 863 -17.48 -9.70 -18.37
C ALA A 863 -18.01 -9.47 -19.79
N ARG A 864 -17.88 -8.27 -20.31
CA ARG A 864 -18.56 -7.96 -21.57
C ARG A 864 -17.69 -8.23 -22.76
N ARG A 865 -16.46 -8.69 -22.51
CA ARG A 865 -15.58 -9.10 -23.60
C ARG A 865 -15.53 -10.62 -23.65
N PRO A 866 -15.48 -11.19 -24.85
CA PRO A 866 -15.53 -12.65 -25.01
C PRO A 866 -14.56 -13.41 -24.14
N LYS A 867 -13.32 -12.93 -24.07
CA LYS A 867 -12.30 -13.58 -23.26
C LYS A 867 -12.59 -13.52 -21.77
N GLY A 868 -13.50 -12.61 -21.38
CA GLY A 868 -13.74 -12.41 -19.98
C GLY A 868 -15.06 -12.92 -19.44
N GLN A 869 -16.03 -13.19 -20.30
CA GLN A 869 -17.39 -13.39 -19.79
C GLN A 869 -17.48 -14.61 -18.90
N GLN A 870 -16.86 -15.71 -19.30
CA GLN A 870 -16.98 -16.97 -18.58
C GLN A 870 -16.28 -16.87 -17.25
N LEU A 871 -15.03 -16.42 -17.31
CA LEU A 871 -14.21 -16.18 -16.12
C LEU A 871 -14.94 -15.33 -15.06
N ALA A 872 -15.52 -14.23 -15.50
CA ALA A 872 -16.29 -13.36 -14.63
C ALA A 872 -17.55 -14.07 -14.07
N TRP A 873 -18.30 -14.74 -14.93
CA TRP A 873 -19.45 -15.51 -14.47
C TRP A 873 -19.04 -16.59 -13.46
N ASP A 874 -17.94 -17.29 -13.71
CA ASP A 874 -17.46 -18.27 -12.75
C ASP A 874 -17.09 -17.59 -11.44
N PHE A 875 -16.35 -16.49 -11.55
CA PHE A 875 -15.88 -15.83 -10.35
C PHE A 875 -17.06 -15.45 -9.45
N VAL A 876 -18.06 -14.77 -10.01
CA VAL A 876 -19.22 -14.35 -9.23
C VAL A 876 -19.93 -15.52 -8.56
N ARG A 877 -20.09 -16.64 -9.24
CA ARG A 877 -20.78 -17.77 -8.59
C ARG A 877 -19.91 -18.47 -7.53
N GLU A 878 -18.61 -18.53 -7.74
CA GLU A 878 -17.74 -19.23 -6.80
C GLU A 878 -17.26 -18.35 -5.65
N ASN A 879 -17.74 -17.12 -5.56
CA ASN A 879 -17.32 -16.18 -4.52
C ASN A 879 -18.43 -15.26 -4.07
N TRP A 880 -19.67 -15.72 -4.20
CA TRP A 880 -20.84 -14.90 -3.91
C TRP A 880 -20.88 -14.50 -2.44
N THR A 881 -20.62 -15.48 -1.57
CA THR A 881 -20.65 -15.27 -0.14
C THR A 881 -19.64 -14.18 0.23
N HIS A 882 -18.51 -14.19 -0.46
CA HIS A 882 -17.44 -13.22 -0.20
C HIS A 882 -17.82 -11.82 -0.70
N LEU A 883 -18.44 -11.75 -1.87
CA LEU A 883 -18.87 -10.48 -2.43
C LEU A 883 -19.84 -9.79 -1.47
N LEU A 884 -20.64 -10.59 -0.80
CA LEU A 884 -21.67 -10.07 0.10
C LEU A 884 -21.12 -9.53 1.40
N LYS A 885 -19.93 -9.99 1.81
CA LYS A 885 -19.30 -9.44 3.00
C LYS A 885 -18.81 -8.03 2.70
N LYS A 886 -18.50 -7.79 1.42
CA LYS A 886 -18.03 -6.47 1.01
C LYS A 886 -19.18 -5.49 0.77
N PHE A 887 -20.31 -5.97 0.22
CA PHE A 887 -21.40 -5.04 -0.15
C PHE A 887 -22.78 -5.39 0.40
N ASP A 888 -23.62 -4.36 0.56
CA ASP A 888 -25.07 -4.52 0.78
C ASP A 888 -25.74 -5.24 -0.41
N LEU A 889 -26.88 -5.87 -0.17
CA LEU A 889 -27.50 -6.74 -1.18
C LEU A 889 -28.18 -6.14 -2.43
N GLY A 890 -28.93 -5.03 -2.38
CA GLY A 890 -28.74 -3.90 -1.52
C GLY A 890 -28.01 -2.95 -2.44
N SER A 891 -26.68 -2.98 -2.37
CA SER A 891 -25.82 -1.96 -2.98
C SER A 891 -25.99 -1.87 -4.49
N TYR A 892 -25.64 -0.71 -5.05
CA TYR A 892 -25.55 -0.58 -6.50
C TYR A 892 -24.50 -1.53 -7.03
N ASP A 893 -23.51 -1.81 -6.19
CA ASP A 893 -22.41 -2.69 -6.56
C ASP A 893 -22.90 -4.11 -6.86
N ILE A 894 -23.64 -4.73 -5.93
CA ILE A 894 -24.21 -6.06 -6.16
C ILE A 894 -25.15 -6.10 -7.40
N ARG A 895 -25.93 -5.06 -7.57
CA ARG A 895 -26.81 -4.97 -8.72
C ARG A 895 -26.00 -4.85 -10.02
N MET A 896 -24.86 -4.18 -9.96
CA MET A 896 -24.03 -4.05 -11.15
C MET A 896 -23.28 -5.34 -11.39
N ILE A 897 -22.81 -5.97 -10.33
CA ILE A 897 -22.09 -7.22 -10.44
C ILE A 897 -22.97 -8.31 -11.05
N ILE A 898 -24.20 -8.39 -10.58
CA ILE A 898 -25.14 -9.36 -11.10
C ILE A 898 -25.50 -9.12 -12.58
N SER A 899 -26.07 -7.95 -12.89
CA SER A 899 -26.41 -7.63 -14.25
C SER A 899 -25.19 -7.59 -15.17
N GLY A 900 -24.06 -7.13 -14.63
CA GLY A 900 -22.86 -6.97 -15.43
C GLY A 900 -22.29 -8.30 -15.87
N THR A 901 -22.58 -9.36 -15.14
CA THR A 901 -21.97 -10.62 -15.50
C THR A 901 -22.94 -11.56 -16.21
N THR A 902 -24.22 -11.18 -16.28
CA THR A 902 -25.25 -12.06 -16.82
C THR A 902 -26.09 -11.50 -17.98
N ALA A 903 -26.33 -10.19 -17.97
CA ALA A 903 -27.36 -9.62 -18.85
C ALA A 903 -26.98 -9.71 -20.33
N HIS A 904 -25.71 -9.91 -20.62
CA HIS A 904 -25.28 -10.02 -22.00
C HIS A 904 -25.48 -11.44 -22.57
N PHE A 905 -25.82 -12.40 -21.71
CA PHE A 905 -26.06 -13.78 -22.14
C PHE A 905 -27.25 -13.88 -23.11
N SER A 906 -27.14 -14.79 -24.08
CA SER A 906 -28.15 -14.88 -25.13
C SER A 906 -28.41 -16.33 -25.62
N SER A 907 -28.00 -17.31 -24.82
CA SER A 907 -28.23 -18.70 -25.16
C SER A 907 -29.12 -19.36 -24.11
N LYS A 908 -29.88 -20.38 -24.52
CA LYS A 908 -30.71 -21.14 -23.61
C LYS A 908 -29.86 -21.77 -22.50
N ASP A 909 -28.67 -22.26 -22.88
CA ASP A 909 -27.69 -22.74 -21.90
C ASP A 909 -27.46 -21.78 -20.73
N LYS A 910 -27.06 -20.56 -21.05
CA LYS A 910 -26.77 -19.58 -20.03
C LYS A 910 -28.04 -19.22 -19.25
N LEU A 911 -29.16 -19.11 -19.95
CA LEU A 911 -30.42 -18.84 -19.26
C LEU A 911 -30.64 -19.82 -18.09
N GLN A 912 -30.43 -21.10 -18.38
CA GLN A 912 -30.54 -22.18 -17.41
C GLN A 912 -29.69 -21.89 -16.18
N GLU A 913 -28.39 -21.71 -16.40
CA GLU A 913 -27.44 -21.48 -15.30
C GLU A 913 -27.84 -20.30 -14.44
N VAL A 914 -28.35 -19.26 -15.09
CA VAL A 914 -28.66 -18.04 -14.39
C VAL A 914 -29.98 -18.21 -13.64
N LYS A 915 -30.88 -19.00 -14.20
CA LYS A 915 -32.14 -19.24 -13.50
C LYS A 915 -31.81 -20.03 -12.23
N LEU A 916 -30.89 -20.98 -12.37
CA LEU A 916 -30.45 -21.83 -11.28
C LEU A 916 -29.70 -21.07 -10.19
N PHE A 917 -28.90 -20.11 -10.61
CA PHE A 917 -28.16 -19.29 -9.66
C PHE A 917 -29.09 -18.36 -8.87
N PHE A 918 -30.07 -17.75 -9.53
CA PHE A 918 -30.99 -16.89 -8.81
C PHE A 918 -31.88 -17.69 -7.87
N GLU A 919 -32.40 -18.82 -8.35
CA GLU A 919 -33.20 -19.71 -7.51
C GLU A 919 -32.45 -20.09 -6.26
N SER A 920 -31.13 -20.23 -6.40
CA SER A 920 -30.27 -20.59 -5.31
C SER A 920 -30.05 -19.42 -4.36
N LEU A 921 -29.95 -18.21 -4.88
CA LEU A 921 -29.75 -17.06 -4.00
C LEU A 921 -31.00 -16.86 -3.18
N GLU A 922 -32.17 -17.15 -3.77
CA GLU A 922 -33.39 -17.27 -2.99
C GLU A 922 -33.21 -18.49 -2.08
N ALA A 923 -33.40 -18.32 -0.77
CA ALA A 923 -32.91 -19.28 0.25
C ALA A 923 -31.39 -19.35 0.13
N GLN A 924 -30.66 -18.50 0.83
CA GLN A 924 -31.15 -17.51 1.81
C GLN A 924 -32.17 -16.50 1.26
N GLY A 925 -32.87 -15.82 2.14
CA GLY A 925 -33.73 -14.72 1.75
C GLY A 925 -32.94 -13.63 1.04
N SER A 926 -32.38 -13.97 -0.11
CA SER A 926 -31.78 -12.99 -1.01
C SER A 926 -32.71 -12.76 -2.18
N HIS A 927 -33.50 -11.69 -2.08
CA HIS A 927 -34.37 -11.31 -3.18
C HIS A 927 -34.00 -9.95 -3.72
N LEU A 928 -33.88 -9.88 -5.04
CA LEU A 928 -33.76 -8.60 -5.73
C LEU A 928 -34.67 -8.61 -6.94
N ASP A 929 -35.20 -7.43 -7.28
CA ASP A 929 -35.95 -7.28 -8.49
C ASP A 929 -35.05 -7.55 -9.70
N ILE A 930 -33.75 -7.34 -9.54
CA ILE A 930 -32.84 -7.44 -10.67
C ILE A 930 -32.74 -8.91 -11.16
N PHE A 931 -33.17 -9.87 -10.35
CA PHE A 931 -33.19 -11.26 -10.81
C PHE A 931 -34.14 -11.45 -12.00
N GLN A 932 -35.36 -10.97 -11.82
CA GLN A 932 -36.38 -11.08 -12.86
C GLN A 932 -35.94 -10.30 -14.07
N THR A 933 -35.37 -9.13 -13.83
CA THR A 933 -35.00 -8.23 -14.90
C THR A 933 -33.94 -8.88 -15.77
N VAL A 934 -33.03 -9.62 -15.14
CA VAL A 934 -31.94 -10.24 -15.86
C VAL A 934 -32.49 -11.37 -16.72
N LEU A 935 -33.32 -12.21 -16.10
CA LEU A 935 -33.94 -13.35 -16.79
C LEU A 935 -34.76 -12.92 -18.00
N GLU A 936 -35.58 -11.90 -17.84
CA GLU A 936 -36.34 -11.36 -18.97
C GLU A 936 -35.44 -10.76 -20.03
N THR A 937 -34.30 -10.20 -19.61
CA THR A 937 -33.34 -9.64 -20.55
C THR A 937 -32.65 -10.73 -21.37
N ILE A 938 -32.24 -11.80 -20.71
CA ILE A 938 -31.61 -12.92 -21.39
C ILE A 938 -32.60 -13.59 -22.33
N THR A 939 -33.82 -13.71 -21.86
CA THR A 939 -34.89 -14.25 -22.66
C THR A 939 -35.15 -13.38 -23.91
N LYS A 940 -35.22 -12.07 -23.71
CA LYS A 940 -35.33 -11.10 -24.80
C LYS A 940 -34.27 -11.37 -25.86
N ASN A 941 -33.03 -11.62 -25.41
CA ASN A 941 -31.89 -11.76 -26.32
C ASN A 941 -32.01 -13.05 -27.12
N ILE A 942 -32.51 -14.08 -26.44
CA ILE A 942 -32.64 -15.38 -27.08
C ILE A 942 -33.68 -15.26 -28.17
N LYS A 943 -34.85 -14.70 -27.84
CA LYS A 943 -35.92 -14.59 -28.81
C LYS A 943 -35.46 -13.71 -29.97
N TRP A 944 -34.65 -12.71 -29.68
CA TRP A 944 -34.13 -11.82 -30.72
C TRP A 944 -33.26 -12.54 -31.73
N LEU A 945 -32.38 -13.40 -31.23
CA LEU A 945 -31.50 -14.14 -32.09
C LEU A 945 -32.28 -15.11 -32.96
N GLU A 946 -33.22 -15.84 -32.39
CA GLU A 946 -33.86 -16.84 -33.23
C GLU A 946 -34.86 -16.19 -34.18
N LYS A 947 -35.16 -14.92 -33.96
CA LYS A 947 -36.13 -14.21 -34.80
C LYS A 947 -35.45 -13.47 -35.94
N ASN A 948 -34.24 -12.97 -35.70
CA ASN A 948 -33.66 -11.99 -36.59
C ASN A 948 -32.27 -12.32 -37.06
N LEU A 949 -31.63 -13.31 -36.46
CA LEU A 949 -30.28 -13.68 -36.84
C LEU A 949 -30.16 -14.03 -38.34
N PRO A 950 -31.07 -14.89 -38.86
CA PRO A 950 -30.91 -15.19 -40.30
C PRO A 950 -31.12 -13.94 -41.12
N THR A 951 -32.05 -13.09 -40.71
CA THR A 951 -32.26 -11.84 -41.42
C THR A 951 -31.00 -10.99 -41.42
N LEU A 952 -30.30 -10.96 -40.30
CA LEU A 952 -29.05 -10.21 -40.20
C LEU A 952 -27.98 -10.80 -41.12
N ARG A 953 -27.77 -12.12 -41.04
CA ARG A 953 -26.84 -12.84 -41.93
C ARG A 953 -27.11 -12.49 -43.39
N THR A 954 -28.39 -12.52 -43.75
CA THR A 954 -28.76 -12.33 -45.14
C THR A 954 -28.56 -10.91 -45.58
N TRP A 955 -28.99 -9.96 -44.75
CA TRP A 955 -28.87 -8.55 -45.08
C TRP A 955 -27.41 -8.17 -45.36
N LEU A 956 -26.50 -8.67 -44.55
CA LEU A 956 -25.07 -8.40 -44.75
C LEU A 956 -24.53 -9.05 -46.02
N MET A 957 -24.97 -10.28 -46.31
CA MET A 957 -24.50 -10.94 -47.51
C MET A 957 -24.99 -10.18 -48.73
N VAL A 958 -26.29 -9.82 -48.71
CA VAL A 958 -26.87 -8.97 -49.76
C VAL A 958 -26.14 -7.65 -49.94
N ASN A 959 -25.75 -7.00 -48.84
CA ASN A 959 -25.07 -5.70 -48.95
C ASN A 959 -23.72 -5.83 -49.69
N THR A 960 -22.99 -6.93 -49.41
CA THR A 960 -21.76 -7.31 -50.14
C THR A 960 -21.87 -7.27 -51.66
N ARG A 961 -23.04 -7.64 -52.18
CA ARG A 961 -23.25 -7.75 -53.62
C ARG A 961 -23.55 -6.39 -54.24
N HIS A 962 -24.79 -5.90 -54.06
CA HIS A 962 -25.18 -4.57 -54.56
CA HIS A 962 -25.16 -4.58 -54.55
C HIS A 962 -25.41 -3.62 -53.39
N HIS A 963 -24.45 -2.72 -53.12
CA HIS A 963 -23.15 -2.64 -53.80
C HIS A 963 -22.16 -2.08 -52.76
N HIS A 964 -20.97 -2.41 -52.74
N PRO B 54 42.51 8.04 -20.86
CA PRO B 54 41.97 7.63 -19.55
C PRO B 54 40.74 8.42 -19.13
N VAL B 55 39.86 8.82 -20.07
CA VAL B 55 38.84 9.85 -19.82
C VAL B 55 37.46 9.84 -20.53
N ALA B 56 36.43 10.28 -19.79
CA ALA B 56 35.08 10.65 -20.25
C ALA B 56 34.74 12.04 -19.56
N THR B 57 33.51 12.57 -19.48
CA THR B 57 32.23 12.17 -20.10
C THR B 57 31.77 13.15 -21.16
N ASN B 58 32.51 14.23 -21.34
CA ASN B 58 32.19 15.19 -22.38
C ASN B 58 33.27 15.18 -23.45
N GLY B 59 33.89 14.02 -23.66
CA GLY B 59 35.14 13.94 -24.38
C GLY B 59 36.13 14.54 -23.40
N GLU B 60 37.21 15.13 -23.90
CA GLU B 60 38.14 15.89 -23.05
C GLU B 60 38.86 15.01 -22.02
N ARG B 61 39.94 15.53 -21.44
CA ARG B 61 40.87 14.73 -20.66
C ARG B 61 40.84 15.01 -19.15
N PHE B 62 40.82 13.93 -18.37
CA PHE B 62 40.71 13.98 -16.91
C PHE B 62 42.10 14.00 -16.34
N PRO B 63 42.43 15.08 -15.62
CA PRO B 63 43.78 15.35 -15.11
C PRO B 63 44.20 14.38 -14.01
N TRP B 64 43.69 13.14 -14.04
CA TRP B 64 43.97 12.19 -12.97
C TRP B 64 43.49 10.79 -13.31
N GLN B 65 44.35 9.81 -13.13
CA GLN B 65 44.00 8.44 -13.45
C GLN B 65 43.96 7.54 -12.22
N GLU B 66 44.57 7.97 -11.12
N GLU B 66 44.57 8.00 -11.13
CA GLU B 66 44.62 7.13 -9.94
CA GLU B 66 44.62 7.22 -9.88
C GLU B 66 43.31 7.14 -9.16
C GLU B 66 43.24 7.13 -9.23
N LEU B 67 42.95 5.97 -8.65
CA LEU B 67 41.69 5.77 -7.94
C LEU B 67 41.71 6.48 -6.58
N ARG B 68 42.89 6.69 -6.03
CA ARG B 68 42.99 7.54 -4.85
C ARG B 68 43.06 8.98 -5.30
N LEU B 69 42.64 9.87 -4.43
CA LEU B 69 42.68 11.30 -4.70
C LEU B 69 44.12 11.79 -4.66
N PRO B 70 44.39 12.93 -5.32
CA PRO B 70 45.65 13.63 -5.09
C PRO B 70 45.77 13.97 -3.61
N SER B 71 46.99 14.19 -3.14
CA SER B 71 47.19 14.56 -1.75
C SER B 71 47.41 16.07 -1.66
N VAL B 72 47.57 16.67 -2.84
CA VAL B 72 47.89 18.09 -3.00
C VAL B 72 46.90 19.06 -2.32
N VAL B 73 45.60 18.86 -2.56
CA VAL B 73 44.56 19.76 -2.07
C VAL B 73 43.84 19.20 -0.85
N ILE B 74 43.89 19.93 0.27
CA ILE B 74 43.45 19.38 1.56
C ILE B 74 42.26 20.12 2.19
N PRO B 75 41.13 19.43 2.31
CA PRO B 75 39.92 19.99 2.95
C PRO B 75 40.10 20.26 4.44
N LEU B 76 39.67 21.43 4.88
CA LEU B 76 39.75 21.78 6.28
C LEU B 76 38.35 21.92 6.87
N HIS B 77 37.43 22.43 6.04
CA HIS B 77 36.08 22.77 6.52
C HIS B 77 34.98 22.68 5.44
N TYR B 78 33.89 22.01 5.77
CA TYR B 78 32.69 21.91 4.92
C TYR B 78 31.55 22.73 5.49
N ASP B 79 31.09 23.71 4.73
CA ASP B 79 29.79 24.32 5.00
C ASP B 79 28.73 23.58 4.19
N LEU B 80 27.84 22.84 4.84
CA LEU B 80 26.87 22.07 4.07
C LEU B 80 25.41 22.45 4.29
N PHE B 81 24.69 22.74 3.21
CA PHE B 81 23.26 23.01 3.31
C PHE B 81 22.41 21.99 2.53
N VAL B 82 21.50 21.33 3.23
CA VAL B 82 20.67 20.32 2.61
C VAL B 82 19.19 20.73 2.65
N HIS B 83 18.54 20.69 1.50
CA HIS B 83 17.13 21.00 1.41
C HIS B 83 16.37 19.82 0.79
N PRO B 84 16.04 18.83 1.64
CA PRO B 84 15.27 17.67 1.21
C PRO B 84 13.78 17.97 1.14
N ASN B 85 13.10 17.37 0.18
CA ASN B 85 11.65 17.38 0.18
C ASN B 85 11.09 15.95 0.21
N LEU B 86 10.35 15.63 1.27
CA LEU B 86 9.87 14.26 1.44
C LEU B 86 8.53 14.08 0.77
N THR B 87 8.01 15.10 0.10
CA THR B 87 6.81 14.91 -0.71
C THR B 87 7.23 14.56 -2.15
N SER B 88 8.07 15.40 -2.78
CA SER B 88 8.56 15.08 -4.10
C SER B 88 9.79 14.14 -4.07
N LEU B 89 10.15 13.66 -2.89
CA LEU B 89 11.24 12.68 -2.73
C LEU B 89 12.60 13.03 -3.38
N ASP B 90 12.99 14.30 -3.34
CA ASP B 90 14.31 14.70 -3.84
C ASP B 90 14.95 15.73 -2.92
N PHE B 91 16.09 16.27 -3.31
CA PHE B 91 16.68 17.30 -2.49
C PHE B 91 17.51 18.23 -3.34
N VAL B 92 17.72 19.43 -2.82
CA VAL B 92 18.69 20.35 -3.37
C VAL B 92 19.62 20.71 -2.23
N ALA B 93 20.85 21.05 -2.59
CA ALA B 93 21.88 21.29 -1.59
C ALA B 93 23.00 22.11 -2.17
N SER B 94 23.71 22.78 -1.28
CA SER B 94 24.93 23.46 -1.67
C SER B 94 25.98 23.26 -0.60
N GLU B 95 27.24 23.38 -1.02
CA GLU B 95 28.33 23.32 -0.05
C GLU B 95 29.39 24.34 -0.38
N LYS B 96 30.05 24.84 0.66
CA LYS B 96 31.30 25.56 0.50
C LYS B 96 32.42 24.81 1.25
N ILE B 97 33.48 24.42 0.51
CA ILE B 97 34.59 23.66 1.14
C ILE B 97 35.88 24.48 1.32
N GLU B 98 36.28 24.63 2.58
CA GLU B 98 37.54 25.28 2.90
C GLU B 98 38.75 24.37 2.66
N VAL B 99 39.57 24.76 1.70
CA VAL B 99 40.66 23.93 1.21
C VAL B 99 42.05 24.62 1.31
N LEU B 100 43.06 23.87 1.77
CA LEU B 100 44.44 24.36 1.72
C LEU B 100 45.22 23.71 0.59
N VAL B 101 45.79 24.50 -0.31
CA VAL B 101 46.59 23.94 -1.39
C VAL B 101 48.08 23.87 -1.01
N SER B 102 48.62 22.65 -0.94
CA SER B 102 49.99 22.47 -0.43
C SER B 102 50.98 22.15 -1.56
N ASN B 103 50.60 22.50 -2.78
CA ASN B 103 51.41 22.31 -3.98
C ASN B 103 50.62 22.83 -5.16
N ALA B 104 51.26 23.59 -6.05
CA ALA B 104 50.53 24.23 -7.15
C ALA B 104 49.88 23.23 -8.10
N THR B 105 48.61 23.47 -8.42
CA THR B 105 47.84 22.62 -9.33
C THR B 105 46.90 23.43 -10.21
N GLN B 106 46.55 22.85 -11.36
CA GLN B 106 45.54 23.45 -12.21
C GLN B 106 44.20 22.75 -12.05
N PHE B 107 44.09 21.88 -11.05
CA PHE B 107 42.85 21.16 -10.85
C PHE B 107 42.69 20.60 -9.43
N ILE B 108 41.44 20.61 -8.97
CA ILE B 108 41.06 19.91 -7.74
C ILE B 108 40.25 18.65 -8.10
N ILE B 109 40.57 17.53 -7.46
CA ILE B 109 39.84 16.30 -7.70
C ILE B 109 39.12 15.88 -6.42
N LEU B 110 37.93 15.34 -6.61
CA LEU B 110 36.97 15.10 -5.53
C LEU B 110 36.16 13.90 -5.87
N HIS B 111 35.48 13.34 -4.89
CA HIS B 111 34.46 12.32 -5.18
C HIS B 111 33.07 12.94 -5.38
N SER B 112 32.28 12.29 -6.23
CA SER B 112 30.89 12.65 -6.44
C SER B 112 30.21 11.57 -7.27
N LYS B 113 29.00 11.20 -6.89
CA LYS B 113 28.30 10.12 -7.57
C LYS B 113 26.79 10.37 -7.57
N ASP B 114 26.18 10.27 -8.75
CA ASP B 114 24.74 10.46 -8.90
C ASP B 114 24.24 11.80 -8.38
N LEU B 115 25.04 12.83 -8.61
CA LEU B 115 24.70 14.17 -8.18
C LEU B 115 24.75 15.06 -9.38
N GLU B 116 23.74 15.89 -9.55
CA GLU B 116 23.78 16.86 -10.62
C GLU B 116 24.47 18.07 -10.05
N ILE B 117 25.66 18.38 -10.55
CA ILE B 117 26.38 19.58 -10.13
C ILE B 117 26.02 20.74 -11.05
N THR B 118 25.47 21.81 -10.50
CA THR B 118 24.90 22.86 -11.34
C THR B 118 25.67 24.19 -11.27
N ASN B 119 26.30 24.45 -10.14
CA ASN B 119 27.09 25.66 -9.97
C ASN B 119 28.33 25.27 -9.20
N ALA B 120 29.50 25.79 -9.61
CA ALA B 120 30.76 25.47 -8.97
C ALA B 120 31.75 26.63 -9.09
N THR B 121 32.18 27.15 -7.95
CA THR B 121 33.01 28.34 -7.94
C THR B 121 34.19 28.21 -6.99
N LEU B 122 35.28 28.91 -7.31
CA LEU B 122 36.40 29.03 -6.39
C LEU B 122 36.48 30.47 -5.91
N GLN B 123 36.62 30.64 -4.61
CA GLN B 123 36.63 31.94 -4.01
C GLN B 123 37.82 31.97 -3.06
N SER B 124 38.75 32.90 -3.28
CA SER B 124 39.90 32.98 -2.40
C SER B 124 39.91 34.24 -1.54
N GLU B 125 40.45 34.08 -0.34
CA GLU B 125 40.56 35.14 0.64
C GLU B 125 42.04 35.46 0.87
N GLU B 126 42.91 34.82 0.09
CA GLU B 126 44.35 35.05 0.15
C GLU B 126 44.92 35.30 -1.24
N ASP B 127 44.78 34.34 -2.15
CA ASP B 127 45.16 34.58 -3.53
C ASP B 127 44.08 35.44 -4.15
N SER B 128 44.26 36.75 -4.06
CA SER B 128 43.24 37.72 -4.47
C SER B 128 42.96 37.69 -5.97
N ARG B 129 43.51 36.69 -6.65
CA ARG B 129 43.16 36.43 -8.04
C ARG B 129 41.80 35.70 -8.10
N TYR B 130 41.45 35.05 -7.00
CA TYR B 130 40.13 34.42 -6.86
C TYR B 130 39.32 35.11 -5.77
N MET B 131 39.78 36.31 -5.38
CA MET B 131 39.03 37.24 -4.54
C MET B 131 37.59 37.32 -5.05
N LYS B 132 36.63 37.34 -4.12
CA LYS B 132 35.21 37.14 -4.44
C LYS B 132 34.66 38.15 -5.45
N PRO B 133 33.63 37.75 -6.21
CA PRO B 133 32.83 36.51 -6.12
C PRO B 133 33.41 35.31 -6.86
N GLY B 134 33.86 35.50 -8.10
CA GLY B 134 34.26 34.42 -9.00
C GLY B 134 35.40 33.59 -8.45
N LYS B 135 35.82 32.56 -9.20
CA LYS B 135 35.43 32.38 -10.58
C LYS B 135 34.79 31.02 -10.88
N GLU B 136 34.01 30.97 -11.95
CA GLU B 136 33.35 29.74 -12.40
C GLU B 136 34.34 28.62 -12.76
N LEU B 137 34.05 27.42 -12.27
CA LEU B 137 34.94 26.28 -12.45
C LEU B 137 34.40 25.24 -13.40
N LYS B 138 35.16 24.96 -14.46
CA LYS B 138 34.88 23.85 -15.38
C LYS B 138 34.87 22.53 -14.62
N VAL B 139 33.87 21.70 -14.87
CA VAL B 139 33.75 20.45 -14.13
C VAL B 139 33.67 19.22 -15.00
N LEU B 140 34.67 18.35 -14.86
CA LEU B 140 34.69 17.09 -15.58
C LEU B 140 34.23 15.95 -14.67
N SER B 141 33.50 15.01 -15.26
CA SER B 141 33.10 13.79 -14.56
C SER B 141 33.90 12.62 -15.04
N TYR B 142 34.58 11.95 -14.12
CA TYR B 142 35.07 10.62 -14.43
C TYR B 142 34.39 9.60 -13.52
N PRO B 143 33.26 9.06 -13.96
CA PRO B 143 32.41 8.20 -13.12
C PRO B 143 32.99 6.79 -12.89
N ALA B 144 34.05 6.43 -13.61
CA ALA B 144 34.69 5.14 -13.38
C ALA B 144 35.52 5.15 -12.09
N HIS B 145 35.95 6.34 -11.67
CA HIS B 145 36.67 6.46 -10.42
C HIS B 145 35.78 7.14 -9.40
N GLU B 146 34.54 7.41 -9.83
CA GLU B 146 33.58 8.19 -9.05
C GLU B 146 34.20 9.50 -8.58
N GLN B 147 34.83 10.22 -9.51
CA GLN B 147 35.52 11.47 -9.23
C GLN B 147 35.12 12.60 -10.17
N ILE B 148 35.25 13.82 -9.68
CA ILE B 148 35.08 14.98 -10.54
C ILE B 148 36.37 15.80 -10.63
N ALA B 149 36.54 16.45 -11.76
CA ALA B 149 37.65 17.38 -11.94
C ALA B 149 37.12 18.81 -11.97
N LEU B 150 37.65 19.61 -11.05
CA LEU B 150 37.38 21.04 -11.01
C LEU B 150 38.57 21.77 -11.61
N LEU B 151 38.47 22.15 -12.88
CA LEU B 151 39.58 22.81 -13.56
C LEU B 151 39.62 24.30 -13.23
N VAL B 152 40.70 24.76 -12.60
CA VAL B 152 40.81 26.18 -12.25
C VAL B 152 41.42 26.97 -13.41
N PRO B 153 41.06 28.26 -13.52
CA PRO B 153 41.56 29.15 -14.59
C PRO B 153 43.06 29.39 -14.50
N GLU B 154 43.57 29.50 -13.29
CA GLU B 154 45.00 29.72 -13.08
C GLU B 154 45.50 28.93 -11.88
N LYS B 155 46.69 28.34 -12.02
CA LYS B 155 47.24 27.42 -11.03
C LYS B 155 47.14 27.96 -9.62
N LEU B 156 46.53 27.18 -8.75
CA LEU B 156 46.37 27.59 -7.36
C LEU B 156 47.75 27.75 -6.75
N THR B 157 47.83 28.60 -5.74
CA THR B 157 49.11 28.97 -5.17
C THR B 157 49.33 28.31 -3.82
N PRO B 158 50.45 27.58 -3.69
CA PRO B 158 50.83 26.82 -2.50
C PRO B 158 50.66 27.59 -1.20
N HIS B 159 50.19 26.87 -0.18
CA HIS B 159 50.03 27.36 1.19
C HIS B 159 48.88 28.37 1.29
N LEU B 160 48.20 28.60 0.17
CA LEU B 160 47.05 29.51 0.18
C LEU B 160 45.71 28.76 0.26
N LYS B 161 44.79 29.34 1.02
CA LYS B 161 43.44 28.81 1.18
C LYS B 161 42.48 29.25 0.05
N TYR B 162 41.75 28.29 -0.49
CA TYR B 162 40.70 28.57 -1.45
C TYR B 162 39.38 28.00 -0.94
N TYR B 163 38.27 28.47 -1.49
CA TYR B 163 36.97 27.96 -1.06
C TYR B 163 36.25 27.38 -2.26
N VAL B 164 35.95 26.10 -2.16
CA VAL B 164 35.20 25.42 -3.21
C VAL B 164 33.74 25.44 -2.84
N ALA B 165 32.94 26.13 -3.63
CA ALA B 165 31.49 26.19 -3.42
C ALA B 165 30.76 25.51 -4.57
N MET B 166 29.73 24.74 -4.25
CA MET B 166 28.87 24.26 -5.33
C MET B 166 27.46 23.94 -4.90
N ASP B 167 26.57 23.98 -5.89
CA ASP B 167 25.17 23.60 -5.78
C ASP B 167 24.96 22.25 -6.44
N PHE B 168 24.12 21.42 -5.86
CA PHE B 168 23.88 20.11 -6.43
C PHE B 168 22.53 19.59 -5.97
N GLN B 169 22.01 18.61 -6.69
CA GLN B 169 20.70 18.08 -6.40
C GLN B 169 20.60 16.63 -6.88
N ALA B 170 19.63 15.91 -6.32
CA ALA B 170 19.33 14.54 -6.74
C ALA B 170 18.05 14.04 -6.07
N LYS B 171 17.55 12.91 -6.57
CA LYS B 171 16.41 12.25 -5.96
C LYS B 171 16.91 11.60 -4.71
N LEU B 172 16.07 11.48 -3.69
CA LEU B 172 16.42 10.66 -2.56
C LEU B 172 16.72 9.24 -3.03
N GLY B 173 17.64 8.59 -2.35
CA GLY B 173 18.09 7.27 -2.71
C GLY B 173 16.98 6.23 -2.74
N ASP B 174 17.13 5.31 -3.70
CA ASP B 174 16.23 4.19 -3.93
C ASP B 174 16.46 3.02 -2.97
N GLY B 175 17.67 2.89 -2.46
CA GLY B 175 17.97 1.69 -1.71
C GLY B 175 19.13 1.68 -0.74
N PHE B 176 18.86 2.08 0.50
CA PHE B 176 19.77 1.84 1.63
C PHE B 176 21.08 2.64 1.66
N GLU B 177 21.27 3.58 0.77
CA GLU B 177 22.60 4.13 0.59
C GLU B 177 22.60 5.61 0.29
N GLY B 178 23.57 6.34 0.83
CA GLY B 178 23.64 7.77 0.63
C GLY B 178 22.53 8.45 1.41
N PHE B 179 21.94 9.50 0.82
CA PHE B 179 20.72 10.15 1.36
C PHE B 179 19.52 9.47 0.80
N TYR B 180 18.83 8.66 1.60
CA TYR B 180 17.79 7.78 1.05
C TYR B 180 16.50 7.79 1.86
N LYS B 181 15.41 7.37 1.23
CA LYS B 181 14.11 7.43 1.87
C LYS B 181 13.71 6.09 2.50
N SER B 182 12.90 6.18 3.53
CA SER B 182 12.48 5.02 4.29
C SER B 182 11.05 5.25 4.76
N THR B 183 10.32 4.17 5.01
CA THR B 183 8.93 4.28 5.46
C THR B 183 8.62 3.44 6.69
N TYR B 184 7.68 3.88 7.49
CA TYR B 184 7.13 3.05 8.55
C TYR B 184 5.61 3.09 8.60
N ARG B 185 5.03 2.00 9.13
CA ARG B 185 3.60 1.88 9.42
C ARG B 185 3.29 2.52 10.78
N THR B 186 2.09 3.10 10.91
CA THR B 186 1.65 3.63 12.20
C THR B 186 0.64 2.67 12.84
N LEU B 187 0.34 2.90 14.11
CA LEU B 187 -0.66 2.10 14.81
C LEU B 187 -1.99 2.11 14.10
N GLY B 188 -2.25 3.17 13.34
CA GLY B 188 -3.51 3.30 12.61
C GLY B 188 -3.46 2.72 11.20
N GLY B 189 -2.28 2.32 10.75
CA GLY B 189 -2.14 1.84 9.39
C GLY B 189 -1.74 2.91 8.40
N GLU B 190 -1.38 4.10 8.89
CA GLU B 190 -0.85 5.14 8.01
C GLU B 190 0.59 4.80 7.72
N THR B 191 1.14 5.35 6.65
CA THR B 191 2.57 5.26 6.45
C THR B 191 3.21 6.65 6.30
N ARG B 192 4.30 6.89 7.02
CA ARG B 192 5.07 8.12 6.86
C ARG B 192 6.45 7.89 6.26
N ILE B 193 6.99 8.94 5.66
CA ILE B 193 8.28 8.87 5.02
C ILE B 193 9.35 9.51 5.90
N LEU B 194 10.60 9.21 5.58
CA LEU B 194 11.75 9.45 6.40
C LEU B 194 12.90 9.71 5.46
N ALA B 195 13.72 10.73 5.65
CA ALA B 195 14.94 10.80 4.84
C ALA B 195 16.21 10.63 5.71
N VAL B 196 17.02 9.61 5.37
CA VAL B 196 18.18 9.17 6.17
C VAL B 196 19.48 9.02 5.40
N THR B 197 20.58 9.28 6.08
CA THR B 197 21.90 9.08 5.48
C THR B 197 22.53 7.78 5.92
N ASP B 198 23.41 7.23 5.08
CA ASP B 198 24.26 6.13 5.48
C ASP B 198 25.44 6.05 4.52
N PHE B 199 26.64 6.26 5.03
CA PHE B 199 27.74 6.61 4.15
C PHE B 199 28.88 5.60 4.15
N GLU B 200 29.01 4.81 5.20
CA GLU B 200 30.17 3.94 5.27
C GLU B 200 30.04 2.78 4.27
N PRO B 201 31.08 2.60 3.45
CA PRO B 201 32.32 3.34 3.57
C PRO B 201 32.53 4.45 2.56
N THR B 202 31.92 4.32 1.40
CA THR B 202 32.21 5.25 0.31
C THR B 202 30.95 5.87 -0.29
N GLN B 203 29.90 6.09 0.51
CA GLN B 203 28.68 6.69 -0.06
C GLN B 203 28.46 8.17 0.28
N ALA B 204 29.30 8.78 1.10
CA ALA B 204 29.16 10.22 1.36
C ALA B 204 29.06 10.97 0.05
N ARG B 205 29.81 10.48 -0.93
CA ARG B 205 29.89 11.09 -2.25
C ARG B 205 28.58 11.00 -3.04
N MET B 206 27.61 10.24 -2.53
CA MET B 206 26.31 10.17 -3.20
C MET B 206 25.42 11.29 -2.72
N ALA B 207 25.83 11.93 -1.62
CA ALA B 207 25.02 12.93 -0.95
C ALA B 207 25.57 14.34 -1.10
N PHE B 208 26.89 14.47 -1.22
CA PHE B 208 27.50 15.77 -1.45
C PHE B 208 28.90 15.51 -1.90
N PRO B 209 29.39 16.33 -2.84
CA PRO B 209 30.77 16.13 -3.29
C PRO B 209 31.71 16.34 -2.12
N CYS B 210 32.70 15.48 -1.99
CA CYS B 210 33.65 15.60 -0.90
C CYS B 210 34.91 14.85 -1.25
N PHE B 211 35.95 15.05 -0.43
CA PHE B 211 37.15 14.22 -0.48
C PHE B 211 36.81 13.01 0.36
N ASP B 212 36.22 12.01 -0.30
CA ASP B 212 35.56 10.92 0.38
C ASP B 212 36.54 9.77 0.65
N GLU B 213 37.61 10.10 1.37
CA GLU B 213 38.60 9.14 1.91
C GLU B 213 38.81 9.50 3.36
N PRO B 214 38.77 8.50 4.24
CA PRO B 214 38.76 8.70 5.70
C PRO B 214 39.89 9.59 6.24
N LEU B 215 41.04 9.57 5.57
CA LEU B 215 42.18 10.40 5.92
C LEU B 215 41.83 11.90 5.91
N PHE B 216 41.01 12.32 4.95
CA PHE B 216 40.70 13.73 4.77
C PHE B 216 39.68 14.26 5.76
N LYS B 217 39.95 14.14 7.05
CA LYS B 217 39.07 14.73 8.06
C LYS B 217 38.90 16.26 7.91
N ALA B 218 37.80 16.75 8.49
CA ALA B 218 37.40 18.13 8.34
C ALA B 218 36.33 18.44 9.36
N ASN B 219 36.08 19.73 9.57
CA ASN B 219 34.93 20.16 10.35
C ASN B 219 33.68 20.27 9.46
N PHE B 220 32.51 19.93 10.00
CA PHE B 220 31.28 20.07 9.22
C PHE B 220 30.24 20.99 9.87
N SER B 221 29.87 22.03 9.14
CA SER B 221 28.75 22.88 9.51
C SER B 221 27.45 22.52 8.72
N ILE B 222 26.47 21.95 9.41
CA ILE B 222 25.27 21.44 8.75
C ILE B 222 23.99 22.30 8.96
N LYS B 223 23.41 22.75 7.85
CA LYS B 223 22.05 23.31 7.89
C LYS B 223 21.03 22.45 7.10
N ILE B 224 19.93 22.13 7.76
CA ILE B 224 18.83 21.44 7.12
C ILE B 224 17.55 22.30 7.04
N ARG B 225 16.96 22.42 5.85
CA ARG B 225 15.67 23.06 5.66
C ARG B 225 14.53 22.04 5.64
N ARG B 226 13.48 22.31 6.41
CA ARG B 226 12.41 21.33 6.56
C ARG B 226 11.05 21.98 6.75
N GLU B 227 10.03 21.12 6.84
CA GLU B 227 8.65 21.50 7.10
C GLU B 227 8.39 21.31 8.57
N SER B 228 7.25 21.81 9.04
CA SER B 228 7.02 21.89 10.49
C SER B 228 6.52 20.56 11.02
N ARG B 229 6.04 19.72 10.10
CA ARG B 229 5.60 18.38 10.44
C ARG B 229 6.80 17.46 10.75
N HIS B 230 8.02 17.95 10.49
CA HIS B 230 9.22 17.15 10.68
C HIS B 230 10.14 17.74 11.74
N ILE B 231 11.06 16.91 12.26
CA ILE B 231 12.32 17.34 12.88
C ILE B 231 13.49 16.97 11.94
N ALA B 232 14.57 17.73 12.01
CA ALA B 232 15.82 17.37 11.40
C ALA B 232 16.79 17.02 12.52
N LEU B 233 17.65 16.02 12.31
CA LEU B 233 18.71 15.63 13.25
C LEU B 233 20.01 15.49 12.52
N SER B 234 21.12 15.80 13.19
CA SER B 234 22.45 15.62 12.62
C SER B 234 23.46 15.12 13.67
N ASN B 235 24.74 15.22 13.36
CA ASN B 235 25.79 14.78 14.27
C ASN B 235 25.81 15.61 15.54
N MET B 236 26.06 16.92 15.37
CA MET B 236 26.09 17.90 16.44
C MET B 236 24.70 18.34 16.89
N PRO B 237 24.59 18.94 18.09
CA PRO B 237 23.34 19.57 18.56
C PRO B 237 22.83 20.73 17.67
N LYS B 238 21.54 21.01 17.80
CA LYS B 238 20.95 22.10 17.05
C LYS B 238 21.21 23.40 17.79
N VAL B 239 21.88 24.34 17.12
CA VAL B 239 22.05 25.70 17.65
C VAL B 239 20.70 26.42 17.69
N LYS B 240 20.16 26.71 16.52
CA LYS B 240 18.90 27.40 16.42
C LYS B 240 18.01 26.92 15.27
N THR B 241 16.83 27.52 15.20
CA THR B 241 15.89 27.31 14.13
C THR B 241 15.36 28.65 13.65
N ILE B 242 15.65 29.02 12.41
CA ILE B 242 15.07 30.24 11.88
C ILE B 242 13.81 29.88 11.12
N GLU B 243 12.81 30.76 11.22
CA GLU B 243 11.56 30.62 10.48
C GLU B 243 11.68 31.37 9.16
N LEU B 244 11.19 30.77 8.10
CA LEU B 244 11.37 31.35 6.78
C LEU B 244 10.06 31.91 6.25
N GLU B 245 10.16 32.86 5.34
CA GLU B 245 9.00 33.62 4.88
C GLU B 245 7.81 32.76 4.49
N GLY B 246 8.06 31.65 3.80
CA GLY B 246 6.97 30.90 3.23
C GLY B 246 6.41 29.81 4.11
N GLY B 247 6.92 29.70 5.33
CA GLY B 247 6.47 28.68 6.24
C GLY B 247 7.42 27.52 6.55
N LEU B 248 8.51 27.40 5.79
CA LEU B 248 9.49 26.36 6.06
C LEU B 248 10.37 26.75 7.26
N LEU B 249 11.12 25.78 7.78
CA LEU B 249 12.04 26.02 8.88
C LEU B 249 13.44 25.68 8.44
N GLU B 250 14.42 26.24 9.14
CA GLU B 250 15.80 25.89 8.86
C GLU B 250 16.51 25.63 10.19
N ASP B 251 16.90 24.36 10.43
CA ASP B 251 17.63 24.04 11.65
C ASP B 251 19.12 24.22 11.38
N HIS B 252 19.80 24.93 12.28
CA HIS B 252 21.24 25.14 12.18
C HIS B 252 21.93 24.28 13.22
N PHE B 253 23.00 23.62 12.80
CA PHE B 253 23.69 22.68 13.67
C PHE B 253 25.09 23.16 14.03
N GLU B 254 25.44 22.99 15.29
CA GLU B 254 26.80 23.21 15.80
C GLU B 254 27.85 22.59 14.88
N THR B 255 28.98 23.26 14.73
CA THR B 255 30.04 22.70 13.89
C THR B 255 30.61 21.42 14.53
N THR B 256 31.07 20.49 13.69
CA THR B 256 31.67 19.27 14.21
C THR B 256 33.14 19.41 14.54
N VAL B 257 33.62 18.45 15.31
CA VAL B 257 35.01 18.07 15.37
C VAL B 257 35.64 17.70 14.01
N LYS B 258 36.95 17.52 13.98
CA LYS B 258 37.56 16.91 12.79
C LYS B 258 37.09 15.45 12.68
N MET B 259 36.55 15.08 11.53
CA MET B 259 36.03 13.72 11.37
C MET B 259 36.05 13.35 9.91
N SER B 260 35.80 12.08 9.64
CA SER B 260 35.81 11.58 8.28
C SER B 260 34.41 11.78 7.67
N THR B 261 34.37 11.95 6.35
CA THR B 261 33.12 12.14 5.66
C THR B 261 32.11 11.03 5.91
N TYR B 262 32.56 9.81 6.17
CA TYR B 262 31.60 8.71 6.17
C TYR B 262 30.77 8.72 7.44
N LEU B 263 31.12 9.60 8.38
CA LEU B 263 30.37 9.64 9.64
C LEU B 263 29.41 10.80 9.71
N VAL B 264 29.41 11.63 8.66
CA VAL B 264 28.43 12.69 8.58
C VAL B 264 27.04 12.07 8.50
N ALA B 265 26.08 12.67 9.17
CA ALA B 265 24.74 12.12 9.14
C ALA B 265 23.68 13.22 9.24
N TYR B 266 22.51 13.01 8.65
CA TYR B 266 21.35 13.87 8.94
C TYR B 266 20.07 13.15 8.59
N ILE B 267 19.09 13.33 9.45
CA ILE B 267 17.82 12.62 9.30
C ILE B 267 16.65 13.61 9.38
N VAL B 268 15.72 13.50 8.42
CA VAL B 268 14.48 14.24 8.51
C VAL B 268 13.35 13.25 8.74
N CYS B 269 12.69 13.38 9.89
CA CYS B 269 11.63 12.46 10.27
C CYS B 269 10.66 13.13 11.25
N ASP B 270 9.68 12.39 11.73
CA ASP B 270 8.73 12.93 12.70
C ASP B 270 8.74 12.15 14.00
N PHE B 271 9.91 11.66 14.38
CA PHE B 271 10.02 10.75 15.52
C PHE B 271 9.91 11.43 16.87
N HIS B 272 9.49 10.69 17.89
CA HIS B 272 9.59 11.18 19.27
C HIS B 272 10.85 10.71 19.98
N SER B 273 10.96 10.97 21.28
CA SER B 273 12.15 10.57 22.00
C SER B 273 12.00 10.58 23.52
N LEU B 274 12.83 9.75 24.16
CA LEU B 274 12.99 9.72 25.60
C LEU B 274 14.46 9.98 25.84
N SER B 275 14.77 10.76 26.86
CA SER B 275 16.13 11.30 26.99
C SER B 275 16.68 11.23 28.41
N GLY B 276 18.01 11.26 28.49
CA GLY B 276 18.67 11.11 29.77
C GLY B 276 20.05 11.75 29.74
N PHE B 277 20.74 11.68 30.88
CA PHE B 277 22.04 12.31 31.03
C PHE B 277 23.09 11.40 31.64
N THR B 278 24.32 11.54 31.19
CA THR B 278 25.43 10.92 31.87
C THR B 278 26.04 11.94 32.84
N SER B 279 26.86 11.45 33.75
CA SER B 279 27.53 12.28 34.73
C SER B 279 28.46 13.29 34.07
N SER B 280 28.91 12.99 32.85
CA SER B 280 29.83 13.89 32.15
C SER B 280 29.08 15.03 31.46
N GLY B 281 27.75 14.98 31.55
CA GLY B 281 26.94 16.02 30.97
C GLY B 281 26.71 15.83 29.48
N VAL B 282 26.59 14.57 29.06
CA VAL B 282 26.15 14.24 27.69
C VAL B 282 24.68 13.87 27.75
N LYS B 283 23.88 14.57 26.94
CA LYS B 283 22.47 14.26 26.80
C LYS B 283 22.25 13.11 25.79
N VAL B 284 21.61 12.04 26.24
CA VAL B 284 21.44 10.83 25.45
C VAL B 284 19.99 10.50 25.18
N SER B 285 19.61 10.49 23.91
CA SER B 285 18.22 10.41 23.49
C SER B 285 17.94 9.24 22.54
N ILE B 286 16.85 8.53 22.80
CA ILE B 286 16.45 7.42 21.94
C ILE B 286 15.21 7.76 21.10
N TYR B 287 15.44 7.96 19.80
CA TYR B 287 14.40 8.29 18.84
C TYR B 287 13.79 7.08 18.16
N ALA B 288 12.48 7.15 17.92
CA ALA B 288 11.77 6.06 17.27
C ALA B 288 10.42 6.52 16.68
N SER B 289 9.80 5.65 15.87
CA SER B 289 8.37 5.76 15.58
C SER B 289 7.61 6.22 16.82
N PRO B 290 6.66 7.14 16.65
CA PRO B 290 5.90 7.65 17.80
C PRO B 290 5.07 6.56 18.45
N ASP B 291 4.67 5.57 17.67
CA ASP B 291 3.88 4.47 18.21
C ASP B 291 4.77 3.40 18.80
N LYS B 292 6.08 3.69 18.87
CA LYS B 292 7.03 2.72 19.42
C LYS B 292 7.89 3.32 20.53
N ARG B 293 7.48 4.49 21.03
CA ARG B 293 8.22 5.18 22.08
C ARG B 293 8.40 4.33 23.33
N ASN B 294 7.40 3.50 23.63
CA ASN B 294 7.47 2.60 24.78
C ASN B 294 8.64 1.64 24.71
N GLN B 295 9.01 1.26 23.50
CA GLN B 295 10.03 0.26 23.30
C GLN B 295 11.45 0.79 23.45
N THR B 296 11.60 2.07 23.78
CA THR B 296 12.92 2.70 23.74
C THR B 296 13.59 2.75 25.11
N HIS B 297 12.99 2.09 26.10
CA HIS B 297 13.40 2.30 27.48
C HIS B 297 14.69 1.62 27.82
N TYR B 298 14.79 0.35 27.45
CA TYR B 298 15.96 -0.42 27.78
C TYR B 298 17.20 0.21 27.18
N ALA B 299 17.05 0.69 25.95
CA ALA B 299 18.17 1.30 25.24
C ALA B 299 18.67 2.49 26.03
N LEU B 300 17.76 3.33 26.50
CA LEU B 300 18.18 4.53 27.23
C LEU B 300 18.97 4.13 28.47
N GLN B 301 18.38 3.25 29.28
CA GLN B 301 19.06 2.72 30.46
C GLN B 301 20.44 2.20 30.11
N ALA B 302 20.48 1.18 29.25
CA ALA B 302 21.71 0.54 28.82
C ALA B 302 22.67 1.49 28.10
N SER B 303 22.12 2.38 27.29
CA SER B 303 22.96 3.35 26.60
C SER B 303 23.72 4.19 27.62
N LEU B 304 23.03 4.56 28.69
CA LEU B 304 23.60 5.41 29.73
C LEU B 304 24.76 4.71 30.46
N LYS B 305 24.54 3.47 30.88
CA LYS B 305 25.57 2.69 31.54
C LYS B 305 26.80 2.55 30.64
N LEU B 306 26.59 2.06 29.43
CA LEU B 306 27.72 1.79 28.55
C LEU B 306 28.49 3.06 28.24
N LEU B 307 27.80 4.18 28.08
CA LEU B 307 28.49 5.39 27.62
C LEU B 307 29.52 5.88 28.63
N ASP B 308 29.11 5.99 29.90
CA ASP B 308 30.00 6.53 30.91
C ASP B 308 31.16 5.56 31.18
N PHE B 309 30.86 4.26 31.16
CA PHE B 309 31.87 3.23 31.38
C PHE B 309 33.05 3.43 30.45
N TYR B 310 32.77 3.78 29.20
CA TYR B 310 33.84 3.94 28.22
C TYR B 310 34.72 5.15 28.53
N GLU B 311 34.11 6.26 28.96
CA GLU B 311 34.80 7.53 29.21
C GLU B 311 35.90 7.43 30.30
N LYS B 312 35.60 6.73 31.39
CA LYS B 312 36.64 6.45 32.36
C LYS B 312 37.60 5.41 31.78
N TYR B 313 37.08 4.28 31.31
CA TYR B 313 37.89 3.16 30.85
C TYR B 313 38.87 3.60 29.76
N PHE B 314 38.46 4.55 28.92
CA PHE B 314 39.37 5.11 27.92
C PHE B 314 40.15 6.29 28.46
N ASP B 315 39.73 6.77 29.64
CA ASP B 315 40.19 8.06 30.20
C ASP B 315 39.99 9.20 29.21
N ILE B 316 39.03 9.06 28.30
CA ILE B 316 38.70 10.14 27.35
C ILE B 316 37.21 10.40 27.33
N TYR B 317 36.85 11.67 27.43
CA TYR B 317 35.45 12.07 27.47
C TYR B 317 34.79 12.02 26.07
N TYR B 318 33.57 11.52 25.98
CA TYR B 318 32.78 11.70 24.77
C TYR B 318 32.64 13.20 24.58
N PRO B 319 33.22 13.75 23.50
CA PRO B 319 33.45 15.19 23.37
C PRO B 319 32.29 15.98 22.71
N LEU B 320 31.07 15.47 22.79
CA LEU B 320 29.90 16.16 22.24
C LEU B 320 28.85 16.20 23.34
N SER B 321 27.99 17.21 23.32
CA SER B 321 27.08 17.43 24.45
C SER B 321 25.86 16.54 24.38
N LYS B 322 25.53 16.10 23.17
CA LYS B 322 24.41 15.19 22.99
C LYS B 322 24.87 13.97 22.20
N LEU B 323 24.28 12.82 22.50
CA LEU B 323 24.45 11.66 21.64
C LEU B 323 23.10 11.05 21.46
N ASP B 324 22.66 10.94 20.19
CA ASP B 324 21.35 10.36 19.88
C ASP B 324 21.45 8.95 19.25
N LEU B 325 20.53 8.08 19.64
CA LEU B 325 20.36 6.78 19.02
C LEU B 325 18.97 6.74 18.39
N ILE B 326 18.88 6.36 17.11
CA ILE B 326 17.58 6.36 16.43
C ILE B 326 17.24 5.02 15.70
N ALA B 327 16.09 4.45 16.04
CA ALA B 327 15.62 3.18 15.46
C ALA B 327 14.99 3.36 14.09
N ILE B 328 15.60 2.79 13.06
CA ILE B 328 15.18 3.09 11.70
C ILE B 328 14.64 1.88 10.96
N PRO B 329 13.39 1.99 10.49
CA PRO B 329 12.56 0.98 9.82
C PRO B 329 13.26 0.18 8.72
N ASP B 330 13.76 0.88 7.70
CA ASP B 330 14.47 0.27 6.59
C ASP B 330 15.94 0.55 6.71
N PHE B 331 16.67 -0.38 7.29
CA PHE B 331 18.06 -0.12 7.55
C PHE B 331 18.89 -1.36 7.23
N ALA B 332 19.79 -1.21 6.25
CA ALA B 332 20.54 -2.33 5.74
C ALA B 332 21.54 -2.85 6.75
N PRO B 333 22.45 -1.98 7.28
CA PRO B 333 23.33 -2.50 8.34
C PRO B 333 22.53 -2.88 9.58
N GLY B 334 23.15 -3.57 10.51
CA GLY B 334 22.51 -3.80 11.79
C GLY B 334 22.44 -2.53 12.62
N ALA B 335 23.37 -1.61 12.34
CA ALA B 335 23.50 -0.33 13.01
C ALA B 335 24.63 0.44 12.33
N MET B 336 24.81 1.70 12.66
CA MET B 336 25.91 2.50 12.09
C MET B 336 26.29 3.61 13.04
N GLU B 337 27.58 3.93 13.15
CA GLU B 337 28.09 4.67 14.31
C GLU B 337 28.31 6.16 14.10
N ASN B 338 27.51 6.78 13.23
CA ASN B 338 27.64 8.21 12.98
C ASN B 338 27.79 8.98 14.29
N TRP B 339 28.81 9.80 14.37
CA TRP B 339 29.22 10.44 15.62
C TRP B 339 28.10 11.36 16.10
N GLY B 340 27.44 10.98 17.20
CA GLY B 340 26.38 11.80 17.76
C GLY B 340 24.97 11.34 17.40
N LEU B 341 24.88 10.64 16.28
CA LEU B 341 23.60 10.19 15.73
C LEU B 341 23.68 8.76 15.25
N ILE B 342 23.36 7.81 16.12
CA ILE B 342 23.58 6.43 15.78
C ILE B 342 22.31 5.78 15.28
N THR B 343 22.40 5.22 14.08
CA THR B 343 21.28 4.60 13.40
C THR B 343 21.26 3.07 13.60
N TYR B 344 20.10 2.53 14.00
CA TYR B 344 19.91 1.12 14.29
C TYR B 344 18.73 0.54 13.51
N ARG B 345 18.84 -0.75 13.17
CA ARG B 345 17.65 -1.53 12.88
C ARG B 345 16.79 -1.47 14.12
N GLU B 346 15.49 -1.61 13.94
CA GLU B 346 14.59 -1.56 15.07
C GLU B 346 14.87 -2.75 15.94
N THR B 347 15.04 -3.90 15.30
CA THR B 347 15.31 -5.15 15.99
C THR B 347 16.62 -5.13 16.82
N SER B 348 17.51 -4.21 16.49
CA SER B 348 18.75 -4.10 17.21
C SER B 348 18.79 -2.94 18.21
N LEU B 349 17.72 -2.17 18.31
CA LEU B 349 17.64 -1.10 19.30
C LEU B 349 16.42 -1.15 20.22
N LEU B 350 15.33 -1.71 19.74
CA LEU B 350 14.07 -1.59 20.44
C LEU B 350 13.67 -2.84 21.16
N PHE B 351 13.31 -2.70 22.42
CA PHE B 351 13.04 -3.87 23.24
C PHE B 351 11.66 -3.78 23.87
N ASP B 352 10.81 -4.74 23.54
CA ASP B 352 9.46 -4.81 24.10
C ASP B 352 9.23 -6.17 24.77
N PRO B 353 9.24 -6.16 26.11
CA PRO B 353 9.27 -7.34 26.98
C PRO B 353 8.07 -8.28 26.87
N LYS B 354 7.25 -8.12 25.85
CA LYS B 354 6.09 -9.01 25.67
C LYS B 354 6.35 -9.94 24.49
N THR B 355 7.21 -9.52 23.59
CA THR B 355 7.51 -10.25 22.37
C THR B 355 9.01 -10.36 22.16
N SER B 356 9.77 -9.68 23.03
CA SER B 356 11.23 -9.75 22.98
C SER B 356 11.77 -10.68 24.07
N SER B 357 12.77 -11.48 23.72
CA SER B 357 13.29 -12.51 24.60
C SER B 357 14.65 -12.17 25.20
N ALA B 358 15.23 -13.15 25.88
CA ALA B 358 16.53 -12.99 26.52
C ALA B 358 17.64 -12.80 25.50
N SER B 359 17.62 -13.60 24.42
CA SER B 359 18.61 -13.45 23.37
C SER B 359 18.48 -12.06 22.77
N ASP B 360 17.25 -11.68 22.48
CA ASP B 360 16.96 -10.35 21.97
C ASP B 360 17.62 -9.28 22.82
N LYS B 361 17.33 -9.30 24.12
CA LYS B 361 17.94 -8.37 25.06
C LYS B 361 19.45 -8.33 24.90
N LEU B 362 20.04 -9.52 24.79
CA LEU B 362 21.47 -9.66 24.61
C LEU B 362 21.91 -9.02 23.30
N TRP B 363 21.14 -9.26 22.25
CA TRP B 363 21.46 -8.69 20.95
C TRP B 363 21.43 -7.17 21.00
N VAL B 364 20.45 -6.60 21.68
CA VAL B 364 20.37 -5.15 21.77
C VAL B 364 21.56 -4.58 22.51
N THR B 365 21.85 -5.20 23.65
CA THR B 365 22.94 -4.76 24.49
C THR B 365 24.30 -4.84 23.78
N ARG B 366 24.50 -5.87 22.95
CA ARG B 366 25.74 -5.98 22.16
C ARG B 366 25.89 -4.80 21.22
N VAL B 367 24.84 -4.60 20.41
CA VAL B 367 24.87 -3.60 19.35
C VAL B 367 25.07 -2.23 19.93
N ILE B 368 24.36 -1.91 21.01
CA ILE B 368 24.60 -0.61 21.62
C ILE B 368 26.05 -0.50 22.06
N ALA B 369 26.54 -1.51 22.78
CA ALA B 369 27.92 -1.52 23.23
C ALA B 369 28.88 -1.40 22.05
N HIS B 370 28.60 -2.15 20.98
CA HIS B 370 29.43 -2.09 19.77
C HIS B 370 29.46 -0.66 19.24
N GLU B 371 28.29 -0.04 19.16
CA GLU B 371 28.17 1.25 18.49
C GLU B 371 28.76 2.38 19.33
N LEU B 372 28.58 2.32 20.65
CA LEU B 372 29.15 3.38 21.47
C LEU B 372 30.69 3.30 21.42
N ALA B 373 31.22 2.07 21.47
CA ALA B 373 32.68 1.84 21.44
C ALA B 373 33.33 2.46 20.21
N HIS B 374 32.59 2.41 19.10
CA HIS B 374 32.98 3.04 17.86
C HIS B 374 33.19 4.57 17.99
N GLN B 375 32.49 5.22 18.93
CA GLN B 375 32.64 6.67 19.07
C GLN B 375 34.12 7.02 19.29
N TRP B 376 34.86 6.12 19.94
CA TRP B 376 36.31 6.26 20.10
C TRP B 376 37.11 5.48 19.04
N PHE B 377 36.83 4.18 18.93
CA PHE B 377 37.50 3.32 17.93
C PHE B 377 36.78 3.37 16.61
N GLY B 378 37.13 4.36 15.81
CA GLY B 378 36.38 4.63 14.60
C GLY B 378 36.20 6.12 14.42
N ASN B 379 35.50 6.78 15.34
CA ASN B 379 35.21 8.20 15.15
C ASN B 379 36.34 9.08 15.67
N LEU B 380 36.59 9.01 16.99
CA LEU B 380 37.76 9.63 17.59
C LEU B 380 39.02 9.13 16.92
N VAL B 381 39.22 7.82 16.88
CA VAL B 381 40.36 7.27 16.15
C VAL B 381 39.97 6.52 14.87
N THR B 382 40.56 6.90 13.75
CA THR B 382 40.15 6.34 12.48
C THR B 382 41.35 5.75 11.74
N MET B 383 41.18 4.55 11.17
CA MET B 383 42.20 3.97 10.30
C MET B 383 42.59 4.96 9.21
N GLU B 384 43.83 4.89 8.76
CA GLU B 384 44.25 5.79 7.71
C GLU B 384 43.57 5.44 6.37
N TRP B 385 43.56 4.16 6.04
CA TRP B 385 42.88 3.71 4.82
C TRP B 385 42.17 2.40 5.10
N TRP B 386 41.32 1.96 4.20
CA TRP B 386 40.40 0.85 4.46
C TRP B 386 41.09 -0.51 4.63
N ASN B 387 42.35 -0.59 4.24
CA ASN B 387 43.16 -1.80 4.43
C ASN B 387 43.26 -2.17 5.89
N ASP B 388 43.17 -1.15 6.74
CA ASP B 388 43.24 -1.36 8.17
C ASP B 388 41.89 -1.11 8.83
N ILE B 389 40.82 -1.52 8.13
CA ILE B 389 39.49 -1.43 8.69
C ILE B 389 39.35 -2.16 10.02
N TRP B 390 40.19 -3.16 10.26
CA TRP B 390 40.05 -3.94 11.49
C TRP B 390 40.29 -3.07 12.73
N LEU B 391 41.14 -2.06 12.59
CA LEU B 391 41.39 -1.09 13.67
C LEU B 391 40.09 -0.62 14.31
N ASN B 392 39.19 -0.11 13.45
CA ASN B 392 37.82 0.21 13.86
C ASN B 392 37.06 -1.02 14.38
N GLU B 393 36.99 -2.06 13.54
CA GLU B 393 36.01 -3.11 13.75
C GLU B 393 36.42 -4.22 14.72
N GLY B 394 37.69 -4.58 14.68
CA GLY B 394 38.23 -5.52 15.64
C GLY B 394 38.09 -4.96 17.05
N PHE B 395 38.45 -3.70 17.22
CA PHE B 395 38.34 -3.10 18.54
C PHE B 395 36.90 -2.90 18.99
N ALA B 396 36.02 -2.46 18.09
CA ALA B 396 34.61 -2.35 18.39
C ALA B 396 34.07 -3.70 18.81
N LYS B 397 34.35 -4.72 18.00
CA LYS B 397 33.86 -6.05 18.30
C LYS B 397 34.41 -6.48 19.67
N TYR B 398 35.71 -6.27 19.85
CA TYR B 398 36.37 -6.66 21.08
C TYR B 398 35.81 -5.91 22.30
N MET B 399 35.60 -4.59 22.18
CA MET B 399 35.09 -3.83 23.33
C MET B 399 33.72 -4.29 23.79
N GLU B 400 33.00 -5.01 22.93
CA GLU B 400 31.70 -5.54 23.29
C GLU B 400 31.84 -6.33 24.56
N LEU B 401 32.72 -7.32 24.51
CA LEU B 401 33.07 -8.13 25.66
C LEU B 401 33.55 -7.26 26.81
N ILE B 402 34.55 -6.43 26.53
CA ILE B 402 35.18 -5.64 27.58
C ILE B 402 34.22 -4.58 28.14
N ALA B 403 33.11 -4.31 27.44
CA ALA B 403 32.12 -3.36 27.95
C ALA B 403 30.87 -4.03 28.51
N VAL B 404 30.29 -4.94 27.74
CA VAL B 404 29.08 -5.62 28.21
C VAL B 404 29.34 -6.32 29.51
N ASN B 405 30.41 -7.10 29.54
CA ASN B 405 30.75 -7.96 30.68
C ASN B 405 30.84 -7.18 31.99
N ALA B 406 31.32 -5.93 31.92
CA ALA B 406 31.44 -5.07 33.09
C ALA B 406 30.09 -4.53 33.50
N THR B 407 29.48 -3.77 32.59
CA THR B 407 28.27 -3.03 32.84
C THR B 407 27.05 -3.94 32.99
N TYR B 408 27.08 -5.08 32.33
CA TYR B 408 25.98 -6.02 32.38
C TYR B 408 26.49 -7.45 32.51
N PRO B 409 27.03 -7.81 33.68
CA PRO B 409 27.54 -9.16 33.84
C PRO B 409 26.39 -10.17 33.83
N GLU B 410 25.23 -9.71 34.28
CA GLU B 410 24.04 -10.53 34.40
C GLU B 410 23.64 -11.20 33.08
N LEU B 411 24.20 -10.69 31.98
CA LEU B 411 23.89 -11.19 30.65
C LEU B 411 24.81 -12.32 30.22
N GLN B 412 25.75 -12.65 31.11
CA GLN B 412 26.59 -13.84 30.97
C GLN B 412 27.30 -13.92 29.64
N PHE B 413 27.82 -12.77 29.20
CA PHE B 413 28.33 -12.62 27.85
C PHE B 413 29.76 -13.16 27.69
N ASP B 414 30.40 -13.51 28.80
CA ASP B 414 31.79 -13.99 28.73
C ASP B 414 31.87 -15.40 28.15
N ASP B 415 30.76 -16.13 28.21
CA ASP B 415 30.75 -17.52 27.76
C ASP B 415 30.47 -17.61 26.26
N TYR B 416 30.10 -16.47 25.69
CA TYR B 416 29.74 -16.38 24.28
C TYR B 416 30.98 -16.16 23.44
N PHE B 417 31.91 -15.37 23.99
CA PHE B 417 32.98 -14.78 23.20
C PHE B 417 33.84 -15.76 22.40
N LEU B 418 33.96 -17.01 22.84
CA LEU B 418 34.81 -17.95 22.11
C LEU B 418 34.18 -18.34 20.76
N ASN B 419 32.86 -18.31 20.70
CA ASN B 419 32.14 -18.44 19.44
C ASN B 419 32.62 -17.45 18.40
N VAL B 420 32.91 -16.23 18.84
CA VAL B 420 33.47 -15.21 17.97
C VAL B 420 34.70 -15.76 17.22
N CYS B 421 35.59 -16.37 17.98
CA CYS B 421 36.83 -16.93 17.45
C CYS B 421 36.58 -18.20 16.65
N PHE B 422 35.74 -19.08 17.19
CA PHE B 422 35.45 -20.35 16.53
C PHE B 422 34.92 -20.11 15.14
N GLU B 423 34.04 -19.11 15.02
CA GLU B 423 33.39 -18.81 13.75
C GLU B 423 34.36 -18.32 12.68
N VAL B 424 35.46 -17.70 13.07
CA VAL B 424 36.40 -17.23 12.06
C VAL B 424 37.53 -18.20 11.81
N ILE B 425 37.81 -19.06 12.79
CA ILE B 425 38.70 -20.17 12.54
C ILE B 425 38.17 -20.96 11.32
N THR B 426 36.84 -21.10 11.22
CA THR B 426 36.23 -21.71 10.05
C THR B 426 36.77 -21.09 8.75
N LYS B 427 36.58 -19.79 8.59
CA LYS B 427 37.14 -19.08 7.47
C LYS B 427 38.67 -19.19 7.43
N ASP B 428 39.32 -19.02 8.59
CA ASP B 428 40.77 -18.87 8.63
C ASP B 428 41.52 -20.18 8.32
N SER B 429 40.82 -21.30 8.45
CA SER B 429 41.41 -22.59 8.21
C SER B 429 41.45 -22.93 6.71
N LEU B 430 40.75 -22.14 5.90
CA LEU B 430 40.75 -22.33 4.45
C LEU B 430 41.75 -21.42 3.75
N ASN B 431 42.21 -21.86 2.58
CA ASN B 431 43.20 -21.13 1.83
C ASN B 431 42.73 -19.73 1.44
N SER B 432 41.44 -19.58 1.22
CA SER B 432 40.87 -18.32 0.70
C SER B 432 40.69 -17.19 1.74
N SER B 433 41.19 -17.38 2.96
CA SER B 433 41.20 -16.25 3.91
C SER B 433 42.22 -15.24 3.46
N ARG B 434 42.45 -14.29 4.35
CA ARG B 434 43.32 -13.19 4.03
C ARG B 434 43.91 -12.69 5.34
N PRO B 435 45.05 -12.00 5.24
CA PRO B 435 45.61 -11.27 6.38
C PRO B 435 44.67 -10.13 6.77
N ILE B 436 44.43 -9.92 8.08
CA ILE B 436 43.41 -8.97 8.52
C ILE B 436 43.73 -7.55 8.12
N SER B 437 45.00 -7.26 7.88
CA SER B 437 45.36 -6.02 7.23
C SER B 437 45.74 -6.39 5.83
N LYS B 438 45.30 -5.62 4.84
CA LYS B 438 45.44 -6.03 3.44
C LYS B 438 44.86 -4.98 2.51
N PRO B 439 45.61 -4.58 1.49
CA PRO B 439 45.20 -3.54 0.55
C PRO B 439 43.75 -3.71 0.07
N ALA B 440 43.10 -2.58 -0.20
CA ALA B 440 41.78 -2.54 -0.81
C ALA B 440 41.59 -1.19 -1.50
N GLU B 441 41.14 -1.24 -2.76
CA GLU B 441 40.98 -0.02 -3.52
CA GLU B 441 40.98 -0.10 -3.66
C GLU B 441 39.52 0.24 -3.92
N THR B 442 38.92 -0.58 -4.79
CA THR B 442 37.58 -0.36 -5.29
C THR B 442 36.56 -0.41 -4.17
N PRO B 443 35.39 0.23 -4.38
CA PRO B 443 34.35 0.24 -3.34
C PRO B 443 33.93 -1.16 -2.91
N THR B 444 33.85 -2.07 -3.87
CA THR B 444 33.46 -3.43 -3.56
C THR B 444 34.55 -4.08 -2.70
N GLN B 445 35.81 -3.84 -3.03
CA GLN B 445 36.90 -4.42 -2.24
C GLN B 445 36.83 -3.95 -0.81
N ILE B 446 36.55 -2.66 -0.65
CA ILE B 446 36.47 -2.02 0.65
C ILE B 446 35.34 -2.62 1.49
N GLN B 447 34.27 -3.05 0.83
CA GLN B 447 33.17 -3.65 1.56
C GLN B 447 33.48 -5.08 1.94
N GLU B 448 34.29 -5.74 1.12
CA GLU B 448 34.71 -7.10 1.41
C GLU B 448 35.54 -7.13 2.70
N MET B 449 36.19 -6.01 2.98
CA MET B 449 36.98 -5.84 4.18
C MET B 449 36.17 -5.93 5.47
N PHE B 450 34.87 -5.76 5.38
CA PHE B 450 34.02 -5.77 6.57
C PHE B 450 33.55 -7.18 6.80
N ASP B 451 34.44 -8.04 7.33
CA ASP B 451 34.12 -9.47 7.44
C ASP B 451 34.54 -10.08 8.74
N GLU B 452 34.37 -11.40 8.82
CA GLU B 452 34.66 -12.14 10.04
C GLU B 452 36.13 -11.98 10.44
N VAL B 453 36.98 -11.78 9.44
CA VAL B 453 38.40 -11.64 9.68
C VAL B 453 38.70 -10.30 10.37
N SER B 454 38.16 -9.22 9.82
CA SER B 454 38.30 -7.90 10.41
C SER B 454 37.67 -7.80 11.79
N TYR B 455 36.48 -8.31 11.94
CA TYR B 455 35.73 -8.13 13.17
C TYR B 455 36.22 -9.07 14.24
N ASN B 456 36.04 -10.36 13.99
CA ASN B 456 36.23 -11.41 14.98
C ASN B 456 37.69 -11.75 15.21
N LYS B 457 38.44 -11.97 14.14
CA LYS B 457 39.83 -12.34 14.29
C LYS B 457 40.57 -11.15 14.83
N GLY B 458 40.18 -9.97 14.35
CA GLY B 458 40.67 -8.72 14.90
C GLY B 458 40.38 -8.66 16.39
N ALA B 459 39.25 -9.22 16.81
CA ALA B 459 38.88 -9.10 18.21
C ALA B 459 39.59 -10.15 19.03
N CYS B 460 39.77 -11.33 18.44
CA CYS B 460 40.40 -12.46 19.14
C CYS B 460 41.90 -12.25 19.32
N ILE B 461 42.59 -11.77 18.30
CA ILE B 461 44.01 -11.53 18.43
C ILE B 461 44.25 -10.33 19.33
N LEU B 462 43.25 -9.47 19.47
CA LEU B 462 43.32 -8.43 20.47
C LEU B 462 43.19 -9.06 21.83
N ASN B 463 42.36 -10.10 21.92
CA ASN B 463 42.17 -10.78 23.20
C ASN B 463 43.45 -11.49 23.62
N MET B 464 44.09 -12.15 22.65
CA MET B 464 45.34 -12.86 22.86
C MET B 464 46.35 -11.93 23.53
N LEU B 465 46.67 -10.83 22.86
CA LEU B 465 47.70 -9.92 23.35
C LEU B 465 47.31 -9.22 24.65
N LYS B 466 46.02 -9.17 24.94
CA LYS B 466 45.61 -8.59 26.21
C LYS B 466 46.00 -9.53 27.32
N ASP B 467 45.74 -10.82 27.11
CA ASP B 467 46.12 -11.84 28.10
C ASP B 467 47.65 -11.88 28.31
N PHE B 468 48.38 -11.69 27.21
CA PHE B 468 49.82 -11.79 27.16
C PHE B 468 50.52 -10.62 27.84
N LEU B 469 49.83 -9.47 27.93
CA LEU B 469 50.39 -8.29 28.56
C LEU B 469 49.68 -7.94 29.86
N GLY B 470 48.69 -8.74 30.24
CA GLY B 470 47.84 -8.44 31.38
C GLY B 470 46.85 -7.30 31.14
N GLU B 471 45.70 -7.34 31.83
CA GLU B 471 44.70 -6.30 31.68
CA GLU B 471 44.68 -6.29 31.77
C GLU B 471 45.29 -4.91 31.91
N GLU B 472 46.22 -4.80 32.85
CA GLU B 472 46.80 -3.51 33.21
C GLU B 472 47.51 -2.82 32.07
N LYS B 473 48.56 -3.43 31.54
CA LYS B 473 49.39 -2.79 30.53
C LYS B 473 48.57 -2.50 29.29
N PHE B 474 47.56 -3.33 29.05
CA PHE B 474 46.66 -3.20 27.89
C PHE B 474 45.85 -1.89 27.89
N GLN B 475 45.16 -1.66 28.99
CA GLN B 475 44.39 -0.44 29.19
C GLN B 475 45.24 0.81 28.97
N LYS B 476 46.44 0.84 29.56
CA LYS B 476 47.40 1.93 29.37
C LYS B 476 47.77 2.15 27.92
N GLY B 477 48.02 1.04 27.22
CA GLY B 477 48.41 1.09 25.81
C GLY B 477 47.27 1.64 24.98
N ILE B 478 46.06 1.15 25.26
CA ILE B 478 44.83 1.63 24.64
C ILE B 478 44.66 3.14 24.81
N ILE B 479 44.67 3.60 26.05
CA ILE B 479 44.49 5.00 26.38
C ILE B 479 45.59 5.87 25.73
N GLN B 480 46.79 5.30 25.59
CA GLN B 480 47.89 6.00 24.94
C GLN B 480 47.66 6.12 23.43
N TYR B 481 47.11 5.07 22.85
CA TYR B 481 46.76 5.02 21.43
C TYR B 481 45.69 6.04 21.07
N LEU B 482 44.65 6.05 21.87
CA LEU B 482 43.54 6.95 21.66
C LEU B 482 43.99 8.39 21.70
N LYS B 483 44.66 8.77 22.78
CA LYS B 483 45.04 10.16 23.00
C LYS B 483 46.06 10.60 21.97
N LYS B 484 46.98 9.71 21.63
CA LYS B 484 48.02 10.08 20.67
C LYS B 484 47.41 10.38 19.30
N PHE B 485 46.32 9.68 18.97
CA PHE B 485 45.75 9.74 17.62
C PHE B 485 44.32 10.32 17.55
N SER B 486 43.83 10.90 18.63
CA SER B 486 42.55 11.61 18.60
C SER B 486 42.45 12.60 17.43
N TYR B 487 41.30 12.59 16.75
CA TYR B 487 41.02 13.53 15.66
C TYR B 487 42.02 13.36 14.51
N ARG B 488 42.59 12.16 14.42
CA ARG B 488 43.64 11.86 13.45
C ARG B 488 43.52 10.43 12.92
N ASN B 489 44.43 10.01 12.07
CA ASN B 489 44.38 8.67 11.48
C ASN B 489 45.56 7.75 11.86
N ALA B 490 45.26 6.47 12.10
CA ALA B 490 46.25 5.48 12.52
C ALA B 490 46.34 4.32 11.53
N LYS B 491 47.52 3.72 11.41
CA LYS B 491 47.68 2.56 10.55
C LYS B 491 48.03 1.38 11.45
N ASN B 492 48.02 0.16 10.87
CA ASN B 492 48.26 -1.08 11.62
C ASN B 492 49.49 -1.00 12.54
N ASP B 493 50.61 -0.53 12.01
CA ASP B 493 51.85 -0.39 12.78
C ASP B 493 51.64 0.45 14.05
N ASP B 494 50.97 1.60 13.89
CA ASP B 494 50.75 2.56 15.00
C ASP B 494 50.04 1.94 16.18
N LEU B 495 49.18 0.96 15.93
CA LEU B 495 48.42 0.42 17.05
C LEU B 495 49.31 -0.32 18.02
N TRP B 496 50.04 -1.32 17.51
CA TRP B 496 50.85 -2.16 18.37
C TRP B 496 52.08 -1.42 18.87
N SER B 497 52.56 -0.48 18.07
CA SER B 497 53.61 0.46 18.48
C SER B 497 53.24 1.20 19.76
N SER B 498 51.94 1.40 20.00
CA SER B 498 51.48 2.08 21.20
C SER B 498 51.11 1.08 22.29
N LEU B 499 50.83 -0.15 21.90
CA LEU B 499 50.26 -1.15 22.82
C LEU B 499 51.31 -1.80 23.72
N SER B 500 52.58 -1.64 23.38
CA SER B 500 53.65 -2.05 24.28
C SER B 500 53.92 -0.91 25.27
N ASN B 501 54.25 0.26 24.73
CA ASN B 501 54.49 1.46 25.53
C ASN B 501 53.34 1.73 26.49
N GLY B 529 64.44 -6.54 23.89
CA GLY B 529 63.90 -6.68 25.23
C GLY B 529 62.53 -6.06 25.42
N GLU B 530 61.53 -6.66 24.75
CA GLU B 530 60.12 -6.21 24.71
C GLU B 530 59.94 -5.08 23.68
N ASN B 531 58.69 -4.83 23.30
CA ASN B 531 58.30 -3.90 22.24
C ASN B 531 58.68 -4.38 20.84
N ALA B 532 59.97 -4.57 20.59
CA ALA B 532 60.38 -5.19 19.33
C ALA B 532 59.82 -6.61 19.30
N GLU B 533 59.72 -7.25 20.47
CA GLU B 533 59.10 -8.57 20.57
C GLU B 533 57.63 -8.50 20.15
N VAL B 534 56.90 -7.51 20.70
CA VAL B 534 55.47 -7.36 20.45
C VAL B 534 55.20 -7.06 18.98
N LYS B 535 55.88 -6.04 18.45
CA LYS B 535 55.66 -5.66 17.07
C LYS B 535 55.96 -6.82 16.12
N GLU B 536 57.05 -7.54 16.37
CA GLU B 536 57.42 -8.69 15.55
C GLU B 536 56.38 -9.81 15.57
N MET B 537 55.93 -10.18 16.78
CA MET B 537 54.96 -11.26 16.95
C MET B 537 53.67 -10.94 16.22
N MET B 538 53.17 -9.72 16.41
CA MET B 538 51.92 -9.29 15.80
C MET B 538 52.02 -9.23 14.28
N THR B 539 53.23 -9.03 13.77
CA THR B 539 53.43 -9.00 12.33
C THR B 539 53.13 -10.36 11.70
N THR B 540 53.06 -11.37 12.55
CA THR B 540 52.73 -12.72 12.06
C THR B 540 51.24 -12.99 12.16
N TRP B 541 50.55 -12.14 12.92
CA TRP B 541 49.13 -12.28 13.17
C TRP B 541 48.30 -11.31 12.30
N THR B 542 48.95 -10.28 11.79
CA THR B 542 48.24 -9.24 11.07
C THR B 542 48.67 -9.13 9.60
N LEU B 543 49.77 -9.75 9.21
CA LEU B 543 50.22 -9.56 7.83
C LEU B 543 50.22 -10.85 7.00
N GLN B 544 49.83 -11.96 7.63
CA GLN B 544 49.70 -13.23 6.91
C GLN B 544 48.38 -13.89 7.33
N LYS B 545 47.81 -14.70 6.45
CA LYS B 545 46.49 -15.27 6.73
C LYS B 545 46.59 -16.53 7.55
N GLY B 546 45.48 -16.95 8.14
CA GLY B 546 45.40 -18.26 8.76
C GLY B 546 45.57 -18.33 10.26
N ILE B 547 45.26 -19.50 10.81
CA ILE B 547 45.52 -19.84 12.21
C ILE B 547 46.57 -20.95 12.27
N PRO B 548 47.53 -20.85 13.20
CA PRO B 548 48.49 -21.95 13.28
C PRO B 548 47.94 -23.16 14.02
N LEU B 549 48.60 -24.29 13.83
CA LEU B 549 48.32 -25.51 14.58
C LEU B 549 49.51 -25.82 15.48
N LEU B 550 49.22 -26.14 16.74
CA LEU B 550 50.27 -26.46 17.71
C LEU B 550 50.35 -27.97 17.97
N VAL B 551 51.39 -28.60 17.42
CA VAL B 551 51.63 -30.02 17.62
C VAL B 551 52.50 -30.26 18.87
N VAL B 552 51.94 -31.01 19.81
CA VAL B 552 52.59 -31.34 21.06
C VAL B 552 52.79 -32.85 21.21
N LYS B 553 54.04 -33.28 21.14
CA LYS B 553 54.42 -34.64 21.54
C LYS B 553 55.11 -34.54 22.90
N GLN B 554 54.54 -35.20 23.90
CA GLN B 554 55.08 -35.14 25.26
C GLN B 554 55.72 -36.47 25.70
N ASP B 555 57.01 -36.39 26.08
CA ASP B 555 57.75 -37.56 26.55
C ASP B 555 57.98 -37.50 28.06
N GLY B 556 56.97 -37.89 28.83
CA GLY B 556 57.06 -37.84 30.28
C GLY B 556 56.94 -36.43 30.81
N CYS B 557 58.08 -35.86 31.20
CA CYS B 557 58.13 -34.49 31.71
C CYS B 557 58.66 -33.53 30.65
N SER B 558 59.10 -34.09 29.52
CA SER B 558 59.54 -33.29 28.40
C SER B 558 58.44 -33.22 27.34
N LEU B 559 58.34 -32.08 26.65
CA LEU B 559 57.32 -31.88 25.62
C LEU B 559 57.91 -31.16 24.43
N ARG B 560 57.70 -31.72 23.23
CA ARG B 560 58.22 -31.10 22.03
C ARG B 560 57.10 -30.42 21.24
N LEU B 561 57.33 -29.15 20.93
CA LEU B 561 56.33 -28.31 20.30
C LEU B 561 56.73 -28.02 18.85
N GLN B 562 55.74 -28.08 17.97
CA GLN B 562 55.93 -27.74 16.57
C GLN B 562 54.75 -26.91 16.05
N GLN B 563 54.99 -26.09 15.03
CA GLN B 563 53.90 -25.29 14.48
C GLN B 563 53.80 -25.44 12.97
N GLU B 564 52.57 -25.31 12.46
CA GLU B 564 52.31 -25.36 11.03
C GLU B 564 51.03 -24.62 10.72
N ARG B 565 50.86 -24.20 9.47
CA ARG B 565 49.61 -23.60 9.06
C ARG B 565 48.51 -24.65 9.14
N PHE B 566 47.56 -24.47 10.05
CA PHE B 566 46.43 -25.41 10.19
C PHE B 566 45.47 -25.32 9.01
N LEU B 567 45.51 -26.29 8.12
CA LEU B 567 44.53 -26.34 7.03
C LEU B 567 43.26 -27.04 7.50
N GLN B 568 42.37 -27.35 6.55
CA GLN B 568 41.09 -27.96 6.90
C GLN B 568 40.53 -28.73 5.72
N GLY B 569 40.69 -30.04 5.74
CA GLY B 569 40.33 -30.88 4.61
C GLY B 569 41.52 -31.18 3.72
N VAL B 570 42.68 -30.63 4.08
CA VAL B 570 43.91 -30.88 3.34
C VAL B 570 44.88 -31.66 4.23
N PHE B 571 44.79 -32.98 4.19
CA PHE B 571 45.56 -33.85 5.07
C PHE B 571 47.05 -33.84 4.73
N GLN B 572 47.87 -34.16 5.71
CA GLN B 572 49.32 -34.13 5.55
C GLN B 572 49.75 -34.98 4.38
N GLU B 573 49.01 -36.08 4.20
CA GLU B 573 49.17 -36.98 3.06
C GLU B 573 49.06 -36.25 1.73
N ASP B 574 48.00 -35.45 1.58
CA ASP B 574 47.72 -34.76 0.32
C ASP B 574 48.91 -33.90 -0.12
N PRO B 575 49.21 -33.92 -1.42
CA PRO B 575 50.41 -33.26 -1.95
C PRO B 575 50.36 -31.74 -1.77
N GLU B 576 49.19 -31.15 -2.01
CA GLU B 576 48.97 -29.72 -1.93
C GLU B 576 49.34 -29.20 -0.55
N TRP B 577 49.14 -30.05 0.46
CA TRP B 577 49.37 -29.67 1.85
C TRP B 577 50.73 -29.02 2.11
N ARG B 578 51.80 -29.62 1.63
CA ARG B 578 53.11 -29.04 1.83
C ARG B 578 53.56 -28.38 0.54
N ALA B 579 54.46 -27.41 0.68
CA ALA B 579 54.95 -26.58 -0.43
C ALA B 579 53.82 -25.74 -1.02
N LEU B 580 54.07 -24.44 -1.12
CA LEU B 580 53.07 -23.46 -1.52
C LEU B 580 51.83 -23.63 -0.65
N GLN B 581 52.06 -23.83 0.64
CA GLN B 581 50.99 -24.00 1.60
C GLN B 581 51.52 -23.93 3.02
N GLU B 582 52.72 -24.44 3.23
CA GLU B 582 53.31 -24.45 4.57
C GLU B 582 54.40 -23.40 4.74
N ARG B 583 54.29 -22.28 4.04
CA ARG B 583 55.34 -21.26 4.06
C ARG B 583 55.11 -20.26 5.19
N TYR B 584 54.25 -20.67 6.13
CA TYR B 584 53.76 -19.80 7.17
C TYR B 584 54.45 -20.07 8.52
N LEU B 585 54.61 -19.01 9.31
CA LEU B 585 55.30 -19.13 10.58
C LEU B 585 54.83 -18.05 11.55
N TRP B 586 54.50 -18.44 12.79
CA TRP B 586 54.01 -17.50 13.79
C TRP B 586 54.92 -17.40 15.01
N HIS B 587 54.90 -16.26 15.68
CA HIS B 587 55.34 -16.18 17.07
C HIS B 587 54.10 -16.37 17.91
N ILE B 588 53.80 -17.61 18.24
CA ILE B 588 52.64 -17.92 19.06
C ILE B 588 52.92 -17.73 20.55
N PRO B 589 52.18 -16.82 21.20
CA PRO B 589 52.26 -16.72 22.65
C PRO B 589 51.48 -17.84 23.34
N LEU B 590 52.18 -18.92 23.69
CA LEU B 590 51.54 -20.11 24.26
C LEU B 590 51.26 -20.01 25.75
N THR B 591 50.31 -20.82 26.21
CA THR B 591 50.01 -20.99 27.63
C THR B 591 49.71 -22.46 27.88
N TYR B 592 49.98 -22.93 29.09
CA TYR B 592 49.49 -24.23 29.53
C TYR B 592 49.45 -24.36 31.05
N SER B 593 48.74 -25.40 31.49
CA SER B 593 48.78 -25.83 32.87
C SER B 593 48.72 -27.36 32.83
N THR B 594 49.36 -28.00 33.81
CA THR B 594 49.47 -29.44 33.84
C THR B 594 48.30 -30.09 34.57
N SER B 595 48.36 -31.41 34.73
CA SER B 595 47.28 -32.18 35.32
C SER B 595 46.82 -31.64 36.68
N SER B 596 47.74 -31.52 37.63
CA SER B 596 47.36 -31.07 38.96
C SER B 596 47.87 -29.66 39.30
N SER B 597 48.80 -29.14 38.48
CA SER B 597 49.35 -27.80 38.69
C SER B 597 48.62 -26.75 37.83
N ASN B 598 47.60 -26.14 38.40
CA ASN B 598 46.73 -25.21 37.68
C ASN B 598 47.41 -23.90 37.26
N VAL B 599 48.51 -23.56 37.93
CA VAL B 599 49.28 -22.38 37.61
C VAL B 599 49.60 -22.34 36.13
N ILE B 600 49.34 -21.20 35.50
CA ILE B 600 49.46 -21.08 34.06
C ILE B 600 50.88 -20.75 33.65
N HIS B 601 51.51 -21.68 32.94
CA HIS B 601 52.87 -21.46 32.43
C HIS B 601 52.78 -20.81 31.06
N ARG B 602 53.75 -19.95 30.75
CA ARG B 602 53.69 -19.12 29.55
C ARG B 602 55.00 -19.18 28.75
N HIS B 603 54.90 -19.35 27.43
CA HIS B 603 56.10 -19.35 26.59
C HIS B 603 55.80 -18.98 25.14
N ILE B 604 56.65 -18.15 24.55
CA ILE B 604 56.47 -17.71 23.19
C ILE B 604 57.14 -18.67 22.21
N LEU B 605 56.35 -19.32 21.36
CA LEU B 605 56.94 -20.20 20.35
C LEU B 605 57.33 -19.36 19.13
N LYS B 606 58.62 -19.13 18.94
CA LYS B 606 59.07 -18.20 17.92
C LYS B 606 59.69 -18.89 16.71
N SER B 607 59.53 -20.20 16.61
CA SER B 607 60.14 -20.94 15.50
C SER B 607 59.49 -22.31 15.22
N LYS B 608 59.84 -22.88 14.07
CA LYS B 608 59.21 -24.09 13.54
C LYS B 608 59.10 -25.22 14.55
N THR B 609 60.11 -25.34 15.40
CA THR B 609 60.19 -26.39 16.41
C THR B 609 60.67 -25.79 17.73
N ASP B 610 60.41 -26.48 18.84
CA ASP B 610 60.89 -26.07 20.16
C ASP B 610 60.59 -27.14 21.21
N THR B 611 61.27 -27.07 22.36
CA THR B 611 61.05 -28.02 23.45
C THR B 611 61.02 -27.32 24.80
N LEU B 612 60.24 -27.86 25.74
CA LEU B 612 60.25 -27.36 27.10
C LEU B 612 60.23 -28.53 28.10
N ASP B 613 60.52 -28.22 29.36
CA ASP B 613 60.66 -29.26 30.38
C ASP B 613 59.73 -29.02 31.57
N LEU B 614 58.78 -29.93 31.76
CA LEU B 614 57.92 -29.90 32.94
C LEU B 614 58.75 -30.11 34.19
N PRO B 615 58.45 -29.33 35.25
CA PRO B 615 59.06 -29.56 36.56
C PRO B 615 58.87 -31.01 37.03
N GLU B 616 57.71 -31.57 36.74
CA GLU B 616 57.38 -32.93 37.14
C GLU B 616 56.58 -33.65 36.07
N LYS B 617 56.64 -34.98 36.11
CA LYS B 617 55.77 -35.79 35.27
C LYS B 617 54.34 -35.65 35.78
N THR B 618 53.39 -35.62 34.84
CA THR B 618 51.97 -35.48 35.18
C THR B 618 51.12 -36.28 34.20
N SER B 619 49.85 -36.46 34.53
CA SER B 619 48.98 -37.31 33.72
C SER B 619 48.52 -36.62 32.43
N TRP B 620 48.08 -35.37 32.51
CA TRP B 620 47.80 -34.60 31.29
C TRP B 620 48.34 -33.19 31.34
N VAL B 621 48.43 -32.56 30.17
CA VAL B 621 48.77 -31.15 30.08
C VAL B 621 47.92 -30.48 29.01
N LYS B 622 47.12 -29.50 29.41
CA LYS B 622 46.25 -28.77 28.47
C LYS B 622 46.89 -27.46 28.02
N PHE B 623 47.08 -27.32 26.72
CA PHE B 623 47.63 -26.10 26.13
C PHE B 623 46.52 -25.11 25.76
N ASN B 624 46.89 -23.83 25.63
CA ASN B 624 45.92 -22.77 25.36
C ASN B 624 44.86 -22.69 26.47
N VAL B 625 45.24 -22.09 27.59
CA VAL B 625 44.35 -22.02 28.75
C VAL B 625 43.18 -21.07 28.52
N ASP B 626 41.97 -21.58 28.72
CA ASP B 626 40.72 -20.84 28.52
C ASP B 626 40.46 -20.45 27.07
N SER B 627 41.39 -20.85 26.18
CA SER B 627 41.33 -20.65 24.73
C SER B 627 41.60 -19.20 24.28
N ASN B 628 42.37 -18.46 25.07
CA ASN B 628 42.65 -17.05 24.79
C ASN B 628 43.60 -16.84 23.62
N GLY B 629 44.08 -17.92 23.06
CA GLY B 629 45.05 -17.81 22.00
C GLY B 629 44.44 -18.26 20.71
N TYR B 630 44.80 -17.57 19.64
CA TYR B 630 44.29 -17.90 18.33
C TYR B 630 45.15 -18.99 17.69
N TYR B 631 45.06 -20.20 18.26
CA TYR B 631 45.69 -21.38 17.68
C TYR B 631 45.01 -22.66 18.16
N ILE B 632 45.12 -23.72 17.37
CA ILE B 632 44.56 -25.01 17.75
C ILE B 632 45.63 -25.89 18.41
N VAL B 633 45.22 -26.85 19.25
CA VAL B 633 46.17 -27.76 19.89
C VAL B 633 45.97 -29.21 19.46
N HIS B 634 47.04 -29.87 19.04
CA HIS B 634 47.01 -31.31 18.73
C HIS B 634 48.03 -32.10 19.55
N TYR B 635 47.53 -33.05 20.34
CA TYR B 635 48.40 -33.86 21.19
C TYR B 635 48.74 -35.20 20.52
N GLU B 636 50.00 -35.37 20.17
CA GLU B 636 50.45 -36.59 19.49
C GLU B 636 50.45 -37.77 20.44
N GLY B 637 50.35 -38.96 19.86
CA GLY B 637 50.31 -40.19 20.63
C GLY B 637 49.19 -40.21 21.65
N HIS B 638 49.57 -40.38 22.91
CA HIS B 638 48.62 -40.66 23.99
C HIS B 638 48.21 -39.42 24.75
N GLY B 639 48.12 -38.30 24.05
CA GLY B 639 47.75 -37.04 24.69
C GLY B 639 46.24 -36.87 24.82
N TRP B 640 45.52 -37.14 23.73
CA TRP B 640 44.08 -36.93 23.70
C TRP B 640 43.33 -37.85 24.64
N ASP B 641 43.71 -39.13 24.64
CA ASP B 641 43.03 -40.14 25.44
C ASP B 641 43.05 -39.79 26.93
N GLN B 642 44.12 -39.15 27.37
CA GLN B 642 44.24 -38.74 28.77
C GLN B 642 43.40 -37.50 29.04
N LEU B 643 43.30 -36.64 28.03
CA LEU B 643 42.46 -35.46 28.16
C LEU B 643 40.99 -35.87 28.15
N ILE B 644 40.64 -36.78 27.25
CA ILE B 644 39.28 -37.30 27.21
C ILE B 644 38.96 -37.93 28.55
N THR B 645 39.72 -38.96 28.90
CA THR B 645 39.46 -39.77 30.09
C THR B 645 39.39 -38.94 31.36
N GLN B 646 40.08 -37.80 31.37
CA GLN B 646 40.05 -36.89 32.50
C GLN B 646 38.66 -36.28 32.64
N LEU B 647 37.99 -36.07 31.51
CA LEU B 647 36.65 -35.50 31.50
C LEU B 647 35.59 -36.56 31.76
N ASN B 648 35.76 -37.74 31.16
CA ASN B 648 34.79 -38.82 31.32
C ASN B 648 34.55 -39.18 32.79
N GLN B 649 35.61 -39.05 33.58
CA GLN B 649 35.53 -39.22 35.02
C GLN B 649 35.08 -37.93 35.70
N ASN B 650 36.06 -37.13 36.11
CA ASN B 650 35.82 -35.84 36.77
C ASN B 650 36.15 -34.66 35.86
N HIS B 651 35.14 -34.07 35.23
CA HIS B 651 35.38 -32.98 34.28
C HIS B 651 35.69 -31.66 34.94
N THR B 652 35.18 -31.47 36.15
CA THR B 652 35.29 -30.22 36.89
C THR B 652 36.74 -29.84 37.15
N LEU B 653 37.63 -30.84 37.06
CA LEU B 653 39.04 -30.62 37.26
C LEU B 653 39.57 -29.73 36.14
N LEU B 654 39.10 -29.96 34.93
CA LEU B 654 39.42 -29.12 33.77
C LEU B 654 38.57 -27.85 33.75
N ARG B 655 39.17 -26.70 33.43
CA ARG B 655 38.46 -25.42 33.39
C ARG B 655 37.27 -25.44 32.41
N PRO B 656 36.18 -24.75 32.78
CA PRO B 656 34.96 -24.67 31.95
C PRO B 656 35.23 -24.16 30.55
N LYS B 657 36.09 -23.16 30.43
CA LYS B 657 36.46 -22.60 29.12
C LYS B 657 37.49 -23.47 28.40
N ASP B 658 38.07 -24.43 29.11
CA ASP B 658 38.98 -25.40 28.52
C ASP B 658 38.20 -26.58 27.95
N ARG B 659 37.15 -26.98 28.67
CA ARG B 659 36.20 -27.98 28.17
C ARG B 659 35.70 -27.57 26.80
N VAL B 660 35.26 -26.32 26.70
CA VAL B 660 34.82 -25.76 25.43
C VAL B 660 35.93 -25.89 24.41
N GLY B 661 37.07 -25.28 24.72
CA GLY B 661 38.23 -25.29 23.85
C GLY B 661 38.54 -26.66 23.30
N LEU B 662 38.53 -27.67 24.19
CA LEU B 662 38.89 -29.04 23.82
C LEU B 662 37.86 -29.67 22.89
N ILE B 663 36.57 -29.51 23.19
CA ILE B 663 35.55 -30.04 22.30
C ILE B 663 35.74 -29.44 20.91
N HIS B 664 35.97 -28.13 20.87
CA HIS B 664 36.14 -27.43 19.62
C HIS B 664 37.28 -28.00 18.81
N ASP B 665 38.47 -28.02 19.42
CA ASP B 665 39.67 -28.44 18.74
C ASP B 665 39.59 -29.91 18.33
N VAL B 666 38.88 -30.71 19.12
CA VAL B 666 38.71 -32.14 18.85
C VAL B 666 38.20 -32.40 17.44
N PHE B 667 37.10 -31.76 17.06
CA PHE B 667 36.48 -32.00 15.75
C PHE B 667 37.23 -31.28 14.65
N GLN B 668 37.78 -30.12 14.99
CA GLN B 668 38.57 -29.34 14.03
C GLN B 668 39.68 -30.21 13.45
N LEU B 669 40.31 -30.98 14.33
CA LEU B 669 41.37 -31.89 13.95
C LEU B 669 40.82 -33.14 13.25
N VAL B 670 39.62 -33.56 13.61
CA VAL B 670 38.94 -34.63 12.90
C VAL B 670 38.88 -34.30 11.42
N GLY B 671 38.52 -33.05 11.11
CA GLY B 671 38.44 -32.60 9.74
C GLY B 671 39.79 -32.58 9.03
N ALA B 672 40.85 -32.33 9.79
CA ALA B 672 42.20 -32.27 9.22
C ALA B 672 42.78 -33.66 8.95
N GLY B 673 42.30 -34.65 9.69
CA GLY B 673 42.86 -35.99 9.59
C GLY B 673 43.84 -36.29 10.71
N ARG B 674 43.93 -35.40 11.68
CA ARG B 674 44.88 -35.58 12.78
C ARG B 674 44.18 -36.22 13.97
N LEU B 675 42.93 -36.63 13.76
CA LEU B 675 42.17 -37.43 14.70
C LEU B 675 41.05 -38.09 13.91
N THR B 676 40.56 -39.21 14.41
CA THR B 676 39.51 -39.95 13.74
C THR B 676 38.17 -39.57 14.35
N LEU B 677 37.09 -39.68 13.59
CA LEU B 677 35.78 -39.27 14.09
C LEU B 677 35.38 -39.97 15.39
N ASP B 678 35.86 -41.20 15.56
CA ASP B 678 35.63 -42.00 16.76
C ASP B 678 35.86 -41.24 18.06
N LYS B 679 37.08 -40.74 18.21
CA LYS B 679 37.52 -40.05 19.42
C LYS B 679 36.60 -38.89 19.72
N ALA B 680 36.26 -38.16 18.66
CA ALA B 680 35.44 -36.95 18.74
C ALA B 680 34.08 -37.25 19.38
N LEU B 681 33.41 -38.25 18.86
CA LEU B 681 32.10 -38.61 19.38
C LEU B 681 32.23 -39.09 20.83
N ASP B 682 33.30 -39.85 21.10
CA ASP B 682 33.60 -40.33 22.44
C ASP B 682 33.73 -39.16 23.41
N MET B 683 34.14 -38.01 22.89
CA MET B 683 34.25 -36.78 23.67
C MET B 683 32.88 -36.28 24.13
N THR B 684 31.84 -36.62 23.37
CA THR B 684 30.50 -36.13 23.66
C THR B 684 29.88 -36.75 24.90
N TYR B 685 30.22 -38.00 25.18
CA TYR B 685 29.62 -38.73 26.30
C TYR B 685 29.72 -37.93 27.60
N TYR B 686 30.84 -37.23 27.77
CA TYR B 686 31.08 -36.48 29.00
C TYR B 686 30.13 -35.30 29.19
N LEU B 687 29.48 -34.86 28.11
CA LEU B 687 28.64 -33.68 28.18
C LEU B 687 27.45 -33.88 29.09
N GLN B 688 26.85 -35.05 29.02
CA GLN B 688 25.96 -35.45 30.09
C GLN B 688 26.82 -35.47 31.34
N HIS B 689 26.30 -34.90 32.43
CA HIS B 689 26.97 -34.67 33.73
C HIS B 689 27.58 -33.25 33.79
N GLU B 690 27.39 -32.45 32.75
CA GLU B 690 27.95 -31.09 32.71
C GLU B 690 26.89 -30.02 32.98
N THR B 691 27.09 -29.23 34.03
CA THR B 691 26.17 -28.14 34.34
C THR B 691 26.46 -26.93 33.46
N SER B 692 27.75 -26.60 33.31
CA SER B 692 28.21 -25.50 32.45
C SER B 692 27.62 -25.57 31.05
N SER B 693 26.79 -24.59 30.71
CA SER B 693 26.04 -24.60 29.45
C SER B 693 26.86 -24.38 28.17
N PRO B 694 27.75 -23.36 28.13
CA PRO B 694 28.51 -23.13 26.88
C PRO B 694 29.32 -24.34 26.43
N ALA B 695 29.90 -25.05 27.39
CA ALA B 695 30.58 -26.30 27.09
C ALA B 695 29.56 -27.32 26.59
N LEU B 696 28.39 -27.35 27.20
CA LEU B 696 27.36 -28.31 26.80
C LEU B 696 26.89 -28.09 25.37
N LEU B 697 26.42 -26.88 25.08
CA LEU B 697 25.83 -26.59 23.78
C LEU B 697 26.84 -26.69 22.64
N GLU B 698 28.09 -26.38 22.93
CA GLU B 698 29.17 -26.48 21.94
C GLU B 698 29.32 -27.90 21.38
N GLY B 699 29.12 -28.89 22.25
CA GLY B 699 29.12 -30.27 21.82
C GLY B 699 27.78 -30.64 21.23
N LEU B 700 26.71 -30.17 21.86
CA LEU B 700 25.36 -30.35 21.33
C LEU B 700 25.28 -29.86 19.89
N SER B 701 25.87 -28.71 19.63
CA SER B 701 25.78 -28.06 18.33
C SER B 701 26.37 -28.92 17.22
N TYR B 702 27.57 -29.41 17.50
CA TYR B 702 28.30 -30.25 16.57
C TYR B 702 27.50 -31.48 16.14
N LEU B 703 26.81 -32.11 17.10
CA LEU B 703 25.95 -33.25 16.81
C LEU B 703 24.75 -32.85 15.95
N GLU B 704 24.15 -31.71 16.29
CA GLU B 704 23.00 -31.22 15.56
C GLU B 704 23.36 -30.88 14.11
N SER B 705 24.58 -30.37 13.93
CA SER B 705 25.09 -30.07 12.60
C SER B 705 25.14 -31.34 11.76
N PHE B 706 25.67 -32.41 12.36
CA PHE B 706 25.74 -33.73 11.70
C PHE B 706 24.38 -34.17 11.20
N TYR B 707 23.35 -33.97 12.03
CA TYR B 707 21.98 -34.27 11.64
C TYR B 707 21.60 -33.65 10.30
N HIS B 708 21.62 -32.32 10.24
CA HIS B 708 21.12 -31.61 9.09
C HIS B 708 21.94 -31.83 7.83
N MET B 709 23.22 -32.19 8.00
CA MET B 709 24.03 -32.50 6.85
C MET B 709 23.54 -33.78 6.21
N MET B 710 23.19 -34.74 7.05
CA MET B 710 22.63 -36.00 6.57
C MET B 710 21.22 -35.76 6.04
N ASP B 711 20.45 -34.99 6.79
CA ASP B 711 19.05 -34.75 6.48
C ASP B 711 18.84 -33.81 5.29
N ARG B 712 19.86 -33.01 4.94
CA ARG B 712 19.82 -32.22 3.71
C ARG B 712 19.84 -33.15 2.53
N ARG B 713 20.71 -34.16 2.65
CA ARG B 713 20.64 -35.34 1.83
C ARG B 713 19.51 -36.22 2.37
N ASN B 714 19.33 -37.42 1.82
CA ASN B 714 18.22 -38.26 2.28
C ASN B 714 18.71 -39.42 3.17
N ILE B 715 19.94 -39.30 3.65
CA ILE B 715 20.61 -40.42 4.27
C ILE B 715 20.02 -40.60 5.64
N SER B 716 18.88 -41.29 5.62
CA SER B 716 18.04 -41.54 6.78
C SER B 716 18.73 -42.38 7.84
N ASP B 717 19.58 -43.31 7.42
CA ASP B 717 20.17 -44.25 8.35
C ASP B 717 20.99 -43.54 9.43
N ILE B 718 21.80 -42.56 9.05
CA ILE B 718 22.58 -41.84 10.03
C ILE B 718 21.74 -40.75 10.71
N SER B 719 20.75 -40.22 9.99
CA SER B 719 19.93 -39.16 10.56
C SER B 719 19.13 -39.64 11.77
N GLU B 720 18.39 -40.74 11.61
CA GLU B 720 17.53 -41.21 12.69
CA GLU B 720 17.55 -41.31 12.67
C GLU B 720 18.35 -41.71 13.90
N ASN B 721 19.53 -42.28 13.63
CA ASN B 721 20.42 -42.71 14.71
C ASN B 721 20.81 -41.52 15.58
N LEU B 722 21.08 -40.38 14.93
CA LEU B 722 21.42 -39.15 15.62
C LEU B 722 20.25 -38.65 16.47
N LYS B 723 19.04 -38.76 15.93
CA LYS B 723 17.82 -38.31 16.63
C LYS B 723 17.56 -39.12 17.90
N ARG B 724 17.59 -40.45 17.77
CA ARG B 724 17.35 -41.34 18.89
C ARG B 724 18.32 -41.05 20.02
N TYR B 725 19.61 -40.98 19.68
CA TYR B 725 20.67 -40.80 20.65
C TYR B 725 20.51 -39.52 21.44
N LEU B 726 20.13 -38.44 20.76
CA LEU B 726 20.01 -37.12 21.39
C LEU B 726 18.79 -37.01 22.31
N LEU B 727 17.75 -37.77 22.03
CA LEU B 727 16.60 -37.80 22.91
C LEU B 727 16.96 -38.53 24.20
N GLN B 728 17.23 -39.82 24.08
CA GLN B 728 17.68 -40.64 25.21
C GLN B 728 18.89 -40.00 25.87
N TYR B 729 20.06 -40.09 25.25
CA TYR B 729 21.23 -39.40 25.78
C TYR B 729 20.95 -37.90 25.65
N PHE B 730 20.89 -37.22 26.81
CA PHE B 730 20.40 -35.84 26.99
C PHE B 730 18.87 -35.82 27.09
N LYS B 731 18.32 -36.79 27.82
CA LYS B 731 16.91 -36.78 28.20
C LYS B 731 16.62 -36.02 29.50
N PRO B 732 17.48 -36.15 30.53
CA PRO B 732 17.14 -35.45 31.78
C PRO B 732 17.17 -33.92 31.67
N VAL B 733 17.84 -33.41 30.64
CA VAL B 733 18.01 -31.97 30.48
C VAL B 733 17.05 -31.42 29.42
N ILE B 734 16.52 -32.30 28.58
CA ILE B 734 15.38 -31.95 27.74
C ILE B 734 14.15 -31.80 28.63
N ASP B 735 13.89 -32.83 29.43
CA ASP B 735 12.63 -32.95 30.15
C ASP B 735 12.44 -31.88 31.22
N ARG B 736 13.54 -31.38 31.77
CA ARG B 736 13.47 -30.41 32.85
C ARG B 736 12.83 -29.09 32.41
N GLN B 737 13.21 -28.62 31.23
CA GLN B 737 12.86 -27.28 30.73
C GLN B 737 11.38 -26.89 30.80
N SER B 738 11.12 -25.81 31.52
CA SER B 738 9.78 -25.23 31.61
C SER B 738 9.46 -24.41 30.36
N TRP B 739 8.18 -24.10 30.15
CA TRP B 739 7.77 -23.29 29.01
C TRP B 739 7.32 -21.92 29.49
N SER B 740 8.31 -21.13 29.91
CA SER B 740 8.09 -19.79 30.46
C SER B 740 9.34 -18.95 30.27
N ASP B 741 9.35 -17.77 30.86
CA ASP B 741 10.50 -16.87 30.75
C ASP B 741 11.20 -16.73 32.10
N LYS B 742 10.98 -17.72 32.97
CA LYS B 742 11.51 -17.69 34.34
C LYS B 742 13.01 -18.03 34.39
N GLY B 743 13.62 -17.75 35.53
CA GLY B 743 15.03 -18.07 35.73
C GLY B 743 15.98 -17.03 35.18
N SER B 744 17.26 -17.26 35.38
CA SER B 744 18.31 -16.34 34.94
C SER B 744 18.43 -16.27 33.43
N VAL B 745 19.46 -15.58 32.96
CA VAL B 745 19.63 -15.38 31.52
C VAL B 745 20.06 -16.67 30.84
N TRP B 746 21.10 -17.31 31.37
CA TRP B 746 21.51 -18.63 30.85
C TRP B 746 20.38 -19.61 31.07
N ASP B 747 19.60 -19.40 32.12
CA ASP B 747 18.43 -20.22 32.35
C ASP B 747 17.45 -20.07 31.18
N ARG B 748 17.17 -18.82 30.83
CA ARG B 748 16.20 -18.52 29.78
C ARG B 748 16.63 -19.08 28.42
N MET B 749 17.82 -18.70 27.99
CA MET B 749 18.32 -19.08 26.68
C MET B 749 18.34 -20.58 26.51
N LEU B 750 19.02 -21.27 27.42
CA LEU B 750 19.18 -22.73 27.38
C LEU B 750 17.91 -23.48 27.02
N ARG B 751 16.77 -22.93 27.47
CA ARG B 751 15.47 -23.51 27.22
C ARG B 751 15.03 -23.32 25.77
N SER B 752 15.32 -22.15 25.21
CA SER B 752 14.93 -21.85 23.84
C SER B 752 15.85 -22.54 22.86
N ALA B 753 17.00 -22.98 23.37
CA ALA B 753 17.99 -23.64 22.56
C ALA B 753 17.70 -25.10 22.52
N LEU B 754 17.10 -25.58 23.61
CA LEU B 754 16.75 -26.99 23.73
C LEU B 754 15.39 -27.26 23.13
N LEU B 755 14.39 -26.45 23.45
CA LEU B 755 13.04 -26.66 22.95
C LEU B 755 12.97 -26.44 21.44
N LYS B 756 13.89 -25.65 20.92
CA LYS B 756 14.04 -25.50 19.48
C LYS B 756 14.57 -26.81 18.92
N LEU B 757 15.42 -27.46 19.71
CA LEU B 757 16.04 -28.71 19.31
C LEU B 757 15.07 -29.88 19.45
N ALA B 758 14.25 -29.85 20.48
CA ALA B 758 13.25 -30.88 20.68
C ALA B 758 12.22 -30.86 19.57
N CYS B 759 11.81 -29.66 19.15
CA CYS B 759 10.78 -29.54 18.12
C CYS B 759 11.33 -29.82 16.74
N ASP B 760 12.58 -29.42 16.51
CA ASP B 760 13.19 -29.58 15.20
C ASP B 760 13.55 -31.04 14.93
N LEU B 761 13.50 -31.85 15.99
CA LEU B 761 13.74 -33.27 15.85
C LEU B 761 12.44 -34.03 15.59
N ASN B 762 11.33 -33.43 16.04
CA ASN B 762 9.98 -34.04 16.10
C ASN B 762 9.82 -34.90 17.35
N HIS B 763 9.39 -34.25 18.43
CA HIS B 763 9.28 -34.86 19.74
C HIS B 763 7.91 -34.53 20.32
N ALA B 764 7.12 -35.56 20.65
CA ALA B 764 5.73 -35.41 21.09
C ALA B 764 5.50 -34.35 22.17
N PRO B 765 6.35 -34.32 23.23
CA PRO B 765 6.14 -33.27 24.24
C PRO B 765 6.26 -31.85 23.68
N CYS B 766 7.36 -31.57 22.98
CA CYS B 766 7.59 -30.24 22.42
C CYS B 766 6.50 -29.83 21.43
N ILE B 767 6.31 -30.63 20.39
CA ILE B 767 5.36 -30.32 19.34
C ILE B 767 3.95 -30.07 19.87
N GLN B 768 3.50 -30.90 20.80
CA GLN B 768 2.14 -30.76 21.33
C GLN B 768 2.00 -29.56 22.27
N LYS B 769 3.02 -29.31 23.10
CA LYS B 769 2.97 -28.16 24.00
C LYS B 769 3.02 -26.87 23.18
N ALA B 770 3.71 -26.93 22.05
CA ALA B 770 3.72 -25.81 21.12
C ALA B 770 2.35 -25.65 20.49
N ALA B 771 1.85 -26.74 19.91
CA ALA B 771 0.57 -26.73 19.22
C ALA B 771 -0.55 -26.22 20.13
N GLU B 772 -0.49 -26.60 21.40
CA GLU B 772 -1.50 -26.18 22.35
C GLU B 772 -1.39 -24.67 22.57
N LEU B 773 -0.16 -24.21 22.76
CA LEU B 773 0.14 -22.79 22.98
C LEU B 773 -0.20 -21.90 21.77
N PHE B 774 0.14 -22.37 20.57
CA PHE B 774 -0.19 -21.64 19.35
C PHE B 774 -1.70 -21.49 19.23
N SER B 775 -2.42 -22.55 19.55
CA SER B 775 -3.87 -22.53 19.49
C SER B 775 -4.46 -21.51 20.48
N GLN B 776 -4.06 -21.62 21.75
CA GLN B 776 -4.63 -20.79 22.80
C GLN B 776 -4.32 -19.28 22.65
N TRP B 777 -3.36 -18.95 21.78
CA TRP B 777 -3.04 -17.56 21.51
C TRP B 777 -3.76 -17.09 20.24
N MET B 778 -3.86 -17.99 19.26
CA MET B 778 -4.54 -17.69 18.01
C MET B 778 -6.06 -17.67 18.21
N GLU B 779 -6.57 -18.61 19.00
CA GLU B 779 -8.00 -18.68 19.28
C GLU B 779 -8.48 -17.43 20.00
N SER B 780 -7.63 -16.91 20.89
CA SER B 780 -7.95 -15.71 21.64
C SER B 780 -7.83 -14.46 20.76
N SER B 781 -7.27 -14.66 19.57
CA SER B 781 -7.01 -13.58 18.62
C SER B 781 -6.01 -12.57 19.19
N GLY B 782 -5.05 -13.07 19.97
CA GLY B 782 -3.97 -12.26 20.49
C GLY B 782 -3.99 -12.02 22.00
N LYS B 783 -5.10 -12.36 22.64
CA LYS B 783 -5.30 -12.02 24.05
C LYS B 783 -4.29 -12.69 24.98
N LEU B 784 -4.10 -13.99 24.82
CA LEU B 784 -3.16 -14.73 25.68
C LEU B 784 -1.69 -14.46 25.36
N ASN B 785 -0.84 -14.67 26.34
CA ASN B 785 0.59 -14.49 26.16
C ASN B 785 1.30 -15.81 25.91
N ILE B 786 2.25 -15.79 24.98
CA ILE B 786 3.16 -16.90 24.79
C ILE B 786 4.55 -16.46 25.18
N PRO B 787 5.13 -17.09 26.20
CA PRO B 787 6.44 -16.70 26.74
C PRO B 787 7.46 -16.41 25.65
N THR B 788 8.21 -15.32 25.82
CA THR B 788 9.09 -14.82 24.79
C THR B 788 10.19 -15.82 24.41
N ASP B 789 10.62 -16.62 25.37
CA ASP B 789 11.67 -17.59 25.13
C ASP B 789 11.19 -18.71 24.22
N VAL B 790 9.88 -18.84 24.08
CA VAL B 790 9.32 -19.94 23.32
C VAL B 790 8.69 -19.44 22.04
N LEU B 791 8.50 -18.13 21.96
CA LEU B 791 7.69 -17.52 20.91
C LEU B 791 8.01 -18.00 19.51
N LYS B 792 9.30 -17.99 19.15
CA LYS B 792 9.71 -18.34 17.81
C LYS B 792 9.44 -19.82 17.57
N ILE B 793 9.58 -20.62 18.63
CA ILE B 793 9.33 -22.06 18.59
C ILE B 793 7.88 -22.36 18.26
N VAL B 794 7.00 -21.70 19.00
CA VAL B 794 5.55 -21.82 18.81
C VAL B 794 5.13 -21.47 17.40
N TYR B 795 5.43 -20.25 16.97
CA TYR B 795 5.07 -19.78 15.63
C TYR B 795 5.59 -20.71 14.57
N SER B 796 6.78 -21.25 14.81
CA SER B 796 7.40 -22.17 13.87
C SER B 796 6.52 -23.40 13.72
N VAL B 797 6.05 -23.92 14.85
CA VAL B 797 5.23 -25.13 14.83
C VAL B 797 3.85 -24.83 14.24
N GLY B 798 3.24 -23.76 14.70
CA GLY B 798 1.92 -23.37 14.24
C GLY B 798 1.90 -22.85 12.81
N ALA B 799 3.01 -23.02 12.11
CA ALA B 799 3.11 -22.57 10.74
C ALA B 799 3.19 -23.77 9.82
N GLN B 800 3.04 -24.96 10.41
CA GLN B 800 3.09 -26.19 9.63
C GLN B 800 1.71 -26.53 9.06
N THR B 801 0.73 -25.67 9.34
CA THR B 801 -0.63 -25.79 8.82
C THR B 801 -1.04 -24.52 8.09
N THR B 802 -1.68 -24.67 6.93
CA THR B 802 -2.03 -23.56 6.04
C THR B 802 -2.91 -22.51 6.72
N ALA B 803 -3.60 -22.88 7.78
CA ALA B 803 -4.43 -21.91 8.48
C ALA B 803 -3.57 -21.08 9.42
N GLY B 804 -2.58 -21.72 10.06
CA GLY B 804 -1.68 -21.05 10.97
C GLY B 804 -0.62 -20.22 10.26
N TRP B 805 -0.11 -20.74 9.16
CA TRP B 805 0.83 -20.03 8.30
C TRP B 805 0.23 -18.72 7.84
N ASN B 806 -0.98 -18.82 7.31
CA ASN B 806 -1.72 -17.68 6.82
C ASN B 806 -2.07 -16.74 7.95
N TYR B 807 -2.35 -17.30 9.12
CA TYR B 807 -2.73 -16.47 10.24
C TYR B 807 -1.56 -15.61 10.67
N LEU B 808 -0.38 -16.20 10.62
CA LEU B 808 0.83 -15.55 11.07
C LEU B 808 1.28 -14.45 10.09
N LEU B 809 1.20 -14.75 8.80
CA LEU B 809 1.51 -13.78 7.76
C LEU B 809 0.59 -12.57 7.90
N GLU B 810 -0.65 -12.82 8.26
CA GLU B 810 -1.59 -11.75 8.53
C GLU B 810 -1.16 -11.03 9.80
N GLN B 811 -0.64 -11.78 10.77
CA GLN B 811 -0.25 -11.20 12.05
C GLN B 811 1.00 -10.35 11.88
N TYR B 812 1.83 -10.74 10.90
CA TYR B 812 3.06 -10.03 10.58
C TYR B 812 2.80 -8.57 10.23
N GLU B 813 1.83 -8.36 9.32
CA GLU B 813 1.57 -7.05 8.76
C GLU B 813 0.93 -6.11 9.76
N LEU B 814 0.43 -6.64 10.85
CA LEU B 814 -0.29 -5.81 11.80
C LEU B 814 0.50 -5.54 13.06
N SER B 815 1.58 -6.28 13.28
CA SER B 815 2.34 -6.15 14.50
C SER B 815 3.09 -4.85 14.60
N MET B 816 3.32 -4.38 15.83
CA MET B 816 4.14 -3.21 16.08
C MET B 816 5.48 -3.57 16.72
N SER B 817 5.80 -4.86 16.76
CA SER B 817 7.11 -5.28 17.25
C SER B 817 7.94 -5.94 16.16
N SER B 818 8.99 -5.25 15.73
CA SER B 818 9.89 -5.81 14.73
C SER B 818 10.55 -7.09 15.25
N ALA B 819 10.66 -7.18 16.57
CA ALA B 819 11.15 -8.38 17.21
C ALA B 819 10.18 -9.53 16.98
N GLU B 820 8.89 -9.25 17.14
CA GLU B 820 7.89 -10.27 16.88
C GLU B 820 7.85 -10.59 15.39
N GLN B 821 8.14 -9.58 14.57
CA GLN B 821 8.13 -9.77 13.13
C GLN B 821 9.26 -10.68 12.69
N ASN B 822 10.42 -10.51 13.29
CA ASN B 822 11.55 -11.35 12.96
C ASN B 822 11.20 -12.83 13.23
N LYS B 823 10.55 -13.09 14.37
CA LYS B 823 10.11 -14.43 14.75
C LYS B 823 9.08 -15.01 13.78
N ILE B 824 7.99 -14.26 13.59
CA ILE B 824 6.92 -14.64 12.68
C ILE B 824 7.45 -14.95 11.29
N LEU B 825 8.34 -14.09 10.80
CA LEU B 825 8.89 -14.26 9.48
C LEU B 825 9.68 -15.56 9.40
N TYR B 826 10.48 -15.82 10.42
CA TYR B 826 11.20 -17.08 10.53
C TYR B 826 10.26 -18.26 10.52
N ALA B 827 9.23 -18.16 11.35
CA ALA B 827 8.20 -19.19 11.46
C ALA B 827 7.73 -19.60 10.10
N LEU B 828 7.34 -18.61 9.31
CA LEU B 828 6.81 -18.84 7.97
C LEU B 828 7.80 -19.53 7.04
N SER B 829 9.09 -19.36 7.28
CA SER B 829 10.11 -19.90 6.37
C SER B 829 10.40 -21.38 6.64
N THR B 830 9.65 -21.97 7.56
CA THR B 830 9.87 -23.36 7.92
C THR B 830 8.89 -24.27 7.19
N SER B 831 7.86 -23.67 6.60
CA SER B 831 6.80 -24.42 5.95
C SER B 831 7.31 -25.33 4.83
N LYS B 832 6.67 -26.50 4.70
CA LYS B 832 7.07 -27.54 3.75
C LYS B 832 6.60 -27.26 2.33
N HIS B 833 5.58 -26.41 2.20
CA HIS B 833 5.02 -26.05 0.90
C HIS B 833 5.99 -25.20 0.10
N GLN B 834 6.42 -25.72 -1.04
CA GLN B 834 7.22 -24.95 -1.99
C GLN B 834 6.53 -23.64 -2.30
N GLU B 835 5.21 -23.70 -2.47
CA GLU B 835 4.44 -22.55 -2.92
C GLU B 835 4.39 -21.45 -1.86
N LYS B 836 4.33 -21.84 -0.59
CA LYS B 836 4.28 -20.86 0.49
C LYS B 836 5.67 -20.26 0.72
N LEU B 837 6.70 -21.05 0.42
CA LEU B 837 8.08 -20.60 0.57
C LEU B 837 8.44 -19.62 -0.54
N LEU B 838 7.80 -19.77 -1.69
CA LEU B 838 8.02 -18.86 -2.80
C LEU B 838 7.23 -17.57 -2.64
N LYS B 839 6.10 -17.66 -1.95
CA LYS B 839 5.29 -16.48 -1.69
C LYS B 839 6.04 -15.51 -0.80
N LEU B 840 6.53 -16.02 0.33
CA LEU B 840 7.39 -15.26 1.21
C LEU B 840 8.49 -14.58 0.42
N ILE B 841 9.18 -15.37 -0.40
CA ILE B 841 10.27 -14.86 -1.23
C ILE B 841 9.82 -13.74 -2.15
N GLU B 842 8.64 -13.89 -2.76
CA GLU B 842 8.14 -12.91 -3.71
C GLU B 842 7.85 -11.56 -3.03
N LEU B 843 7.17 -11.62 -1.89
CA LEU B 843 6.84 -10.44 -1.09
C LEU B 843 8.07 -9.63 -0.71
N GLY B 844 9.15 -10.33 -0.37
CA GLY B 844 10.40 -9.68 -0.02
C GLY B 844 11.02 -9.07 -1.25
N MET B 845 10.85 -9.72 -2.39
CA MET B 845 11.35 -9.20 -3.66
C MET B 845 10.52 -8.02 -4.16
N GLU B 846 9.36 -7.79 -3.54
CA GLU B 846 8.58 -6.61 -3.88
C GLU B 846 8.74 -5.50 -2.84
N GLY B 847 9.20 -5.84 -1.65
CA GLY B 847 9.54 -4.83 -0.65
C GLY B 847 8.39 -4.12 0.01
N LYS B 848 7.17 -4.49 -0.33
CA LYS B 848 6.01 -3.82 0.22
C LYS B 848 5.60 -4.47 1.55
N VAL B 849 5.23 -5.75 1.50
CA VAL B 849 4.74 -6.46 2.68
C VAL B 849 5.86 -6.85 3.65
N ILE B 850 6.92 -7.41 3.09
CA ILE B 850 8.14 -7.71 3.82
C ILE B 850 9.27 -6.82 3.33
N LYS B 851 9.84 -5.98 4.20
CA LYS B 851 10.90 -5.06 3.78
C LYS B 851 12.04 -5.83 3.11
N THR B 852 12.76 -5.18 2.21
CA THR B 852 13.85 -5.88 1.53
C THR B 852 15.11 -6.00 2.42
N GLN B 853 15.14 -5.23 3.51
CA GLN B 853 16.17 -5.40 4.54
C GLN B 853 16.11 -6.80 5.16
N ASN B 854 15.06 -7.55 4.84
CA ASN B 854 14.90 -8.90 5.35
C ASN B 854 15.07 -9.95 4.27
N LEU B 855 15.20 -9.50 3.03
CA LEU B 855 15.18 -10.45 1.91
C LEU B 855 16.26 -11.50 2.05
N ALA B 856 17.49 -11.05 2.23
CA ALA B 856 18.63 -11.94 2.39
C ALA B 856 18.44 -12.97 3.50
N ALA B 857 18.10 -12.51 4.69
CA ALA B 857 17.93 -13.38 5.83
C ALA B 857 16.81 -14.38 5.59
N LEU B 858 15.89 -14.02 4.70
CA LEU B 858 14.79 -14.91 4.38
C LEU B 858 15.29 -16.03 3.47
N LEU B 859 16.04 -15.68 2.43
CA LEU B 859 16.62 -16.69 1.55
C LEU B 859 17.47 -17.64 2.37
N HIS B 860 18.34 -17.07 3.19
CA HIS B 860 19.21 -17.84 4.07
C HIS B 860 18.43 -18.78 5.00
N ALA B 861 17.23 -18.37 5.41
CA ALA B 861 16.43 -19.16 6.32
C ALA B 861 15.80 -20.33 5.58
N ILE B 862 15.35 -20.07 4.36
CA ILE B 862 14.67 -21.08 3.55
C ILE B 862 15.66 -22.11 2.99
N ALA B 863 16.80 -21.62 2.49
CA ALA B 863 17.84 -22.50 1.95
C ALA B 863 18.41 -23.43 3.03
N ARG B 864 18.09 -23.13 4.29
CA ARG B 864 18.64 -23.80 5.46
C ARG B 864 17.99 -25.15 5.70
N ARG B 865 16.72 -25.26 5.32
CA ARG B 865 15.98 -26.52 5.36
C ARG B 865 16.13 -27.22 4.02
N PRO B 866 16.03 -28.55 4.02
CA PRO B 866 16.19 -29.28 2.75
C PRO B 866 15.00 -29.06 1.81
N LYS B 867 13.82 -28.79 2.37
CA LYS B 867 12.65 -28.56 1.52
C LYS B 867 12.80 -27.29 0.69
N GLY B 868 13.31 -26.22 1.31
CA GLY B 868 13.47 -24.95 0.62
C GLY B 868 14.81 -24.81 -0.08
N GLN B 869 15.70 -25.77 0.17
CA GLN B 869 17.08 -25.70 -0.30
C GLN B 869 17.26 -25.58 -1.81
N GLN B 870 16.49 -26.36 -2.57
CA GLN B 870 16.64 -26.35 -4.02
C GLN B 870 15.97 -25.10 -4.58
N LEU B 871 14.91 -24.69 -3.90
CA LEU B 871 14.13 -23.52 -4.30
C LEU B 871 14.92 -22.20 -4.23
N ALA B 872 15.53 -21.95 -3.08
CA ALA B 872 16.38 -20.77 -2.88
C ALA B 872 17.53 -20.72 -3.88
N TRP B 873 18.15 -21.88 -4.10
CA TRP B 873 19.28 -21.97 -4.99
C TRP B 873 18.87 -21.68 -6.42
N ASP B 874 17.75 -22.27 -6.83
CA ASP B 874 17.16 -21.99 -8.13
C ASP B 874 16.92 -20.48 -8.25
N PHE B 875 16.23 -19.93 -7.26
CA PHE B 875 15.83 -18.53 -7.26
C PHE B 875 16.98 -17.54 -7.42
N VAL B 876 18.03 -17.72 -6.64
CA VAL B 876 19.21 -16.87 -6.73
C VAL B 876 19.80 -16.97 -8.12
N ARG B 877 20.38 -18.12 -8.43
CA ARG B 877 20.98 -18.44 -9.72
C ARG B 877 20.10 -18.01 -10.91
N GLU B 878 18.79 -17.96 -10.66
CA GLU B 878 17.79 -17.46 -11.62
C GLU B 878 17.75 -15.95 -11.73
N ASN B 879 17.32 -15.29 -10.65
CA ASN B 879 17.01 -13.85 -10.63
C ASN B 879 18.16 -12.92 -10.28
N TRP B 880 19.38 -13.42 -10.36
CA TRP B 880 20.57 -12.70 -9.91
C TRP B 880 20.56 -11.22 -10.26
N THR B 881 20.25 -10.95 -11.52
CA THR B 881 20.27 -9.59 -12.05
C THR B 881 19.35 -8.69 -11.24
N HIS B 882 18.16 -9.19 -10.92
CA HIS B 882 17.17 -8.45 -10.16
C HIS B 882 17.65 -8.17 -8.72
N LEU B 883 18.29 -9.15 -8.12
CA LEU B 883 18.83 -8.99 -6.78
C LEU B 883 19.98 -7.99 -6.76
N LEU B 884 20.72 -7.96 -7.86
CA LEU B 884 21.87 -7.08 -7.97
C LEU B 884 21.45 -5.63 -8.19
N LYS B 885 20.26 -5.41 -8.73
CA LYS B 885 19.71 -4.07 -8.89
C LYS B 885 19.28 -3.56 -7.53
N LYS B 886 19.04 -4.48 -6.62
CA LYS B 886 18.64 -4.15 -5.27
C LYS B 886 19.83 -3.95 -4.33
N PHE B 887 20.96 -4.58 -4.65
CA PHE B 887 22.10 -4.59 -3.74
C PHE B 887 23.47 -4.27 -4.38
N ASP B 888 24.41 -3.83 -3.55
CA ASP B 888 25.84 -3.76 -3.90
C ASP B 888 26.45 -5.16 -4.04
N LEU B 889 27.45 -5.28 -4.91
CA LEU B 889 28.06 -6.56 -5.25
C LEU B 889 28.48 -7.53 -4.13
N GLY B 890 29.14 -7.15 -3.04
CA GLY B 890 29.39 -5.81 -2.58
C GLY B 890 28.81 -5.88 -1.17
N SER B 891 27.49 -5.82 -1.11
CA SER B 891 26.78 -5.79 0.15
C SER B 891 26.97 -7.04 0.98
N TYR B 892 26.64 -6.93 2.26
CA TYR B 892 26.53 -8.07 3.14
C TYR B 892 25.37 -8.91 2.68
N ASP B 893 24.41 -8.24 2.04
CA ASP B 893 23.18 -8.84 1.51
C ASP B 893 23.47 -9.89 0.46
N ILE B 894 24.24 -9.50 -0.56
CA ILE B 894 24.61 -10.42 -1.61
C ILE B 894 25.44 -11.56 -1.05
N ARG B 895 26.36 -11.22 -0.15
CA ARG B 895 27.24 -12.23 0.40
C ARG B 895 26.47 -13.24 1.25
N MET B 896 25.40 -12.78 1.89
CA MET B 896 24.58 -13.68 2.70
C MET B 896 23.71 -14.52 1.77
N ILE B 897 23.32 -13.94 0.64
CA ILE B 897 22.50 -14.65 -0.33
C ILE B 897 23.32 -15.72 -1.06
N ILE B 898 24.54 -15.38 -1.42
CA ILE B 898 25.40 -16.32 -2.10
C ILE B 898 25.79 -17.48 -1.20
N SER B 899 26.42 -17.19 -0.06
CA SER B 899 26.89 -18.25 0.83
C SER B 899 25.75 -18.91 1.57
N GLY B 900 24.63 -18.21 1.66
CA GLY B 900 23.50 -18.73 2.42
C GLY B 900 22.76 -19.76 1.61
N THR B 901 23.06 -19.83 0.32
CA THR B 901 22.30 -20.69 -0.56
C THR B 901 23.21 -21.66 -1.28
N THR B 902 24.46 -21.72 -0.86
CA THR B 902 25.41 -22.61 -1.53
C THR B 902 26.39 -23.31 -0.60
N ALA B 903 26.63 -22.76 0.59
CA ALA B 903 27.71 -23.27 1.43
C ALA B 903 27.32 -24.56 2.15
N HIS B 904 26.01 -24.79 2.29
CA HIS B 904 25.53 -25.99 2.97
C HIS B 904 25.76 -27.23 2.11
N PHE B 905 25.85 -27.03 0.80
CA PHE B 905 26.02 -28.12 -0.16
C PHE B 905 27.24 -28.95 0.17
N SER B 906 27.20 -30.23 -0.22
CA SER B 906 28.26 -31.18 0.17
C SER B 906 28.53 -32.29 -0.86
N SER B 907 27.86 -32.24 -2.01
CA SER B 907 28.07 -33.24 -3.05
C SER B 907 29.04 -32.72 -4.10
N LYS B 908 29.48 -33.60 -4.99
CA LYS B 908 30.45 -33.21 -6.01
C LYS B 908 29.74 -32.58 -7.19
N ASP B 909 28.44 -32.81 -7.31
CA ASP B 909 27.69 -32.30 -8.44
C ASP B 909 27.07 -30.93 -8.12
N LYS B 910 26.76 -30.69 -6.86
CA LYS B 910 26.34 -29.36 -6.46
C LYS B 910 27.55 -28.42 -6.53
N LEU B 911 28.71 -28.91 -6.11
CA LEU B 911 29.95 -28.14 -6.19
C LEU B 911 30.20 -27.68 -7.62
N GLN B 912 29.64 -28.41 -8.57
CA GLN B 912 29.76 -28.07 -9.98
C GLN B 912 28.82 -26.91 -10.33
N GLU B 913 27.55 -27.05 -9.97
CA GLU B 913 26.55 -26.01 -10.24
C GLU B 913 26.97 -24.68 -9.63
N VAL B 914 27.60 -24.74 -8.46
CA VAL B 914 28.08 -23.58 -7.74
C VAL B 914 29.27 -22.98 -8.46
N LYS B 915 30.17 -23.85 -8.91
CA LYS B 915 31.29 -23.40 -9.73
C LYS B 915 30.80 -22.81 -11.04
N LEU B 916 29.81 -23.46 -11.63
CA LEU B 916 29.25 -23.00 -12.91
C LEU B 916 28.71 -21.59 -12.76
N PHE B 917 27.88 -21.40 -11.74
CA PHE B 917 27.21 -20.14 -11.48
C PHE B 917 28.18 -19.00 -11.21
N PHE B 918 29.10 -19.21 -10.27
CA PHE B 918 30.14 -18.23 -9.95
C PHE B 918 30.91 -17.84 -11.20
N GLU B 919 31.14 -18.80 -12.09
CA GLU B 919 31.85 -18.53 -13.33
C GLU B 919 31.01 -17.69 -14.30
N SER B 920 29.69 -17.91 -14.29
CA SER B 920 28.78 -17.06 -15.06
C SER B 920 28.87 -15.62 -14.56
N LEU B 921 28.94 -15.47 -13.24
CA LEU B 921 29.07 -14.16 -12.62
C LEU B 921 30.40 -13.52 -12.95
N GLU B 922 31.46 -14.31 -13.18
CA GLU B 922 32.76 -13.71 -13.48
C GLU B 922 32.75 -13.01 -14.83
N ALA B 923 31.63 -13.12 -15.55
CA ALA B 923 31.34 -12.28 -16.70
C ALA B 923 30.56 -11.05 -16.23
N GLN B 924 31.32 -9.96 -16.02
CA GLN B 924 30.88 -8.70 -15.38
C GLN B 924 30.74 -8.89 -13.87
N GLY B 925 29.64 -9.54 -13.48
CA GLY B 925 29.20 -9.65 -12.08
C GLY B 925 30.26 -9.86 -11.03
N SER B 926 31.35 -10.55 -11.38
CA SER B 926 32.44 -10.78 -10.43
C SER B 926 33.01 -9.44 -9.97
N HIS B 927 33.79 -9.41 -8.89
CA HIS B 927 34.36 -10.56 -8.23
C HIS B 927 34.29 -10.46 -6.73
N LEU B 928 33.82 -11.53 -6.11
CA LEU B 928 33.81 -11.63 -4.67
C LEU B 928 34.76 -12.73 -4.21
N ASP B 929 35.57 -12.43 -3.21
CA ASP B 929 36.34 -13.47 -2.54
C ASP B 929 35.44 -14.59 -2.01
N ILE B 930 34.16 -14.30 -1.81
CA ILE B 930 33.24 -15.30 -1.28
C ILE B 930 32.99 -16.40 -2.32
N PHE B 931 33.39 -16.18 -3.57
CA PHE B 931 33.31 -17.25 -4.55
C PHE B 931 34.33 -18.32 -4.18
N GLN B 932 35.59 -17.93 -4.16
CA GLN B 932 36.67 -18.84 -3.87
C GLN B 932 36.50 -19.45 -2.49
N THR B 933 35.83 -18.73 -1.60
CA THR B 933 35.56 -19.24 -0.26
C THR B 933 34.47 -20.33 -0.25
N VAL B 934 33.36 -20.05 -0.93
CA VAL B 934 32.21 -20.96 -0.97
C VAL B 934 32.61 -22.22 -1.70
N LEU B 935 33.35 -22.05 -2.78
CA LEU B 935 33.97 -23.18 -3.47
C LEU B 935 34.68 -24.05 -2.45
N GLU B 936 35.69 -23.48 -1.81
CA GLU B 936 36.51 -24.23 -0.87
C GLU B 936 35.70 -24.81 0.28
N THR B 937 34.51 -24.26 0.53
CA THR B 937 33.75 -24.71 1.69
C THR B 937 32.92 -25.96 1.37
N ILE B 938 32.37 -26.02 0.17
CA ILE B 938 31.68 -27.24 -0.22
C ILE B 938 32.69 -28.39 -0.36
N THR B 939 33.83 -28.09 -0.99
CA THR B 939 34.93 -29.04 -1.13
C THR B 939 35.36 -29.66 0.21
N LYS B 940 35.46 -28.81 1.24
CA LYS B 940 35.72 -29.26 2.60
C LYS B 940 34.63 -30.20 3.13
N ASN B 941 33.38 -29.82 2.90
CA ASN B 941 32.20 -30.61 3.27
C ASN B 941 32.18 -31.97 2.61
N ILE B 942 32.75 -32.02 1.41
CA ILE B 942 32.86 -33.25 0.65
C ILE B 942 33.85 -34.22 1.27
N LYS B 943 35.10 -33.75 1.39
CA LYS B 943 36.18 -34.57 1.92
C LYS B 943 35.85 -35.05 3.31
N TRP B 944 35.06 -34.26 4.05
CA TRP B 944 34.74 -34.61 5.41
C TRP B 944 33.77 -35.80 5.47
N LEU B 945 32.97 -35.97 4.42
CA LEU B 945 32.11 -37.15 4.30
C LEU B 945 32.91 -38.40 3.90
N GLU B 946 33.75 -38.26 2.87
CA GLU B 946 34.67 -39.33 2.43
C GLU B 946 35.49 -39.97 3.55
N LYS B 947 35.80 -39.21 4.60
CA LYS B 947 36.75 -39.66 5.60
C LYS B 947 36.12 -40.06 6.94
N ASN B 948 34.90 -39.60 7.20
CA ASN B 948 34.30 -39.84 8.51
C ASN B 948 32.87 -40.36 8.46
N LEU B 949 32.26 -40.43 7.28
CA LEU B 949 30.88 -40.90 7.20
C LEU B 949 30.71 -42.36 7.66
N PRO B 950 31.54 -43.30 7.14
CA PRO B 950 31.33 -44.67 7.61
C PRO B 950 31.68 -44.82 9.07
N THR B 951 32.76 -44.15 9.47
CA THR B 951 33.15 -44.04 10.87
C THR B 951 31.96 -43.54 11.72
N LEU B 952 31.12 -42.70 11.10
CA LEU B 952 29.91 -42.17 11.76
C LEU B 952 28.79 -43.21 11.79
N ARG B 953 28.63 -43.97 10.70
CA ARG B 953 27.68 -45.07 10.70
C ARG B 953 27.95 -45.99 11.86
N THR B 954 29.24 -46.30 12.02
CA THR B 954 29.74 -47.30 12.97
C THR B 954 29.59 -46.86 14.42
N TRP B 955 30.07 -45.65 14.71
CA TRP B 955 30.04 -45.16 16.08
C TRP B 955 28.62 -44.95 16.57
N LEU B 956 27.73 -44.59 15.66
CA LEU B 956 26.34 -44.35 16.01
C LEU B 956 25.58 -45.63 16.30
N MET B 957 25.77 -46.62 15.43
CA MET B 957 25.08 -47.89 15.56
C MET B 957 25.47 -48.60 16.88
N VAL B 958 26.68 -48.37 17.37
CA VAL B 958 27.12 -48.84 18.68
C VAL B 958 26.13 -48.45 19.78
N ASN B 959 25.57 -47.24 19.67
CA ASN B 959 24.61 -46.76 20.64
C ASN B 959 23.16 -47.15 20.35
N THR B 960 23.10 -48.05 19.39
CA THR B 960 21.94 -48.61 18.80
C THR B 960 21.37 -49.64 19.74
N ARG B 961 20.22 -49.32 20.30
CA ARG B 961 19.47 -50.30 21.04
C ARG B 961 18.82 -51.18 19.99
N HIS B 962 19.34 -52.32 19.78
N LYS C 3 -25.40 7.12 -7.05
CA LYS C 3 -24.65 5.84 -7.14
C LYS C 3 -24.45 5.47 -8.60
N HIS C 4 -25.31 6.02 -9.47
CA HIS C 4 -25.05 6.08 -10.89
C HIS C 4 -23.65 6.64 -11.18
N HIS C 5 -22.67 6.24 -10.36
CA HIS C 5 -21.26 6.35 -10.70
C HIS C 5 -21.00 5.77 -12.08
N ALA C 6 -21.93 4.96 -12.57
CA ALA C 6 -21.82 4.36 -13.91
C ALA C 6 -22.28 5.27 -15.07
N PHE C 7 -21.37 5.76 -15.95
CA PHE C 7 -19.89 5.89 -15.87
C PHE C 7 -19.05 4.80 -15.11
N SER C 8 -19.40 3.53 -15.26
CA SER C 8 -18.71 2.48 -14.50
C SER C 8 -17.31 2.41 -15.11
N PHE C 9 -17.28 2.10 -16.40
CA PHE C 9 -16.12 2.34 -17.26
C PHE C 9 -16.62 2.82 -18.62
N LYS D 3 26.76 -4.46 10.07
CA LYS D 3 26.09 -5.31 9.08
C LYS D 3 26.07 -6.75 9.55
N HIS D 4 27.13 -7.16 10.26
CA HIS D 4 27.08 -8.34 11.11
C HIS D 4 25.82 -8.29 11.98
N HIS D 5 24.68 -8.24 11.29
CA HIS D 5 23.34 -8.44 11.79
C HIS D 5 23.12 -9.95 11.72
N ALA D 6 24.12 -10.69 12.21
CA ALA D 6 24.16 -12.14 12.15
C ALA D 6 23.27 -12.76 13.23
N PHE D 7 22.47 -11.90 13.87
CA PHE D 7 21.35 -12.33 14.68
C PHE D 7 20.07 -12.26 13.83
N SER D 8 20.27 -12.09 12.52
CA SER D 8 19.19 -12.19 11.53
C SER D 8 18.27 -13.36 11.85
N PHE D 9 18.80 -14.57 11.68
CA PHE D 9 18.18 -15.80 12.18
C PHE D 9 19.28 -16.72 12.73
#